data_2AXB
# 
_entry.id   2AXB 
# 
_audit_conform.dict_name       mmcif_pdbx.dic 
_audit_conform.dict_version    5.387 
_audit_conform.dict_location   http://mmcif.pdb.org/dictionaries/ascii/mmcif_pdbx.dic 
# 
loop_
_database_2.database_id 
_database_2.database_code 
_database_2.pdbx_database_accession 
_database_2.pdbx_DOI 
PDB   2AXB         pdb_00002axb 10.2210/pdb2axb/pdb 
NDB   AD0057       ?            ?                   
RCSB  RCSB034425   ?            ?                   
WWPDB D_1000034425 ?            ?                   
# 
loop_
_pdbx_audit_revision_history.ordinal 
_pdbx_audit_revision_history.data_content_type 
_pdbx_audit_revision_history.major_revision 
_pdbx_audit_revision_history.minor_revision 
_pdbx_audit_revision_history.revision_date 
1 'Structure model' 1 0 2005-11-01 
2 'Structure model' 1 1 2008-05-01 
3 'Structure model' 1 2 2011-07-13 
4 'Structure model' 1 3 2017-10-11 
5 'Structure model' 1 4 2024-02-14 
# 
_pdbx_audit_revision_details.ordinal             1 
_pdbx_audit_revision_details.revision_ordinal    1 
_pdbx_audit_revision_details.data_content_type   'Structure model' 
_pdbx_audit_revision_details.provider            repository 
_pdbx_audit_revision_details.type                'Initial release' 
_pdbx_audit_revision_details.description         ? 
_pdbx_audit_revision_details.details             ? 
# 
loop_
_pdbx_audit_revision_group.ordinal 
_pdbx_audit_revision_group.revision_ordinal 
_pdbx_audit_revision_group.data_content_type 
_pdbx_audit_revision_group.group 
1 2 'Structure model' 'Version format compliance' 
2 3 'Structure model' 'Version format compliance' 
3 4 'Structure model' 'Refinement description'    
4 5 'Structure model' 'Data collection'           
5 5 'Structure model' 'Database references'       
6 5 'Structure model' 'Derived calculations'      
# 
loop_
_pdbx_audit_revision_category.ordinal 
_pdbx_audit_revision_category.revision_ordinal 
_pdbx_audit_revision_category.data_content_type 
_pdbx_audit_revision_category.category 
1 4 'Structure model' software       
2 5 'Structure model' chem_comp_atom 
3 5 'Structure model' chem_comp_bond 
4 5 'Structure model' database_2     
5 5 'Structure model' struct_conn    
# 
loop_
_pdbx_audit_revision_item.ordinal 
_pdbx_audit_revision_item.revision_ordinal 
_pdbx_audit_revision_item.data_content_type 
_pdbx_audit_revision_item.item 
1 4 'Structure model' '_software.classification'            
2 4 'Structure model' '_software.name'                      
3 5 'Structure model' '_database_2.pdbx_DOI'                
4 5 'Structure model' '_database_2.pdbx_database_accession' 
5 5 'Structure model' '_struct_conn.pdbx_leaving_atom_flag' 
# 
_pdbx_database_status.status_code                     REL 
_pdbx_database_status.entry_id                        2AXB 
_pdbx_database_status.recvd_initial_deposition_date   2005-09-04 
_pdbx_database_status.deposit_site                    RCSB 
_pdbx_database_status.process_site                    RCSB 
_pdbx_database_status.status_code_sf                  REL 
_pdbx_database_status.status_code_mr                  ? 
_pdbx_database_status.SG_entry                        ? 
_pdbx_database_status.pdb_format_compatible           Y 
_pdbx_database_status.status_code_cs                  ? 
_pdbx_database_status.methods_development_category    ? 
_pdbx_database_status.status_code_nmr_data            ? 
# 
loop_
_audit_author.name 
_audit_author.pdbx_ordinal 
'Diop-Frimpong, B.' 1 
'Prakash, T.P.'     2 
'Rajeev, K.G.'      3 
'Manoharan, M.'     4 
'Egli, M.'          5 
# 
_citation.id                        primary 
_citation.title                     
;Stabilizing contributions of sulfur-modified nucleotides: crystal structure of a DNA duplex with 2'-O-[2-(methoxy)ethyl]-2-thiothymidines.
;
_citation.journal_abbrev            'Nucleic Acids Res.' 
_citation.journal_volume            33 
_citation.page_first                5297 
_citation.page_last                 5307 
_citation.year                      2005 
_citation.journal_id_ASTM           NARHAD 
_citation.country                   UK 
_citation.journal_id_ISSN           0305-1048 
_citation.journal_id_CSD            0389 
_citation.book_publisher            ? 
_citation.pdbx_database_id_PubMed   16170156 
_citation.pdbx_database_id_DOI      10.1093/nar/gki823 
# 
loop_
_citation_author.citation_id 
_citation_author.name 
_citation_author.ordinal 
_citation_author.identifier_ORCID 
primary 'Diop-Frimpong, B.' 1 ? 
primary 'Prakash, T.P.'     2 ? 
primary 'Rajeev, K.G.'      3 ? 
primary 'Manoharan, M.'     4 ? 
primary 'Egli, M.'          5 ? 
# 
loop_
_entity.id 
_entity.type 
_entity.src_method 
_entity.pdbx_description 
_entity.formula_weight 
_entity.pdbx_number_of_molecules 
_entity.pdbx_ec 
_entity.pdbx_mutation 
_entity.pdbx_fragment 
_entity.details 
1 polymer syn "5'-D(*GP*CP*GP*TP*AP*(S2M)P*AP*CP*GP*C)-3')" 3135.150 2   ? ? ? ? 
2 water   nat water                                         18.015   154 ? ? ? ? 
# 
_entity_poly.entity_id                      1 
_entity_poly.type                           polydeoxyribonucleotide 
_entity_poly.nstd_linkage                   no 
_entity_poly.nstd_monomer                   yes 
_entity_poly.pdbx_seq_one_letter_code       '(DG)(DC)(DG)(DT)(DA)(S2M)(DA)(DC)(DG)(DC)' 
_entity_poly.pdbx_seq_one_letter_code_can   GCGTATACGC 
_entity_poly.pdbx_strand_id                 A,B 
_entity_poly.pdbx_target_identifier         ? 
# 
_pdbx_entity_nonpoly.entity_id   2 
_pdbx_entity_nonpoly.name        water 
_pdbx_entity_nonpoly.comp_id     HOH 
# 
loop_
_entity_poly_seq.entity_id 
_entity_poly_seq.num 
_entity_poly_seq.mon_id 
_entity_poly_seq.hetero 
1 1  DG  n 
1 2  DC  n 
1 3  DG  n 
1 4  DT  n 
1 5  DA  n 
1 6  S2M n 
1 7  DA  n 
1 8  DC  n 
1 9  DG  n 
1 10 DC  n 
# 
loop_
_chem_comp.id 
_chem_comp.type 
_chem_comp.mon_nstd_flag 
_chem_comp.name 
_chem_comp.pdbx_synonyms 
_chem_comp.formula 
_chem_comp.formula_weight 
DA  'DNA linking' y "2'-DEOXYADENOSINE-5'-MONOPHOSPHATE"                       ? 'C10 H14 N5 O6 P'   331.222 
DC  'DNA linking' y "2'-DEOXYCYTIDINE-5'-MONOPHOSPHATE"                        ? 'C9 H14 N3 O7 P'    307.197 
DG  'DNA linking' y "2'-DEOXYGUANOSINE-5'-MONOPHOSPHATE"                       ? 'C10 H14 N5 O7 P'   347.221 
DT  'DNA linking' y "THYMIDINE-5'-MONOPHOSPHATE"                               ? 'C10 H15 N2 O8 P'   322.208 
HOH non-polymer   . WATER                                                      ? 'H2 O'              18.015  
S2M 'RNA linking' n "2'-O-[2-(METHOXY)ETHYL]-2-THIOTHYMIDINE-5'-MONOPHOSPHATE" ? 'C13 H21 N2 O9 P S' 412.353 
# 
loop_
_pdbx_poly_seq_scheme.asym_id 
_pdbx_poly_seq_scheme.entity_id 
_pdbx_poly_seq_scheme.seq_id 
_pdbx_poly_seq_scheme.mon_id 
_pdbx_poly_seq_scheme.ndb_seq_num 
_pdbx_poly_seq_scheme.pdb_seq_num 
_pdbx_poly_seq_scheme.auth_seq_num 
_pdbx_poly_seq_scheme.pdb_mon_id 
_pdbx_poly_seq_scheme.auth_mon_id 
_pdbx_poly_seq_scheme.pdb_strand_id 
_pdbx_poly_seq_scheme.pdb_ins_code 
_pdbx_poly_seq_scheme.hetero 
A 1 1  DG  1  1  1  DG  G   A . n 
A 1 2  DC  2  2  2  DC  C   A . n 
A 1 3  DG  3  3  3  DG  G   A . n 
A 1 4  DT  4  4  4  DT  T   A . n 
A 1 5  DA  5  5  5  DA  A   A . n 
A 1 6  S2M 6  6  6  S2M S2M A . n 
A 1 7  DA  7  7  7  DA  A   A . n 
A 1 8  DC  8  8  8  DC  C   A . n 
A 1 9  DG  9  9  9  DG  G   A . n 
A 1 10 DC  10 10 10 DC  C   A . n 
B 1 1  DG  1  11 11 DG  G   B . n 
B 1 2  DC  2  12 12 DC  C   B . n 
B 1 3  DG  3  13 13 DG  G   B . n 
B 1 4  DT  4  14 14 DT  T   B . n 
B 1 5  DA  5  15 15 DA  A   B . n 
B 1 6  S2M 6  16 16 S2M S2M B . n 
B 1 7  DA  7  17 17 DA  A   B . n 
B 1 8  DC  8  18 18 DC  C   B . n 
B 1 9  DG  9  19 19 DG  G   B . n 
B 1 10 DC  10 20 20 DC  C   B . n 
# 
loop_
_pdbx_nonpoly_scheme.asym_id 
_pdbx_nonpoly_scheme.entity_id 
_pdbx_nonpoly_scheme.mon_id 
_pdbx_nonpoly_scheme.ndb_seq_num 
_pdbx_nonpoly_scheme.pdb_seq_num 
_pdbx_nonpoly_scheme.auth_seq_num 
_pdbx_nonpoly_scheme.pdb_mon_id 
_pdbx_nonpoly_scheme.auth_mon_id 
_pdbx_nonpoly_scheme.pdb_strand_id 
_pdbx_nonpoly_scheme.pdb_ins_code 
C 2 HOH 1  11 5   HOH HOH A . 
C 2 HOH 2  12 8   HOH HOH A . 
C 2 HOH 3  13 12  HOH HOH A . 
C 2 HOH 4  14 14  HOH HOH A . 
C 2 HOH 5  15 15  HOH HOH A . 
C 2 HOH 6  16 16  HOH HOH A . 
C 2 HOH 7  17 17  HOH HOH A . 
C 2 HOH 8  18 18  HOH HOH A . 
C 2 HOH 9  19 19  HOH HOH A . 
C 2 HOH 10 20 20  HOH HOH A . 
C 2 HOH 11 21 21  HOH HOH A . 
C 2 HOH 12 22 23  HOH HOH A . 
C 2 HOH 13 23 24  HOH HOH A . 
C 2 HOH 14 24 30  HOH HOH A . 
C 2 HOH 15 25 31  HOH HOH A . 
C 2 HOH 16 26 32  HOH HOH A . 
C 2 HOH 17 27 33  HOH HOH A . 
C 2 HOH 18 28 39  HOH HOH A . 
C 2 HOH 19 29 43  HOH HOH A . 
C 2 HOH 20 30 44  HOH HOH A . 
C 2 HOH 21 31 47  HOH HOH A . 
C 2 HOH 22 32 48  HOH HOH A . 
C 2 HOH 23 33 49  HOH HOH A . 
C 2 HOH 24 34 50  HOH HOH A . 
C 2 HOH 25 35 51  HOH HOH A . 
C 2 HOH 26 36 53  HOH HOH A . 
C 2 HOH 27 37 54  HOH HOH A . 
C 2 HOH 28 38 55  HOH HOH A . 
C 2 HOH 29 39 56  HOH HOH A . 
C 2 HOH 30 40 57  HOH HOH A . 
C 2 HOH 31 41 58  HOH HOH A . 
C 2 HOH 32 42 59  HOH HOH A . 
C 2 HOH 33 43 60  HOH HOH A . 
C 2 HOH 34 44 66  HOH HOH A . 
C 2 HOH 35 45 67  HOH HOH A . 
C 2 HOH 36 46 69  HOH HOH A . 
C 2 HOH 37 47 70  HOH HOH A . 
C 2 HOH 38 48 73  HOH HOH A . 
C 2 HOH 39 49 78  HOH HOH A . 
C 2 HOH 40 50 79  HOH HOH A . 
C 2 HOH 41 51 82  HOH HOH A . 
C 2 HOH 42 52 83  HOH HOH A . 
C 2 HOH 43 53 84  HOH HOH A . 
C 2 HOH 44 54 85  HOH HOH A . 
C 2 HOH 45 55 86  HOH HOH A . 
C 2 HOH 46 56 88  HOH HOH A . 
C 2 HOH 47 57 92  HOH HOH A . 
C 2 HOH 48 58 93  HOH HOH A . 
C 2 HOH 49 59 94  HOH HOH A . 
C 2 HOH 50 60 99  HOH HOH A . 
C 2 HOH 51 61 101 HOH HOH A . 
C 2 HOH 52 62 102 HOH HOH A . 
C 2 HOH 53 63 104 HOH HOH A . 
C 2 HOH 54 64 105 HOH HOH A . 
C 2 HOH 55 65 106 HOH HOH A . 
C 2 HOH 56 66 108 HOH HOH A . 
C 2 HOH 57 67 109 HOH HOH A . 
C 2 HOH 58 68 110 HOH HOH A . 
C 2 HOH 59 69 111 HOH HOH A . 
C 2 HOH 60 70 113 HOH HOH A . 
C 2 HOH 61 71 114 HOH HOH A . 
C 2 HOH 62 72 117 HOH HOH A . 
C 2 HOH 63 73 120 HOH HOH A . 
C 2 HOH 64 74 121 HOH HOH A . 
C 2 HOH 65 75 125 HOH HOH A . 
C 2 HOH 66 76 132 HOH HOH A . 
C 2 HOH 67 77 134 HOH HOH A . 
C 2 HOH 68 78 138 HOH HOH A . 
C 2 HOH 69 79 140 HOH HOH A . 
C 2 HOH 70 80 142 HOH HOH A . 
C 2 HOH 71 81 143 HOH HOH A . 
C 2 HOH 72 82 144 HOH HOH A . 
C 2 HOH 73 83 145 HOH HOH A . 
C 2 HOH 74 84 146 HOH HOH A . 
C 2 HOH 75 85 147 HOH HOH A . 
C 2 HOH 76 86 150 HOH HOH A . 
C 2 HOH 77 87 151 HOH HOH A . 
C 2 HOH 78 88 153 HOH HOH A . 
C 2 HOH 79 89 156 HOH HOH A . 
C 2 HOH 80 90 157 HOH HOH A . 
D 2 HOH 1  21 1   HOH HOH B . 
D 2 HOH 2  22 2   HOH HOH B . 
D 2 HOH 3  23 3   HOH HOH B . 
D 2 HOH 4  24 4   HOH HOH B . 
D 2 HOH 5  25 6   HOH HOH B . 
D 2 HOH 6  26 7   HOH HOH B . 
D 2 HOH 7  27 9   HOH HOH B . 
D 2 HOH 8  28 10  HOH HOH B . 
D 2 HOH 9  29 11  HOH HOH B . 
D 2 HOH 10 30 13  HOH HOH B . 
D 2 HOH 11 31 22  HOH HOH B . 
D 2 HOH 12 32 26  HOH HOH B . 
D 2 HOH 13 33 27  HOH HOH B . 
D 2 HOH 14 34 28  HOH HOH B . 
D 2 HOH 15 35 29  HOH HOH B . 
D 2 HOH 16 36 34  HOH HOH B . 
D 2 HOH 17 37 35  HOH HOH B . 
D 2 HOH 18 38 36  HOH HOH B . 
D 2 HOH 19 39 37  HOH HOH B . 
D 2 HOH 20 40 38  HOH HOH B . 
D 2 HOH 21 41 40  HOH HOH B . 
D 2 HOH 22 42 41  HOH HOH B . 
D 2 HOH 23 43 42  HOH HOH B . 
D 2 HOH 24 44 45  HOH HOH B . 
D 2 HOH 25 45 46  HOH HOH B . 
D 2 HOH 26 46 52  HOH HOH B . 
D 2 HOH 27 47 61  HOH HOH B . 
D 2 HOH 28 48 62  HOH HOH B . 
D 2 HOH 29 49 63  HOH HOH B . 
D 2 HOH 30 50 64  HOH HOH B . 
D 2 HOH 31 51 65  HOH HOH B . 
D 2 HOH 32 52 68  HOH HOH B . 
D 2 HOH 33 53 71  HOH HOH B . 
D 2 HOH 34 54 72  HOH HOH B . 
D 2 HOH 35 55 74  HOH HOH B . 
D 2 HOH 36 56 76  HOH HOH B . 
D 2 HOH 37 57 77  HOH HOH B . 
D 2 HOH 38 58 80  HOH HOH B . 
D 2 HOH 39 59 81  HOH HOH B . 
D 2 HOH 40 60 87  HOH HOH B . 
D 2 HOH 41 61 89  HOH HOH B . 
D 2 HOH 42 62 90  HOH HOH B . 
D 2 HOH 43 63 91  HOH HOH B . 
D 2 HOH 44 64 95  HOH HOH B . 
D 2 HOH 45 65 96  HOH HOH B . 
D 2 HOH 46 66 97  HOH HOH B . 
D 2 HOH 47 67 98  HOH HOH B . 
D 2 HOH 48 68 100 HOH HOH B . 
D 2 HOH 49 69 103 HOH HOH B . 
D 2 HOH 50 70 107 HOH HOH B . 
D 2 HOH 51 71 112 HOH HOH B . 
D 2 HOH 52 72 115 HOH HOH B . 
D 2 HOH 53 73 116 HOH HOH B . 
D 2 HOH 54 74 118 HOH HOH B . 
D 2 HOH 55 75 119 HOH HOH B . 
D 2 HOH 56 76 122 HOH HOH B . 
D 2 HOH 57 77 123 HOH HOH B . 
D 2 HOH 58 78 124 HOH HOH B . 
D 2 HOH 59 79 126 HOH HOH B . 
D 2 HOH 60 80 127 HOH HOH B . 
D 2 HOH 61 81 128 HOH HOH B . 
D 2 HOH 62 82 129 HOH HOH B . 
D 2 HOH 63 83 131 HOH HOH B . 
D 2 HOH 64 84 133 HOH HOH B . 
D 2 HOH 65 85 135 HOH HOH B . 
D 2 HOH 66 86 136 HOH HOH B . 
D 2 HOH 67 87 137 HOH HOH B . 
D 2 HOH 68 88 139 HOH HOH B . 
D 2 HOH 69 89 141 HOH HOH B . 
D 2 HOH 70 90 148 HOH HOH B . 
D 2 HOH 71 91 149 HOH HOH B . 
D 2 HOH 72 92 152 HOH HOH B . 
D 2 HOH 73 93 158 HOH HOH B . 
D 2 HOH 74 94 160 HOH HOH B . 
# 
loop_
_software.name 
_software.classification 
_software.version 
_software.citation_id 
_software.pdbx_ordinal 
REFMAC refinement        5.1.24 ? 1 
MAR345 'data collection' .      ? 2 
XDS    'data scaling'    .      ? 3 
AMoRE  phasing           .      ? 4 
# 
_cell.entry_id           2AXB 
_cell.length_a           25.251 
_cell.length_b           45.002 
_cell.length_c           44.971 
_cell.angle_alpha        90.00 
_cell.angle_beta         90.00 
_cell.angle_gamma        90.00 
_cell.Z_PDB              8 
_cell.pdbx_unique_axis   ? 
# 
_symmetry.entry_id                         2AXB 
_symmetry.space_group_name_H-M             'P 21 21 21' 
_symmetry.pdbx_full_space_group_name_H-M   ? 
_symmetry.cell_setting                     ? 
_symmetry.Int_Tables_number                19 
_symmetry.space_group_name_Hall            ? 
# 
_exptl.entry_id          2AXB 
_exptl.method            'X-RAY DIFFRACTION' 
_exptl.crystals_number   ? 
# 
_exptl_crystal.id                    1 
_exptl_crystal.density_meas          ? 
_exptl_crystal.density_Matthews      1.96 
_exptl_crystal.density_percent_sol   37.17 
_exptl_crystal.description           ? 
_exptl_crystal.F_000                 ? 
_exptl_crystal.preparation           ? 
# 
_exptl_crystal_grow.crystal_id      1 
_exptl_crystal_grow.method          'VAPOR DIFFUSION, HANGING DROP' 
_exptl_crystal_grow.temp            287 
_exptl_crystal_grow.temp_details    ? 
_exptl_crystal_grow.pH              ? 
_exptl_crystal_grow.pdbx_details    'Mini Screen, VAPOR DIFFUSION, HANGING DROP, temperature 287K' 
_exptl_crystal_grow.pdbx_pH_range   . 
# 
_diffrn.id                     1 
_diffrn.ambient_temp           103 
_diffrn.ambient_temp_details   ? 
_diffrn.crystal_id             1 
# 
_diffrn_detector.diffrn_id              1 
_diffrn_detector.detector               ? 
_diffrn_detector.type                   ? 
_diffrn_detector.pdbx_collection_date   2003-03-07 
_diffrn_detector.details                ? 
# 
_diffrn_radiation.diffrn_id                        1 
_diffrn_radiation.wavelength_id                    1 
_diffrn_radiation.pdbx_monochromatic_or_laue_m_l   M 
_diffrn_radiation.monochromator                    ? 
_diffrn_radiation.pdbx_diffrn_protocol             'SINGLE WAVELENGTH' 
_diffrn_radiation.pdbx_scattering_type             x-ray 
# 
_diffrn_radiation_wavelength.id           1 
_diffrn_radiation_wavelength.wavelength   .9873 
_diffrn_radiation_wavelength.wt           1.0 
# 
_diffrn_source.diffrn_id                   1 
_diffrn_source.source                      SYNCHROTRON 
_diffrn_source.type                        'APS BEAMLINE 5ID-B' 
_diffrn_source.pdbx_synchrotron_site       APS 
_diffrn_source.pdbx_synchrotron_beamline   5ID-B 
_diffrn_source.pdbx_wavelength             ? 
_diffrn_source.pdbx_wavelength_list        .9873 
# 
_reflns.entry_id                     2AXB 
_reflns.observed_criterion_sigma_F   ? 
_reflns.observed_criterion_sigma_I   ? 
_reflns.d_resolution_high            1.61 
_reflns.d_resolution_low             12.9 
_reflns.number_all                   ? 
_reflns.number_obs                   6642 
_reflns.percent_possible_obs         ? 
_reflns.pdbx_Rmerge_I_obs            ? 
_reflns.pdbx_Rsym_value              ? 
_reflns.pdbx_netI_over_sigmaI        ? 
_reflns.B_iso_Wilson_estimate        ? 
_reflns.pdbx_redundancy              ? 
_reflns.R_free_details               ? 
_reflns.pdbx_chi_squared             ? 
_reflns.pdbx_scaling_rejects         ? 
_reflns.pdbx_diffrn_id               1 
_reflns.pdbx_ordinal                 1 
# 
_refine.entry_id                                 2AXB 
_refine.ls_number_reflns_obs                     6304 
_refine.ls_number_reflns_all                     6627 
_refine.pdbx_ls_sigma_I                          ? 
_refine.pdbx_ls_sigma_F                          ? 
_refine.pdbx_data_cutoff_high_absF               ? 
_refine.pdbx_data_cutoff_low_absF                ? 
_refine.pdbx_data_cutoff_high_rms_absF           ? 
_refine.ls_d_res_low                             12.90 
_refine.ls_d_res_high                            1.61 
_refine.ls_percent_reflns_obs                    95.13 
_refine.ls_R_factor_obs                          0.19589 
_refine.ls_R_factor_all                          0.19589 
_refine.ls_R_factor_R_work                       0.19559 
_refine.ls_R_factor_R_free                       0.2017 
_refine.ls_R_factor_R_free_error                 ? 
_refine.ls_R_factor_R_free_error_details         ? 
_refine.ls_percent_reflns_R_free                 5.1 
_refine.ls_number_reflns_R_free                  338 
_refine.ls_number_parameters                     ? 
_refine.ls_number_restraints                     ? 
_refine.occupancy_min                            ? 
_refine.occupancy_max                            ? 
_refine.correlation_coeff_Fo_to_Fc               0.872 
_refine.correlation_coeff_Fo_to_Fc_free          0.875 
_refine.B_iso_mean                               8.976 
_refine.aniso_B[1][1]                            0.07 
_refine.aniso_B[2][2]                            0.01 
_refine.aniso_B[3][3]                            -0.08 
_refine.aniso_B[1][2]                            0.00 
_refine.aniso_B[1][3]                            0.00 
_refine.aniso_B[2][3]                            0.00 
_refine.solvent_model_details                    MASK 
_refine.solvent_model_param_ksol                 ? 
_refine.solvent_model_param_bsol                 ? 
_refine.pdbx_solvent_vdw_probe_radii             1.40 
_refine.pdbx_solvent_ion_probe_radii             0.80 
_refine.pdbx_solvent_shrinkage_radii             0.80 
_refine.pdbx_ls_cross_valid_method               THROUGHOUT 
_refine.details                                  'HYDROGENS HAVE BEEN ADDED IN THE RIDING POSITIONS' 
_refine.pdbx_starting_model                      ? 
_refine.pdbx_method_to_determine_struct          'MOLECULAR REPLACEMENT' 
_refine.pdbx_isotropic_thermal_model             ? 
_refine.pdbx_stereochemistry_target_values       'MAXIMUM LIKELIHOOD' 
_refine.pdbx_stereochem_target_val_spec_case     ? 
_refine.pdbx_R_Free_selection_details            RANDOM 
_refine.pdbx_overall_ESU_R                       0.232 
_refine.pdbx_overall_ESU_R_Free                  0.102 
_refine.overall_SU_ML                            0.046 
_refine.overall_SU_B                             1.209 
_refine.ls_redundancy_reflns_obs                 ? 
_refine.overall_SU_R_Cruickshank_DPI             ? 
_refine.overall_SU_R_free                        ? 
_refine.ls_wR_factor_R_free                      ? 
_refine.ls_wR_factor_R_work                      ? 
_refine.overall_FOM_free_R_set                   ? 
_refine.overall_FOM_work_R_set                   ? 
_refine.pdbx_refine_id                           'X-RAY DIFFRACTION' 
_refine.pdbx_diffrn_id                           1 
_refine.pdbx_TLS_residual_ADP_flag               ? 
_refine.pdbx_overall_phase_error                 ? 
_refine.pdbx_overall_SU_R_free_Cruickshank_DPI   ? 
_refine.pdbx_overall_SU_R_Blow_DPI               ? 
_refine.pdbx_overall_SU_R_free_Blow_DPI          ? 
# 
_refine_hist.pdbx_refine_id                   'X-RAY DIFFRACTION' 
_refine_hist.cycle_id                         LAST 
_refine_hist.pdbx_number_atoms_protein        0 
_refine_hist.pdbx_number_atoms_nucleic_acid   414 
_refine_hist.pdbx_number_atoms_ligand         0 
_refine_hist.number_atoms_solvent             154 
_refine_hist.number_atoms_total               568 
_refine_hist.d_res_high                       1.61 
_refine_hist.d_res_low                        12.90 
# 
loop_
_refine_ls_restr.type 
_refine_ls_restr.dev_ideal 
_refine_ls_restr.dev_ideal_target 
_refine_ls_restr.weight 
_refine_ls_restr.number 
_refine_ls_restr.pdbx_refine_id 
_refine_ls_restr.pdbx_restraint_function 
r_bond_refined_d         0.012  0.021 ? 463 'X-RAY DIFFRACTION' ? 
r_bond_other_d           0.002  0.020 ? 198 'X-RAY DIFFRACTION' ? 
r_angle_refined_deg      2.534  3.000 ? 694 'X-RAY DIFFRACTION' ? 
r_angle_other_deg        1.629  3.000 ? 498 'X-RAY DIFFRACTION' ? 
r_chiral_restr           0.130  0.200 ? 62  'X-RAY DIFFRACTION' ? 
r_gen_planes_refined     0.009  0.020 ? 218 'X-RAY DIFFRACTION' ? 
r_gen_planes_other       0.011  0.020 ? 2   'X-RAY DIFFRACTION' ? 
r_nbd_refined            0.331  0.300 ? 122 'X-RAY DIFFRACTION' ? 
r_nbd_other              0.373  0.300 ? 245 'X-RAY DIFFRACTION' ? 
r_nbtor_other            0.200  0.500 ? 91  'X-RAY DIFFRACTION' ? 
r_xyhbond_nbd_refined    0.321  0.500 ? 138 'X-RAY DIFFRACTION' ? 
r_symmetry_vdw_refined   0.091  0.300 ? 1   'X-RAY DIFFRACTION' ? 
r_symmetry_vdw_other     0.195  0.300 ? 33  'X-RAY DIFFRACTION' ? 
r_symmetry_hbond_refined 0.343  0.500 ? 19  'X-RAY DIFFRACTION' ? 
r_scbond_it              3.703  2.000 ? 463 'X-RAY DIFFRACTION' ? 
r_scangle_it             4.235  3.000 ? 690 'X-RAY DIFFRACTION' ? 
r_rigid_bond_restr       2.856  1.000 ? 463 'X-RAY DIFFRACTION' ? 
r_sphericity_free        17.014 9.000 ? 160 'X-RAY DIFFRACTION' ? 
r_sphericity_bonded      4.893  9.000 ? 414 'X-RAY DIFFRACTION' ? 
# 
_refine_ls_shell.pdbx_total_number_of_bins_used   20 
_refine_ls_shell.d_res_high                       1.613 
_refine_ls_shell.d_res_low                        1.654 
_refine_ls_shell.number_reflns_R_work             414 
_refine_ls_shell.R_factor_R_work                  0.117 
_refine_ls_shell.percent_reflns_obs               ? 
_refine_ls_shell.R_factor_R_free                  0.138 
_refine_ls_shell.R_factor_R_free_error            ? 
_refine_ls_shell.percent_reflns_R_free            ? 
_refine_ls_shell.number_reflns_R_free             22 
_refine_ls_shell.redundancy_reflns_obs            ? 
_refine_ls_shell.pdbx_refine_id                   'X-RAY DIFFRACTION' 
_refine_ls_shell.number_reflns_all                ? 
_refine_ls_shell.R_factor_all                     ? 
# 
_struct.entry_id                  2AXB 
_struct.title                     
'Crystal Structure Analysis Of A 2-O-[2-(methoxy)ethyl]-2-thiothymidine Modified Oligodeoxynucleotide Duplex' 
_struct.pdbx_model_details        ? 
_struct.pdbx_CASP_flag            ? 
_struct.pdbx_model_type_details   ? 
# 
_struct_keywords.entry_id        2AXB 
_struct_keywords.pdbx_keywords   DNA 
_struct_keywords.text            DNA 
# 
loop_
_struct_asym.id 
_struct_asym.pdbx_blank_PDB_chainid_flag 
_struct_asym.pdbx_modified 
_struct_asym.entity_id 
_struct_asym.details 
A N N 1 ? 
B N N 1 ? 
C N N 2 ? 
D N N 2 ? 
# 
_struct_ref.id                         1 
_struct_ref.entity_id                  1 
_struct_ref.db_name                    PDB 
_struct_ref.db_code                    2AXB 
_struct_ref.pdbx_db_accession          2AXB 
_struct_ref.pdbx_db_isoform            ? 
_struct_ref.pdbx_seq_one_letter_code   ? 
_struct_ref.pdbx_align_begin           ? 
# 
loop_
_struct_ref_seq.align_id 
_struct_ref_seq.ref_id 
_struct_ref_seq.pdbx_PDB_id_code 
_struct_ref_seq.pdbx_strand_id 
_struct_ref_seq.seq_align_beg 
_struct_ref_seq.pdbx_seq_align_beg_ins_code 
_struct_ref_seq.seq_align_end 
_struct_ref_seq.pdbx_seq_align_end_ins_code 
_struct_ref_seq.pdbx_db_accession 
_struct_ref_seq.db_align_beg 
_struct_ref_seq.pdbx_db_align_beg_ins_code 
_struct_ref_seq.db_align_end 
_struct_ref_seq.pdbx_db_align_end_ins_code 
_struct_ref_seq.pdbx_auth_seq_align_beg 
_struct_ref_seq.pdbx_auth_seq_align_end 
1 1 2AXB A 1 ? 10 ? 2AXB 1  ? 10 ? 1  10 
2 1 2AXB B 1 ? 10 ? 2AXB 11 ? 20 ? 11 20 
# 
_pdbx_struct_assembly.id                   1 
_pdbx_struct_assembly.details              author_defined_assembly 
_pdbx_struct_assembly.method_details       ? 
_pdbx_struct_assembly.oligomeric_details   dimeric 
_pdbx_struct_assembly.oligomeric_count     2 
# 
_pdbx_struct_assembly_gen.assembly_id       1 
_pdbx_struct_assembly_gen.oper_expression   1 
_pdbx_struct_assembly_gen.asym_id_list      A,B,C,D 
# 
_pdbx_struct_oper_list.id                   1 
_pdbx_struct_oper_list.type                 'identity operation' 
_pdbx_struct_oper_list.name                 1_555 
_pdbx_struct_oper_list.symmetry_operation   x,y,z 
_pdbx_struct_oper_list.matrix[1][1]         1.0000000000 
_pdbx_struct_oper_list.matrix[1][2]         0.0000000000 
_pdbx_struct_oper_list.matrix[1][3]         0.0000000000 
_pdbx_struct_oper_list.vector[1]            0.0000000000 
_pdbx_struct_oper_list.matrix[2][1]         0.0000000000 
_pdbx_struct_oper_list.matrix[2][2]         1.0000000000 
_pdbx_struct_oper_list.matrix[2][3]         0.0000000000 
_pdbx_struct_oper_list.vector[2]            0.0000000000 
_pdbx_struct_oper_list.matrix[3][1]         0.0000000000 
_pdbx_struct_oper_list.matrix[3][2]         0.0000000000 
_pdbx_struct_oper_list.matrix[3][3]         1.0000000000 
_pdbx_struct_oper_list.vector[3]            0.0000000000 
# 
_struct_biol.id                    1 
_struct_biol.pdbx_parent_biol_id   ? 
_struct_biol.details               ? 
# 
loop_
_struct_conn.id 
_struct_conn.conn_type_id 
_struct_conn.pdbx_leaving_atom_flag 
_struct_conn.pdbx_PDB_id 
_struct_conn.ptnr1_label_asym_id 
_struct_conn.ptnr1_label_comp_id 
_struct_conn.ptnr1_label_seq_id 
_struct_conn.ptnr1_label_atom_id 
_struct_conn.pdbx_ptnr1_label_alt_id 
_struct_conn.pdbx_ptnr1_PDB_ins_code 
_struct_conn.pdbx_ptnr1_standard_comp_id 
_struct_conn.ptnr1_symmetry 
_struct_conn.ptnr2_label_asym_id 
_struct_conn.ptnr2_label_comp_id 
_struct_conn.ptnr2_label_seq_id 
_struct_conn.ptnr2_label_atom_id 
_struct_conn.pdbx_ptnr2_label_alt_id 
_struct_conn.pdbx_ptnr2_PDB_ins_code 
_struct_conn.ptnr1_auth_asym_id 
_struct_conn.ptnr1_auth_comp_id 
_struct_conn.ptnr1_auth_seq_id 
_struct_conn.ptnr2_auth_asym_id 
_struct_conn.ptnr2_auth_comp_id 
_struct_conn.ptnr2_auth_seq_id 
_struct_conn.ptnr2_symmetry 
_struct_conn.pdbx_ptnr3_label_atom_id 
_struct_conn.pdbx_ptnr3_label_seq_id 
_struct_conn.pdbx_ptnr3_label_comp_id 
_struct_conn.pdbx_ptnr3_label_asym_id 
_struct_conn.pdbx_ptnr3_label_alt_id 
_struct_conn.pdbx_ptnr3_PDB_ins_code 
_struct_conn.details 
_struct_conn.pdbx_dist_value 
_struct_conn.pdbx_value_order 
_struct_conn.pdbx_role 
covale1  covale both ? A DA  5  "O3'" ? ? ? 1_555 A S2M 6  P   ? ? A DA  5  A S2M 6  1_555 ? ? ? ? ? ? ?            1.566 ? ? 
covale2  covale one  ? A S2M 6  "C3'" ? ? ? 1_555 A DA  7  P   ? ? A S2M 6  A DA  7  1_555 ? ? ? ? ? ? ?            1.778 ? ? 
covale3  covale both ? A S2M 6  "O3'" ? ? ? 1_555 A DA  7  P   ? ? A S2M 6  A DA  7  1_555 ? ? ? ? ? ? ?            1.587 ? ? 
covale4  covale one  ? A S2M 6  "O3'" ? ? ? 1_555 A DA  7  OP1 ? ? A S2M 6  A DA  7  1_555 ? ? ? ? ? ? ?            2.016 ? ? 
covale5  covale both ? B DA  5  "O3'" ? ? ? 1_555 B S2M 6  P   ? ? B DA  15 B S2M 16 1_555 ? ? ? ? ? ? ?            1.610 ? ? 
covale6  covale both ? B S2M 6  "O3'" ? ? ? 1_555 B DA  7  P   ? ? B S2M 16 B DA  17 1_555 ? ? ? ? ? ? ?            1.588 ? ? 
hydrog1  hydrog ?    ? A DG  1  N1    ? ? ? 1_555 B DC  10 N3  ? ? A DG  1  B DC  20 1_555 ? ? ? ? ? ? WATSON-CRICK ?     ? ? 
hydrog2  hydrog ?    ? A DG  1  N2    ? ? ? 1_555 B DC  10 O2  ? ? A DG  1  B DC  20 1_555 ? ? ? ? ? ? WATSON-CRICK ?     ? ? 
hydrog3  hydrog ?    ? A DG  1  O6    ? ? ? 1_555 B DC  10 N4  ? ? A DG  1  B DC  20 1_555 ? ? ? ? ? ? WATSON-CRICK ?     ? ? 
hydrog4  hydrog ?    ? A DC  2  N3    ? ? ? 1_555 B DG  9  N1  ? ? A DC  2  B DG  19 1_555 ? ? ? ? ? ? WATSON-CRICK ?     ? ? 
hydrog5  hydrog ?    ? A DC  2  N4    ? ? ? 1_555 B DG  9  O6  ? ? A DC  2  B DG  19 1_555 ? ? ? ? ? ? WATSON-CRICK ?     ? ? 
hydrog6  hydrog ?    ? A DC  2  O2    ? ? ? 1_555 B DG  9  N2  ? ? A DC  2  B DG  19 1_555 ? ? ? ? ? ? WATSON-CRICK ?     ? ? 
hydrog7  hydrog ?    ? A DG  3  N1    ? ? ? 1_555 B DC  8  N3  ? ? A DG  3  B DC  18 1_555 ? ? ? ? ? ? WATSON-CRICK ?     ? ? 
hydrog8  hydrog ?    ? A DG  3  N2    ? ? ? 1_555 B DC  8  O2  ? ? A DG  3  B DC  18 1_555 ? ? ? ? ? ? WATSON-CRICK ?     ? ? 
hydrog9  hydrog ?    ? A DG  3  O6    ? ? ? 1_555 B DC  8  N4  ? ? A DG  3  B DC  18 1_555 ? ? ? ? ? ? WATSON-CRICK ?     ? ? 
hydrog10 hydrog ?    ? A DT  4  N3    ? ? ? 1_555 B DA  7  N1  ? ? A DT  4  B DA  17 1_555 ? ? ? ? ? ? WATSON-CRICK ?     ? ? 
hydrog11 hydrog ?    ? A DT  4  O4    ? ? ? 1_555 B DA  7  N6  ? ? A DT  4  B DA  17 1_555 ? ? ? ? ? ? WATSON-CRICK ?     ? ? 
hydrog12 hydrog ?    ? A DA  5  N1    ? ? ? 1_555 B S2M 6  N3  ? ? A DA  5  B S2M 16 1_555 ? ? ? ? ? ? WATSON-CRICK ?     ? ? 
hydrog13 hydrog ?    ? A DA  5  N6    ? ? ? 1_555 B S2M 6  O4  ? ? A DA  5  B S2M 16 1_555 ? ? ? ? ? ? WATSON-CRICK ?     ? ? 
hydrog14 hydrog ?    ? A S2M 6  N3    ? ? ? 1_555 B DA  5  N1  ? ? A S2M 6  B DA  15 1_555 ? ? ? ? ? ? WATSON-CRICK ?     ? ? 
hydrog15 hydrog ?    ? A S2M 6  O4    ? ? ? 1_555 B DA  5  N6  ? ? A S2M 6  B DA  15 1_555 ? ? ? ? ? ? WATSON-CRICK ?     ? ? 
hydrog16 hydrog ?    ? A DA  7  N1    ? ? ? 1_555 B DT  4  N3  ? ? A DA  7  B DT  14 1_555 ? ? ? ? ? ? WATSON-CRICK ?     ? ? 
hydrog17 hydrog ?    ? A DA  7  N6    ? ? ? 1_555 B DT  4  O4  ? ? A DA  7  B DT  14 1_555 ? ? ? ? ? ? WATSON-CRICK ?     ? ? 
hydrog18 hydrog ?    ? A DC  8  N3    ? ? ? 1_555 B DG  3  N1  ? ? A DC  8  B DG  13 1_555 ? ? ? ? ? ? WATSON-CRICK ?     ? ? 
hydrog19 hydrog ?    ? A DC  8  N4    ? ? ? 1_555 B DG  3  O6  ? ? A DC  8  B DG  13 1_555 ? ? ? ? ? ? WATSON-CRICK ?     ? ? 
hydrog20 hydrog ?    ? A DC  8  O2    ? ? ? 1_555 B DG  3  N2  ? ? A DC  8  B DG  13 1_555 ? ? ? ? ? ? WATSON-CRICK ?     ? ? 
hydrog21 hydrog ?    ? A DG  9  N1    ? ? ? 1_555 B DC  2  N3  ? ? A DG  9  B DC  12 1_555 ? ? ? ? ? ? WATSON-CRICK ?     ? ? 
hydrog22 hydrog ?    ? A DG  9  N2    ? ? ? 1_555 B DC  2  O2  ? ? A DG  9  B DC  12 1_555 ? ? ? ? ? ? WATSON-CRICK ?     ? ? 
hydrog23 hydrog ?    ? A DG  9  O6    ? ? ? 1_555 B DC  2  N4  ? ? A DG  9  B DC  12 1_555 ? ? ? ? ? ? WATSON-CRICK ?     ? ? 
hydrog24 hydrog ?    ? A DC  10 N3    ? ? ? 1_555 B DG  1  N1  ? ? A DC  10 B DG  11 1_555 ? ? ? ? ? ? WATSON-CRICK ?     ? ? 
hydrog25 hydrog ?    ? A DC  10 N4    ? ? ? 1_555 B DG  1  O6  ? ? A DC  10 B DG  11 1_555 ? ? ? ? ? ? WATSON-CRICK ?     ? ? 
hydrog26 hydrog ?    ? A DC  10 O2    ? ? ? 1_555 B DG  1  N2  ? ? A DC  10 B DG  11 1_555 ? ? ? ? ? ? WATSON-CRICK ?     ? ? 
# 
loop_
_struct_conn_type.id 
_struct_conn_type.criteria 
_struct_conn_type.reference 
covale ? ? 
hydrog ? ? 
# 
_pdbx_validate_rmsd_bond.id                        1 
_pdbx_validate_rmsd_bond.PDB_model_num             1 
_pdbx_validate_rmsd_bond.auth_atom_id_1            "O3'" 
_pdbx_validate_rmsd_bond.auth_asym_id_1            B 
_pdbx_validate_rmsd_bond.auth_comp_id_1            DA 
_pdbx_validate_rmsd_bond.auth_seq_id_1             17 
_pdbx_validate_rmsd_bond.PDB_ins_code_1            ? 
_pdbx_validate_rmsd_bond.label_alt_id_1            ? 
_pdbx_validate_rmsd_bond.auth_atom_id_2            "C3'" 
_pdbx_validate_rmsd_bond.auth_asym_id_2            B 
_pdbx_validate_rmsd_bond.auth_comp_id_2            DA 
_pdbx_validate_rmsd_bond.auth_seq_id_2             17 
_pdbx_validate_rmsd_bond.PDB_ins_code_2            ? 
_pdbx_validate_rmsd_bond.label_alt_id_2            ? 
_pdbx_validate_rmsd_bond.bond_value                1.377 
_pdbx_validate_rmsd_bond.bond_target_value         1.419 
_pdbx_validate_rmsd_bond.bond_deviation            -0.042 
_pdbx_validate_rmsd_bond.bond_standard_deviation   0.006 
_pdbx_validate_rmsd_bond.linker_flag               N 
# 
loop_
_pdbx_validate_rmsd_angle.id 
_pdbx_validate_rmsd_angle.PDB_model_num 
_pdbx_validate_rmsd_angle.auth_atom_id_1 
_pdbx_validate_rmsd_angle.auth_asym_id_1 
_pdbx_validate_rmsd_angle.auth_comp_id_1 
_pdbx_validate_rmsd_angle.auth_seq_id_1 
_pdbx_validate_rmsd_angle.PDB_ins_code_1 
_pdbx_validate_rmsd_angle.label_alt_id_1 
_pdbx_validate_rmsd_angle.auth_atom_id_2 
_pdbx_validate_rmsd_angle.auth_asym_id_2 
_pdbx_validate_rmsd_angle.auth_comp_id_2 
_pdbx_validate_rmsd_angle.auth_seq_id_2 
_pdbx_validate_rmsd_angle.PDB_ins_code_2 
_pdbx_validate_rmsd_angle.label_alt_id_2 
_pdbx_validate_rmsd_angle.auth_atom_id_3 
_pdbx_validate_rmsd_angle.auth_asym_id_3 
_pdbx_validate_rmsd_angle.auth_comp_id_3 
_pdbx_validate_rmsd_angle.auth_seq_id_3 
_pdbx_validate_rmsd_angle.PDB_ins_code_3 
_pdbx_validate_rmsd_angle.label_alt_id_3 
_pdbx_validate_rmsd_angle.angle_value 
_pdbx_validate_rmsd_angle.angle_target_value 
_pdbx_validate_rmsd_angle.angle_deviation 
_pdbx_validate_rmsd_angle.angle_standard_deviation 
_pdbx_validate_rmsd_angle.linker_flag 
1  1 "O4'" A DC  2  ? ? "C1'" A DC  2  ? ? N1    A DC  2  ? ? 103.32 108.00 -4.68  0.70 N 
2  1 C6    A DC  2  ? ? N1    A DC  2  ? ? C2    A DC  2  ? ? 123.19 120.30 2.89   0.40 N 
3  1 "O4'" A DG  3  ? ? "C1'" A DG  3  ? ? N9    A DG  3  ? ? 113.49 108.30 5.19   0.30 N 
4  1 "O4'" A DA  5  ? ? "C4'" A DA  5  ? ? "C3'" A DA  5  ? ? 101.43 104.50 -3.07  0.40 N 
5  1 "O3'" A DA  5  ? ? P     A S2M 6  ? ? OP2   A S2M 6  ? ? 124.21 110.50 13.71  1.10 Y 
6  1 "C3'" A S2M 6  ? ? "O3'" A S2M 6  ? ? P     A DA  7  ? ? 72.15  119.70 -47.55 1.20 Y 
7  1 "O3'" A S2M 6  ? ? P     A DA  7  ? ? OP2   A DA  7  ? ? 155.02 110.50 44.52  1.10 Y 
8  1 "O3'" A S2M 6  ? ? P     A DA  7  ? ? OP1   A DA  7  ? ? 81.97  105.20 -23.23 2.20 Y 
9  1 OP1   A DA  7  ? ? P     A DA  7  ? ? OP2   A DA  7  ? ? 108.45 119.60 -11.15 1.50 N 
10 1 "O4'" A DG  9  ? ? "C4'" A DG  9  ? ? "C3'" A DG  9  ? ? 100.14 104.50 -4.36  0.40 N 
11 1 C5    A DG  9  ? ? C6    A DG  9  ? ? O6    A DG  9  ? ? 132.64 128.60 4.04   0.60 N 
12 1 "O4'" A DC  10 ? ? "C1'" A DC  10 ? ? N1    A DC  10 ? ? 114.09 108.30 5.79   0.30 N 
13 1 "O4'" B DC  12 ? ? "C4'" B DC  12 ? ? "C3'" B DC  12 ? ? 100.38 104.50 -4.12  0.40 N 
14 1 "O4'" B DC  12 ? ? "C1'" B DC  12 ? ? N1    B DC  12 ? ? 112.52 108.30 4.22   0.30 N 
15 1 N3    B DC  12 ? ? C4    B DC  12 ? ? N4    B DC  12 ? ? 113.17 118.00 -4.83  0.70 N 
16 1 "O4'" B DT  14 ? ? "C1'" B DT  14 ? ? "C2'" B DT  14 ? ? 110.04 106.80 3.24   0.50 N 
17 1 N3    B DT  14 ? ? C4    B DT  14 ? ? O4    B DT  14 ? ? 124.04 119.90 4.14   0.60 N 
18 1 "O4'" B DA  15 ? ? "C1'" B DA  15 ? ? N9    B DA  15 ? ? 110.79 108.30 2.49   0.30 N 
19 1 "C3'" B DA  15 ? ? "O3'" B DA  15 ? ? P     B S2M 16 ? ? 111.49 119.70 -8.21  1.20 Y 
20 1 "O3'" B DA  15 ? ? P     B S2M 16 ? ? OP1   B S2M 16 ? ? 118.06 110.50 7.56   1.10 Y 
21 1 "O4'" B DC  18 ? ? "C1'" B DC  18 ? ? N1    B DC  18 ? ? 112.96 108.30 4.66   0.30 N 
22 1 "O4'" B DC  20 ? ? "C1'" B DC  20 ? ? N1    B DC  20 ? ? 111.08 108.30 2.78   0.30 N 
23 1 C5    B DC  20 ? ? C4    B DC  20 ? ? N4    B DC  20 ? ? 115.28 120.20 -4.92  0.70 N 
# 
loop_
_pdbx_struct_mod_residue.id 
_pdbx_struct_mod_residue.label_asym_id 
_pdbx_struct_mod_residue.label_comp_id 
_pdbx_struct_mod_residue.label_seq_id 
_pdbx_struct_mod_residue.auth_asym_id 
_pdbx_struct_mod_residue.auth_comp_id 
_pdbx_struct_mod_residue.auth_seq_id 
_pdbx_struct_mod_residue.PDB_ins_code 
_pdbx_struct_mod_residue.parent_comp_id 
_pdbx_struct_mod_residue.details 
1 A S2M 6 A S2M 6  ? DT ? 
2 B S2M 6 B S2M 16 ? DT ? 
# 
loop_
_chem_comp_atom.comp_id 
_chem_comp_atom.atom_id 
_chem_comp_atom.type_symbol 
_chem_comp_atom.pdbx_aromatic_flag 
_chem_comp_atom.pdbx_stereo_config 
_chem_comp_atom.pdbx_ordinal 
DA  OP3    O N N 1   
DA  P      P N N 2   
DA  OP1    O N N 3   
DA  OP2    O N N 4   
DA  "O5'"  O N N 5   
DA  "C5'"  C N N 6   
DA  "C4'"  C N R 7   
DA  "O4'"  O N N 8   
DA  "C3'"  C N S 9   
DA  "O3'"  O N N 10  
DA  "C2'"  C N N 11  
DA  "C1'"  C N R 12  
DA  N9     N Y N 13  
DA  C8     C Y N 14  
DA  N7     N Y N 15  
DA  C5     C Y N 16  
DA  C6     C Y N 17  
DA  N6     N N N 18  
DA  N1     N Y N 19  
DA  C2     C Y N 20  
DA  N3     N Y N 21  
DA  C4     C Y N 22  
DA  HOP3   H N N 23  
DA  HOP2   H N N 24  
DA  "H5'"  H N N 25  
DA  "H5''" H N N 26  
DA  "H4'"  H N N 27  
DA  "H3'"  H N N 28  
DA  "HO3'" H N N 29  
DA  "H2'"  H N N 30  
DA  "H2''" H N N 31  
DA  "H1'"  H N N 32  
DA  H8     H N N 33  
DA  H61    H N N 34  
DA  H62    H N N 35  
DA  H2     H N N 36  
DC  OP3    O N N 37  
DC  P      P N N 38  
DC  OP1    O N N 39  
DC  OP2    O N N 40  
DC  "O5'"  O N N 41  
DC  "C5'"  C N N 42  
DC  "C4'"  C N R 43  
DC  "O4'"  O N N 44  
DC  "C3'"  C N S 45  
DC  "O3'"  O N N 46  
DC  "C2'"  C N N 47  
DC  "C1'"  C N R 48  
DC  N1     N N N 49  
DC  C2     C N N 50  
DC  O2     O N N 51  
DC  N3     N N N 52  
DC  C4     C N N 53  
DC  N4     N N N 54  
DC  C5     C N N 55  
DC  C6     C N N 56  
DC  HOP3   H N N 57  
DC  HOP2   H N N 58  
DC  "H5'"  H N N 59  
DC  "H5''" H N N 60  
DC  "H4'"  H N N 61  
DC  "H3'"  H N N 62  
DC  "HO3'" H N N 63  
DC  "H2'"  H N N 64  
DC  "H2''" H N N 65  
DC  "H1'"  H N N 66  
DC  H41    H N N 67  
DC  H42    H N N 68  
DC  H5     H N N 69  
DC  H6     H N N 70  
DG  OP3    O N N 71  
DG  P      P N N 72  
DG  OP1    O N N 73  
DG  OP2    O N N 74  
DG  "O5'"  O N N 75  
DG  "C5'"  C N N 76  
DG  "C4'"  C N R 77  
DG  "O4'"  O N N 78  
DG  "C3'"  C N S 79  
DG  "O3'"  O N N 80  
DG  "C2'"  C N N 81  
DG  "C1'"  C N R 82  
DG  N9     N Y N 83  
DG  C8     C Y N 84  
DG  N7     N Y N 85  
DG  C5     C Y N 86  
DG  C6     C N N 87  
DG  O6     O N N 88  
DG  N1     N N N 89  
DG  C2     C N N 90  
DG  N2     N N N 91  
DG  N3     N N N 92  
DG  C4     C Y N 93  
DG  HOP3   H N N 94  
DG  HOP2   H N N 95  
DG  "H5'"  H N N 96  
DG  "H5''" H N N 97  
DG  "H4'"  H N N 98  
DG  "H3'"  H N N 99  
DG  "HO3'" H N N 100 
DG  "H2'"  H N N 101 
DG  "H2''" H N N 102 
DG  "H1'"  H N N 103 
DG  H8     H N N 104 
DG  H1     H N N 105 
DG  H21    H N N 106 
DG  H22    H N N 107 
DT  OP3    O N N 108 
DT  P      P N N 109 
DT  OP1    O N N 110 
DT  OP2    O N N 111 
DT  "O5'"  O N N 112 
DT  "C5'"  C N N 113 
DT  "C4'"  C N R 114 
DT  "O4'"  O N N 115 
DT  "C3'"  C N S 116 
DT  "O3'"  O N N 117 
DT  "C2'"  C N N 118 
DT  "C1'"  C N R 119 
DT  N1     N N N 120 
DT  C2     C N N 121 
DT  O2     O N N 122 
DT  N3     N N N 123 
DT  C4     C N N 124 
DT  O4     O N N 125 
DT  C5     C N N 126 
DT  C7     C N N 127 
DT  C6     C N N 128 
DT  HOP3   H N N 129 
DT  HOP2   H N N 130 
DT  "H5'"  H N N 131 
DT  "H5''" H N N 132 
DT  "H4'"  H N N 133 
DT  "H3'"  H N N 134 
DT  "HO3'" H N N 135 
DT  "H2'"  H N N 136 
DT  "H2''" H N N 137 
DT  "H1'"  H N N 138 
DT  H3     H N N 139 
DT  H71    H N N 140 
DT  H72    H N N 141 
DT  H73    H N N 142 
DT  H6     H N N 143 
HOH O      O N N 144 
HOH H1     H N N 145 
HOH H2     H N N 146 
S2M O4     O N N 147 
S2M C4     C N N 148 
S2M C5     C N N 149 
S2M C6     C N N 150 
S2M C5M    C N N 151 
S2M N3     N N N 152 
S2M S2     S N N 153 
S2M C2     C N N 154 
S2M "C5'"  C N N 155 
S2M "O5'"  O N N 156 
S2M P      P N N 157 
S2M OP2    O N N 158 
S2M OP1    O N N 159 
S2M "C4'"  C N R 160 
S2M "O4'"  O N N 161 
S2M "C1'"  C N R 162 
S2M N1     N N N 163 
S2M "C2'"  C N R 164 
S2M "C3'"  C N R 165 
S2M "O3'"  O N N 166 
S2M "O2'"  O N N 167 
S2M "CA'"  C N N 168 
S2M "CB'"  C N N 169 
S2M "OC'"  O N N 170 
S2M "CD'"  C N N 171 
S2M OP3    O N N 172 
S2M H6     H N N 173 
S2M H71    H N N 174 
S2M H72    H N N 175 
S2M H73    H N N 176 
S2M H3     H N N 177 
S2M "H5'"  H N N 178 
S2M "H5''" H N N 179 
S2M HOP2   H N N 180 
S2M "H4'"  H N N 181 
S2M "H1'"  H N N 182 
S2M "H2'"  H N N 183 
S2M "H3'"  H N N 184 
S2M "HO3'" H N N 185 
S2M "HA'1" H N N 186 
S2M "HA'2" H N N 187 
S2M "HB'1" H N N 188 
S2M "HB'2" H N N 189 
S2M "HD'1" H N N 190 
S2M "HD'2" H N N 191 
S2M "HD'3" H N N 192 
S2M HOP3   H N N 193 
# 
loop_
_chem_comp_bond.comp_id 
_chem_comp_bond.atom_id_1 
_chem_comp_bond.atom_id_2 
_chem_comp_bond.value_order 
_chem_comp_bond.pdbx_aromatic_flag 
_chem_comp_bond.pdbx_stereo_config 
_chem_comp_bond.pdbx_ordinal 
DA  OP3   P      sing N N 1   
DA  OP3   HOP3   sing N N 2   
DA  P     OP1    doub N N 3   
DA  P     OP2    sing N N 4   
DA  P     "O5'"  sing N N 5   
DA  OP2   HOP2   sing N N 6   
DA  "O5'" "C5'"  sing N N 7   
DA  "C5'" "C4'"  sing N N 8   
DA  "C5'" "H5'"  sing N N 9   
DA  "C5'" "H5''" sing N N 10  
DA  "C4'" "O4'"  sing N N 11  
DA  "C4'" "C3'"  sing N N 12  
DA  "C4'" "H4'"  sing N N 13  
DA  "O4'" "C1'"  sing N N 14  
DA  "C3'" "O3'"  sing N N 15  
DA  "C3'" "C2'"  sing N N 16  
DA  "C3'" "H3'"  sing N N 17  
DA  "O3'" "HO3'" sing N N 18  
DA  "C2'" "C1'"  sing N N 19  
DA  "C2'" "H2'"  sing N N 20  
DA  "C2'" "H2''" sing N N 21  
DA  "C1'" N9     sing N N 22  
DA  "C1'" "H1'"  sing N N 23  
DA  N9    C8     sing Y N 24  
DA  N9    C4     sing Y N 25  
DA  C8    N7     doub Y N 26  
DA  C8    H8     sing N N 27  
DA  N7    C5     sing Y N 28  
DA  C5    C6     sing Y N 29  
DA  C5    C4     doub Y N 30  
DA  C6    N6     sing N N 31  
DA  C6    N1     doub Y N 32  
DA  N6    H61    sing N N 33  
DA  N6    H62    sing N N 34  
DA  N1    C2     sing Y N 35  
DA  C2    N3     doub Y N 36  
DA  C2    H2     sing N N 37  
DA  N3    C4     sing Y N 38  
DC  OP3   P      sing N N 39  
DC  OP3   HOP3   sing N N 40  
DC  P     OP1    doub N N 41  
DC  P     OP2    sing N N 42  
DC  P     "O5'"  sing N N 43  
DC  OP2   HOP2   sing N N 44  
DC  "O5'" "C5'"  sing N N 45  
DC  "C5'" "C4'"  sing N N 46  
DC  "C5'" "H5'"  sing N N 47  
DC  "C5'" "H5''" sing N N 48  
DC  "C4'" "O4'"  sing N N 49  
DC  "C4'" "C3'"  sing N N 50  
DC  "C4'" "H4'"  sing N N 51  
DC  "O4'" "C1'"  sing N N 52  
DC  "C3'" "O3'"  sing N N 53  
DC  "C3'" "C2'"  sing N N 54  
DC  "C3'" "H3'"  sing N N 55  
DC  "O3'" "HO3'" sing N N 56  
DC  "C2'" "C1'"  sing N N 57  
DC  "C2'" "H2'"  sing N N 58  
DC  "C2'" "H2''" sing N N 59  
DC  "C1'" N1     sing N N 60  
DC  "C1'" "H1'"  sing N N 61  
DC  N1    C2     sing N N 62  
DC  N1    C6     sing N N 63  
DC  C2    O2     doub N N 64  
DC  C2    N3     sing N N 65  
DC  N3    C4     doub N N 66  
DC  C4    N4     sing N N 67  
DC  C4    C5     sing N N 68  
DC  N4    H41    sing N N 69  
DC  N4    H42    sing N N 70  
DC  C5    C6     doub N N 71  
DC  C5    H5     sing N N 72  
DC  C6    H6     sing N N 73  
DG  OP3   P      sing N N 74  
DG  OP3   HOP3   sing N N 75  
DG  P     OP1    doub N N 76  
DG  P     OP2    sing N N 77  
DG  P     "O5'"  sing N N 78  
DG  OP2   HOP2   sing N N 79  
DG  "O5'" "C5'"  sing N N 80  
DG  "C5'" "C4'"  sing N N 81  
DG  "C5'" "H5'"  sing N N 82  
DG  "C5'" "H5''" sing N N 83  
DG  "C4'" "O4'"  sing N N 84  
DG  "C4'" "C3'"  sing N N 85  
DG  "C4'" "H4'"  sing N N 86  
DG  "O4'" "C1'"  sing N N 87  
DG  "C3'" "O3'"  sing N N 88  
DG  "C3'" "C2'"  sing N N 89  
DG  "C3'" "H3'"  sing N N 90  
DG  "O3'" "HO3'" sing N N 91  
DG  "C2'" "C1'"  sing N N 92  
DG  "C2'" "H2'"  sing N N 93  
DG  "C2'" "H2''" sing N N 94  
DG  "C1'" N9     sing N N 95  
DG  "C1'" "H1'"  sing N N 96  
DG  N9    C8     sing Y N 97  
DG  N9    C4     sing Y N 98  
DG  C8    N7     doub Y N 99  
DG  C8    H8     sing N N 100 
DG  N7    C5     sing Y N 101 
DG  C5    C6     sing N N 102 
DG  C5    C4     doub Y N 103 
DG  C6    O6     doub N N 104 
DG  C6    N1     sing N N 105 
DG  N1    C2     sing N N 106 
DG  N1    H1     sing N N 107 
DG  C2    N2     sing N N 108 
DG  C2    N3     doub N N 109 
DG  N2    H21    sing N N 110 
DG  N2    H22    sing N N 111 
DG  N3    C4     sing N N 112 
DT  OP3   P      sing N N 113 
DT  OP3   HOP3   sing N N 114 
DT  P     OP1    doub N N 115 
DT  P     OP2    sing N N 116 
DT  P     "O5'"  sing N N 117 
DT  OP2   HOP2   sing N N 118 
DT  "O5'" "C5'"  sing N N 119 
DT  "C5'" "C4'"  sing N N 120 
DT  "C5'" "H5'"  sing N N 121 
DT  "C5'" "H5''" sing N N 122 
DT  "C4'" "O4'"  sing N N 123 
DT  "C4'" "C3'"  sing N N 124 
DT  "C4'" "H4'"  sing N N 125 
DT  "O4'" "C1'"  sing N N 126 
DT  "C3'" "O3'"  sing N N 127 
DT  "C3'" "C2'"  sing N N 128 
DT  "C3'" "H3'"  sing N N 129 
DT  "O3'" "HO3'" sing N N 130 
DT  "C2'" "C1'"  sing N N 131 
DT  "C2'" "H2'"  sing N N 132 
DT  "C2'" "H2''" sing N N 133 
DT  "C1'" N1     sing N N 134 
DT  "C1'" "H1'"  sing N N 135 
DT  N1    C2     sing N N 136 
DT  N1    C6     sing N N 137 
DT  C2    O2     doub N N 138 
DT  C2    N3     sing N N 139 
DT  N3    C4     sing N N 140 
DT  N3    H3     sing N N 141 
DT  C4    O4     doub N N 142 
DT  C4    C5     sing N N 143 
DT  C5    C7     sing N N 144 
DT  C5    C6     doub N N 145 
DT  C7    H71    sing N N 146 
DT  C7    H72    sing N N 147 
DT  C7    H73    sing N N 148 
DT  C6    H6     sing N N 149 
HOH O     H1     sing N N 150 
HOH O     H2     sing N N 151 
S2M O4    C4     doub N N 152 
S2M C4    C5     sing N N 153 
S2M C4    N3     sing N N 154 
S2M C5    C6     doub N N 155 
S2M C5    C5M    sing N N 156 
S2M C6    N1     sing N N 157 
S2M C6    H6     sing N N 158 
S2M C5M   H71    sing N N 159 
S2M C5M   H72    sing N N 160 
S2M C5M   H73    sing N N 161 
S2M N3    C2     sing N N 162 
S2M N3    H3     sing N N 163 
S2M S2    C2     doub N N 164 
S2M C2    N1     sing N N 165 
S2M "C5'" "O5'"  sing N N 166 
S2M "C5'" "C4'"  sing N N 167 
S2M "C5'" "H5'"  sing N N 168 
S2M "C5'" "H5''" sing N N 169 
S2M "O5'" P      sing N N 170 
S2M P     OP2    sing N N 171 
S2M P     OP1    doub N N 172 
S2M P     OP3    sing N N 173 
S2M OP2   HOP2   sing N N 174 
S2M "C4'" "O4'"  sing N N 175 
S2M "C4'" "C3'"  sing N N 176 
S2M "C4'" "H4'"  sing N N 177 
S2M "O4'" "C1'"  sing N N 178 
S2M "C1'" N1     sing N N 179 
S2M "C1'" "C2'"  sing N N 180 
S2M "C1'" "H1'"  sing N N 181 
S2M "C2'" "C3'"  sing N N 182 
S2M "C2'" "O2'"  sing N N 183 
S2M "C2'" "H2'"  sing N N 184 
S2M "C3'" "O3'"  sing N N 185 
S2M "C3'" "H3'"  sing N N 186 
S2M "O3'" "HO3'" sing N N 187 
S2M "O2'" "CA'"  sing N N 188 
S2M "CA'" "CB'"  sing N N 189 
S2M "CA'" "HA'1" sing N N 190 
S2M "CA'" "HA'2" sing N N 191 
S2M "CB'" "OC'"  sing N N 192 
S2M "CB'" "HB'1" sing N N 193 
S2M "CB'" "HB'2" sing N N 194 
S2M "OC'" "CD'"  sing N N 195 
S2M "CD'" "HD'1" sing N N 196 
S2M "CD'" "HD'2" sing N N 197 
S2M "CD'" "HD'3" sing N N 198 
S2M OP3   HOP3   sing N N 199 
# 
_ndb_struct_conf_na.entry_id   2AXB 
_ndb_struct_conf_na.feature    'a-form double helix' 
# 
loop_
_ndb_struct_na_base_pair.model_number 
_ndb_struct_na_base_pair.i_label_asym_id 
_ndb_struct_na_base_pair.i_label_comp_id 
_ndb_struct_na_base_pair.i_label_seq_id 
_ndb_struct_na_base_pair.i_symmetry 
_ndb_struct_na_base_pair.j_label_asym_id 
_ndb_struct_na_base_pair.j_label_comp_id 
_ndb_struct_na_base_pair.j_label_seq_id 
_ndb_struct_na_base_pair.j_symmetry 
_ndb_struct_na_base_pair.shear 
_ndb_struct_na_base_pair.stretch 
_ndb_struct_na_base_pair.stagger 
_ndb_struct_na_base_pair.buckle 
_ndb_struct_na_base_pair.propeller 
_ndb_struct_na_base_pair.opening 
_ndb_struct_na_base_pair.pair_number 
_ndb_struct_na_base_pair.pair_name 
_ndb_struct_na_base_pair.i_auth_asym_id 
_ndb_struct_na_base_pair.i_auth_seq_id 
_ndb_struct_na_base_pair.i_PDB_ins_code 
_ndb_struct_na_base_pair.j_auth_asym_id 
_ndb_struct_na_base_pair.j_auth_seq_id 
_ndb_struct_na_base_pair.j_PDB_ins_code 
_ndb_struct_na_base_pair.hbond_type_28 
_ndb_struct_na_base_pair.hbond_type_12 
1 A DG  1  1_555 B DC  10 1_555 -0.505 -0.157 0.084  2.729   -5.400  -4.280 1  A_DG1:DC20_B  A 1  ? B 20 ? 19 1 
1 A DC  2  1_555 B DG  9  1_555 0.086  -0.006 -0.324 6.277   -12.962 5.196  2  A_DC2:DG19_B  A 2  ? B 19 ? 19 1 
1 A DG  3  1_555 B DC  8  1_555 -0.498 -0.156 0.012  -10.483 -17.639 -0.978 3  A_DG3:DC18_B  A 3  ? B 18 ? 19 1 
1 A DT  4  1_555 B DA  7  1_555 -0.402 -0.132 -0.302 -4.107  -18.998 1.265  4  A_DT4:DA17_B  A 4  ? B 17 ? 20 1 
1 A DA  5  1_555 B S2M 6  1_555 0.239  -0.006 0.345  -1.698  -11.257 -0.077 5  A_DA5:S2M16_B A 5  ? B 16 ? 20 1 
1 A S2M 6  1_555 B DA  5  1_555 -0.176 0.037  -0.229 7.723   -17.403 -0.285 6  A_S2M6:DA15_B A 6  ? B 15 ? 20 1 
1 A DA  7  1_555 B DT  4  1_555 -0.078 -0.178 -0.007 -1.808  -12.913 0.094  7  A_DA7:DT14_B  A 7  ? B 14 ? 20 1 
1 A DC  8  1_555 B DG  3  1_555 0.032  -0.469 -0.214 6.209   -13.825 -3.363 8  A_DC8:DG13_B  A 8  ? B 13 ? 19 1 
1 A DG  9  1_555 B DC  2  1_555 -0.292 -0.015 -0.277 -12.369 -12.033 3.367  9  A_DG9:DC12_B  A 9  ? B 12 ? 19 1 
1 A DC  10 1_555 B DG  1  1_555 0.235  -0.429 -0.009 -7.280  5.905   -1.153 10 A_DC10:DG11_B A 10 ? B 11 ? 19 1 
# 
loop_
_ndb_struct_na_base_pair_step.model_number 
_ndb_struct_na_base_pair_step.i_label_asym_id_1 
_ndb_struct_na_base_pair_step.i_label_comp_id_1 
_ndb_struct_na_base_pair_step.i_label_seq_id_1 
_ndb_struct_na_base_pair_step.i_symmetry_1 
_ndb_struct_na_base_pair_step.j_label_asym_id_1 
_ndb_struct_na_base_pair_step.j_label_comp_id_1 
_ndb_struct_na_base_pair_step.j_label_seq_id_1 
_ndb_struct_na_base_pair_step.j_symmetry_1 
_ndb_struct_na_base_pair_step.i_label_asym_id_2 
_ndb_struct_na_base_pair_step.i_label_comp_id_2 
_ndb_struct_na_base_pair_step.i_label_seq_id_2 
_ndb_struct_na_base_pair_step.i_symmetry_2 
_ndb_struct_na_base_pair_step.j_label_asym_id_2 
_ndb_struct_na_base_pair_step.j_label_comp_id_2 
_ndb_struct_na_base_pair_step.j_label_seq_id_2 
_ndb_struct_na_base_pair_step.j_symmetry_2 
_ndb_struct_na_base_pair_step.shift 
_ndb_struct_na_base_pair_step.slide 
_ndb_struct_na_base_pair_step.rise 
_ndb_struct_na_base_pair_step.tilt 
_ndb_struct_na_base_pair_step.roll 
_ndb_struct_na_base_pair_step.twist 
_ndb_struct_na_base_pair_step.x_displacement 
_ndb_struct_na_base_pair_step.y_displacement 
_ndb_struct_na_base_pair_step.helical_rise 
_ndb_struct_na_base_pair_step.inclination 
_ndb_struct_na_base_pair_step.tip 
_ndb_struct_na_base_pair_step.helical_twist 
_ndb_struct_na_base_pair_step.step_number 
_ndb_struct_na_base_pair_step.step_name 
_ndb_struct_na_base_pair_step.i_auth_asym_id_1 
_ndb_struct_na_base_pair_step.i_auth_seq_id_1 
_ndb_struct_na_base_pair_step.i_PDB_ins_code_1 
_ndb_struct_na_base_pair_step.j_auth_asym_id_1 
_ndb_struct_na_base_pair_step.j_auth_seq_id_1 
_ndb_struct_na_base_pair_step.j_PDB_ins_code_1 
_ndb_struct_na_base_pair_step.i_auth_asym_id_2 
_ndb_struct_na_base_pair_step.i_auth_seq_id_2 
_ndb_struct_na_base_pair_step.i_PDB_ins_code_2 
_ndb_struct_na_base_pair_step.j_auth_asym_id_2 
_ndb_struct_na_base_pair_step.j_auth_seq_id_2 
_ndb_struct_na_base_pair_step.j_PDB_ins_code_2 
1 A DG  1 1_555 B DC  10 1_555 A DC  2  1_555 B DG  9 1_555 0.457  -1.449 3.157 2.517  4.117  38.622 -2.648 -0.397 3.015 6.196  
-3.788  38.911 1 AA_DG1DC2:DG19DC20_BB   A 1 ? B 20 ? A 2  ? B 19 ? 
1 A DC  2 1_555 B DG  9  1_555 A DG  3  1_555 B DC  8 1_555 -0.186 -2.187 3.684 -3.522 9.541  25.687 -6.944 -0.482 2.714 20.467 
7.556   27.596 2 AA_DC2DG3:DC18DG19_BB   A 2 ? B 19 ? A 3  ? B 18 ? 
1 A DG  3 1_555 B DC  8  1_555 A DT  4  1_555 B DA  7 1_555 -0.955 -1.532 2.981 1.499  4.443  37.021 -2.911 1.667  2.746 6.962  
-2.349  37.306 3 AA_DG3DT4:DA17DC18_BB   A 3 ? B 18 ? A 4  ? B 17 ? 
1 A DT  4 1_555 B DA  7  1_555 A DA  5  1_555 B S2M 6 1_555 0.685  -1.375 3.262 -3.266 19.744 25.799 -5.399 -1.709 1.712 37.806 
6.253   32.547 4 AA_DT4DA5:S2M16DA17_BB  A 4 ? B 17 ? A 5  ? B 16 ? 
1 A DA  5 1_555 B S2M 6  1_555 A S2M 6  1_555 B DA  5 1_555 -0.002 -1.134 3.235 6.083  5.069  32.923 -2.738 0.949  2.984 8.787  
-10.545 33.836 5 AA_DA5S2M6:DA15S2M16_BB A 5 ? B 16 ? A 6  ? B 15 ? 
1 A S2M 6 1_555 B DA  5  1_555 A DA  7  1_555 B DT  4 1_555 0.110  -1.379 3.415 -2.114 17.425 27.023 -5.387 -0.551 2.142 33.213 
4.029   32.134 6 AA_S2M6DA7:DT14DA15_BB  A 6 ? B 15 ? A 7  ? B 14 ? 
1 A DA  7 1_555 B DT  4  1_555 A DC  8  1_555 B DG  3 1_555 0.211  -1.733 3.166 -1.262 2.688  33.419 -3.420 -0.562 3.012 4.663  
2.189   33.547 7 AA_DA7DC8:DG13DT14_BB   A 7 ? B 14 ? A 8  ? B 13 ? 
1 A DC  8 1_555 B DG  3  1_555 A DG  9  1_555 B DC  2 1_555 0.001  -1.880 3.714 1.320  9.215  29.270 -5.458 0.270  2.994 17.679 
-2.532  30.684 8 AA_DC8DG9:DC12DG13_BB   A 8 ? B 13 ? A 9  ? B 12 ? 
1 A DG  9 1_555 B DC  2  1_555 A DC  10 1_555 B DG  1 1_555 0.172  -1.636 3.217 1.760  3.146  34.236 -3.237 -0.027 3.064 5.326  
-2.979  34.419 9 AA_DG9DC10:DG11DC12_BB  A 9 ? B 12 ? A 10 ? B 11 ? 
# 
_atom_sites.entry_id                    2AXB 
_atom_sites.fract_transf_matrix[1][1]   -0.02335685 
_atom_sites.fract_transf_matrix[1][2]   0.01325369 
_atom_sites.fract_transf_matrix[1][3]   -0.02910525 
_atom_sites.fract_transf_matrix[2][1]   0.00247032 
_atom_sites.fract_transf_matrix[2][2]   -0.01928273 
_atom_sites.fract_transf_matrix[2][3]   -0.01076322 
_atom_sites.fract_transf_matrix[3][1]   -0.01778667 
_atom_sites.fract_transf_matrix[3][2]   -0.00816946 
_atom_sites.fract_transf_matrix[3][3]   0.01055360 
_atom_sites.fract_transf_vector[1]      0.376429 
_atom_sites.fract_transf_vector[2]      0.498957 
_atom_sites.fract_transf_vector[3]      0.208585 
# 
loop_
_atom_type.symbol 
C 
N 
O 
P 
S 
# 
loop_
_atom_site.group_PDB 
_atom_site.id 
_atom_site.type_symbol 
_atom_site.label_atom_id 
_atom_site.label_alt_id 
_atom_site.label_comp_id 
_atom_site.label_asym_id 
_atom_site.label_entity_id 
_atom_site.label_seq_id 
_atom_site.pdbx_PDB_ins_code 
_atom_site.Cartn_x 
_atom_site.Cartn_y 
_atom_site.Cartn_z 
_atom_site.occupancy 
_atom_site.B_iso_or_equiv 
_atom_site.pdbx_formal_charge 
_atom_site.auth_seq_id 
_atom_site.auth_comp_id 
_atom_site.auth_asym_id 
_atom_site.auth_atom_id 
_atom_site.pdbx_PDB_model_num 
ATOM   1   O "O5'" . DG  A 1 1  ? -1.005  -10.543 6.728   1.00 18.71 ? 1  DG  A "O5'" 1 
ATOM   2   C "C5'" . DG  A 1 1  ? -2.207  -10.263 6.002   1.00 16.73 ? 1  DG  A "C5'" 1 
ATOM   3   C "C4'" . DG  A 1 1  ? -3.473  -10.543 6.810   1.00 16.79 ? 1  DG  A "C4'" 1 
ATOM   4   O "O4'" . DG  A 1 1  ? -3.245  -10.589 8.241   1.00 18.83 ? 1  DG  A "O4'" 1 
ATOM   5   C "C3'" . DG  A 1 1  ? -4.535  -9.484  6.616   1.00 15.10 ? 1  DG  A "C3'" 1 
ATOM   6   O "O3'" . DG  A 1 1  ? -5.443  -9.946  5.651   1.00 12.01 ? 1  DG  A "O3'" 1 
ATOM   7   C "C2'" . DG  A 1 1  ? -5.166  -9.225  7.988   1.00 14.89 ? 1  DG  A "C2'" 1 
ATOM   8   C "C1'" . DG  A 1 1  ? -4.075  -9.673  8.944   1.00 15.49 ? 1  DG  A "C1'" 1 
ATOM   9   N N9    . DG  A 1 1  ? -3.239  -8.569  9.408   1.00 13.28 ? 1  DG  A N9    1 
ATOM   10  C C8    . DG  A 1 1  ? -1.877  -8.452  9.309   1.00 13.21 ? 1  DG  A C8    1 
ATOM   11  N N7    . DG  A 1 1  ? -1.421  -7.319  9.794   1.00 13.38 ? 1  DG  A N7    1 
ATOM   12  C C5    . DG  A 1 1  ? -2.569  -6.672  10.242  1.00 10.08 ? 1  DG  A C5    1 
ATOM   13  C C6    . DG  A 1 1  ? -2.698  -5.417  10.872  1.00 9.55  ? 1  DG  A C6    1 
ATOM   14  O O6    . DG  A 1 1  ? -1.788  -4.625  11.147  1.00 7.94  ? 1  DG  A O6    1 
ATOM   15  N N1    . DG  A 1 1  ? -4.039  -5.114  11.153  1.00 8.42  ? 1  DG  A N1    1 
ATOM   16  C C2    . DG  A 1 1  ? -5.092  -5.948  10.871  1.00 11.39 ? 1  DG  A C2    1 
ATOM   17  N N2    . DG  A 1 1  ? -6.301  -5.491  11.240  1.00 13.13 ? 1  DG  A N2    1 
ATOM   18  N N3    . DG  A 1 1  ? -4.983  -7.135  10.282  1.00 6.03  ? 1  DG  A N3    1 
ATOM   19  C C4    . DG  A 1 1  ? -3.693  -7.420  10.002  1.00 10.21 ? 1  DG  A C4    1 
ATOM   20  P P     . DC  A 1 2  ? -5.607  -8.987  4.394   1.00 12.00 ? 2  DC  A P     1 
ATOM   21  O OP1   . DC  A 1 2  ? -6.434  -9.694  3.386   1.00 14.93 ? 2  DC  A OP1   1 
ATOM   22  O OP2   . DC  A 1 2  ? -4.287  -8.407  4.114   1.00 14.98 ? 2  DC  A OP2   1 
ATOM   23  O "O5'" . DC  A 1 2  ? -6.467  -7.828  5.049   1.00 11.09 ? 2  DC  A "O5'" 1 
ATOM   24  C "C5'" . DC  A 1 2  ? -7.735  -8.125  5.569   1.00 12.07 ? 2  DC  A "C5'" 1 
ATOM   25  C "C4'" . DC  A 1 2  ? -8.169  -6.881  6.273   1.00 10.91 ? 2  DC  A "C4'" 1 
ATOM   26  O "O4'" . DC  A 1 2  ? -7.165  -6.628  7.281   1.00 11.64 ? 2  DC  A "O4'" 1 
ATOM   27  C "C3'" . DC  A 1 2  ? -8.159  -5.655  5.363   1.00 12.62 ? 2  DC  A "C3'" 1 
ATOM   28  O "O3'" . DC  A 1 2  ? -9.411  -5.549  4.695   1.00 14.10 ? 2  DC  A "O3'" 1 
ATOM   29  C "C2'" . DC  A 1 2  ? -7.861  -4.530  6.343   1.00 11.81 ? 2  DC  A "C2'" 1 
ATOM   30  C "C1'" . DC  A 1 2  ? -7.190  -5.240  7.516   1.00 11.21 ? 2  DC  A "C1'" 1 
ATOM   31  N N1    . DC  A 1 2  ? -5.786  -4.897  7.631   1.00 8.22  ? 2  DC  A N1    1 
ATOM   32  C C2    . DC  A 1 2  ? -5.456  -3.757  8.345   1.00 10.52 ? 2  DC  A C2    1 
ATOM   33  O O2    . DC  A 1 2  ? -6.354  -3.080  8.862   1.00 6.93  ? 2  DC  A O2    1 
ATOM   34  N N3    . DC  A 1 2  ? -4.143  -3.465  8.432   1.00 6.90  ? 2  DC  A N3    1 
ATOM   35  C C4    . DC  A 1 2  ? -3.222  -4.246  7.865   1.00 11.12 ? 2  DC  A C4    1 
ATOM   36  N N4    . DC  A 1 2  ? -1.950  -3.880  7.998   1.00 8.64  ? 2  DC  A N4    1 
ATOM   37  C C5    . DC  A 1 2  ? -3.554  -5.425  7.126   1.00 9.93  ? 2  DC  A C5    1 
ATOM   38  C C6    . DC  A 1 2  ? -4.845  -5.711  7.027   1.00 10.74 ? 2  DC  A C6    1 
ATOM   39  P P     . DG  A 1 3  ? -9.713  -4.495  3.521   1.00 14.08 ? 3  DG  A P     1 
ATOM   40  O OP1   . DG  A 1 3  ? -11.067 -4.847  2.977   1.00 16.19 ? 3  DG  A OP1   1 
ATOM   41  O OP2   . DG  A 1 3  ? -8.526  -4.424  2.642   1.00 11.06 ? 3  DG  A OP2   1 
ATOM   42  O "O5'" . DG  A 1 3  ? -9.759  -3.085  4.287   1.00 10.81 ? 3  DG  A "O5'" 1 
ATOM   43  C "C5'" . DG  A 1 3  ? -8.979  -2.037  3.777   1.00 10.44 ? 3  DG  A "C5'" 1 
ATOM   44  C "C4'" . DG  A 1 3  ? -8.944  -0.871  4.747   1.00 10.27 ? 3  DG  A "C4'" 1 
ATOM   45  O "O4'" . DG  A 1 3  ? -8.103  -1.236  5.882   1.00 10.85 ? 3  DG  A "O4'" 1 
ATOM   46  C "C3'" . DG  A 1 3  ? -8.390  0.443   4.201   1.00 9.72  ? 3  DG  A "C3'" 1 
ATOM   47  O "O3'" . DG  A 1 3  ? -9.405  1.250   3.478   1.00 12.15 ? 3  DG  A "O3'" 1 
ATOM   48  C "C2'" . DG  A 1 3  ? -7.851  1.051   5.505   1.00 11.72 ? 3  DG  A "C2'" 1 
ATOM   49  C "C1'" . DG  A 1 3  ? -7.317  -0.138  6.308   1.00 10.28 ? 3  DG  A "C1'" 1 
ATOM   50  N N9    . DG  A 1 3  ? -5.859  -0.367  6.172   1.00 9.55  ? 3  DG  A N9    1 
ATOM   51  C C8    . DG  A 1 3  ? -5.222  -1.476  5.685   1.00 8.86  ? 3  DG  A C8    1 
ATOM   52  N N7    . DG  A 1 3  ? -3.929  -1.380  5.672   1.00 6.02  ? 3  DG  A N7    1 
ATOM   53  C C5    . DG  A 1 3  ? -3.667  -0.106  6.185   1.00 6.94  ? 3  DG  A C5    1 
ATOM   54  C C6    . DG  A 1 3  ? -2.429  0.583   6.397   1.00 6.05  ? 3  DG  A C6    1 
ATOM   55  O O6    . DG  A 1 3  ? -1.293  0.173   6.203   1.00 5.48  ? 3  DG  A O6    1 
ATOM   56  N N1    . DG  A 1 3  ? -2.579  1.840   6.941   1.00 5.97  ? 3  DG  A N1    1 
ATOM   57  C C2    . DG  A 1 3  ? -3.802  2.389   7.203   1.00 8.77  ? 3  DG  A C2    1 
ATOM   58  N N2    . DG  A 1 3  ? -3.798  3.633   7.715   1.00 6.65  ? 3  DG  A N2    1 
ATOM   59  N N3    . DG  A 1 3  ? -4.956  1.776   7.013   1.00 7.66  ? 3  DG  A N3    1 
ATOM   60  C C4    . DG  A 1 3  ? -4.837  0.521   6.491   1.00 7.54  ? 3  DG  A C4    1 
ATOM   61  P P     . DT  A 1 4  ? -9.077  2.574   2.599   1.00 9.71  ? 4  DT  A P     1 
ATOM   62  O OP1   . DT  A 1 4  ? -10.289 3.404   2.306   1.00 13.37 ? 4  DT  A OP1   1 
ATOM   63  O OP2   . DT  A 1 4  ? -8.201  2.149   1.473   1.00 10.09 ? 4  DT  A OP2   1 
ATOM   64  O "O5'" . DT  A 1 4  ? -8.193  3.459   3.592   1.00 15.25 ? 4  DT  A "O5'" 1 
ATOM   65  C "C5'" . DT  A 1 4  ? -8.794  4.362   4.528   1.00 10.34 ? 4  DT  A "C5'" 1 
ATOM   66  C "C4'" . DT  A 1 4  ? -7.957  5.628   4.720   1.00 9.33  ? 4  DT  A "C4'" 1 
ATOM   67  O "O4'" . DT  A 1 4  ? -6.749  5.297   5.468   1.00 9.66  ? 4  DT  A "O4'" 1 
ATOM   68  C "C3'" . DT  A 1 4  ? -7.417  6.194   3.419   1.00 9.71  ? 4  DT  A "C3'" 1 
ATOM   69  O "O3'" . DT  A 1 4  ? -8.373  7.080   2.813   1.00 13.12 ? 4  DT  A "O3'" 1 
ATOM   70  C "C2'" . DT  A 1 4  ? -6.104  6.854   3.834   1.00 9.51  ? 4  DT  A "C2'" 1 
ATOM   71  C "C1'" . DT  A 1 4  ? -5.617  5.956   4.966   1.00 7.96  ? 4  DT  A "C1'" 1 
ATOM   72  N N1    . DT  A 1 4  ? -4.642  4.944   4.592   1.00 10.73 ? 4  DT  A N1    1 
ATOM   73  C C2    . DT  A 1 4  ? -3.322  5.170   4.905   1.00 11.90 ? 4  DT  A C2    1 
ATOM   74  O O2    . DT  A 1 4  ? -2.953  6.189   5.459   1.00 12.70 ? 4  DT  A O2    1 
ATOM   75  N N3    . DT  A 1 4  ? -2.478  4.156   4.540   1.00 11.43 ? 4  DT  A N3    1 
ATOM   76  C C4    . DT  A 1 4  ? -2.820  2.952   3.929   1.00 8.08  ? 4  DT  A C4    1 
ATOM   77  O O4    . DT  A 1 4  ? -1.970  2.105   3.663   1.00 10.45 ? 4  DT  A O4    1 
ATOM   78  C C5    . DT  A 1 4  ? -4.225  2.784   3.629   1.00 8.40  ? 4  DT  A C5    1 
ATOM   79  C C7    . DT  A 1 4  ? -4.762  1.544   2.955   1.00 9.75  ? 4  DT  A C7    1 
ATOM   80  C C6    . DT  A 1 4  ? -5.048  3.777   3.996   1.00 7.95  ? 4  DT  A C6    1 
ATOM   81  P P     . DA  A 1 5  ? -8.229  7.338   1.244   1.00 13.74 ? 5  DA  A P     1 
ATOM   82  O OP1   . DA  A 1 5  ? -9.276  8.320   0.839   1.00 11.51 ? 5  DA  A OP1   1 
ATOM   83  O OP2   . DA  A 1 5  ? -8.124  6.083   0.483   1.00 14.53 ? 5  DA  A OP2   1 
ATOM   84  O "O5'" . DA  A 1 5  ? -6.766  8.039   1.162   1.00 13.55 ? 5  DA  A "O5'" 1 
ATOM   85  C "C5'" . DA  A 1 5  ? -5.937  7.990   -0.005  1.00 10.05 ? 5  DA  A "C5'" 1 
ATOM   86  C "C4'" . DA  A 1 5  ? -4.467  8.317   0.218   1.00 10.50 ? 5  DA  A "C4'" 1 
ATOM   87  O "O4'" . DA  A 1 5  ? -3.852  7.542   1.292   1.00 9.21  ? 5  DA  A "O4'" 1 
ATOM   88  C "C3'" . DA  A 1 5  ? -3.561  7.978   -0.954  1.00 9.40  ? 5  DA  A "C3'" 1 
ATOM   89  O "O3'" . DA  A 1 5  ? -3.766  8.842   -2.042  1.00 11.28 ? 5  DA  A "O3'" 1 
ATOM   90  C "C2'" . DA  A 1 5  ? -2.195  8.076   -0.312  1.00 8.31  ? 5  DA  A "C2'" 1 
ATOM   91  C "C1'" . DA  A 1 5  ? -2.462  7.451   1.039   1.00 8.73  ? 5  DA  A "C1'" 1 
ATOM   92  N N9    . DA  A 1 5  ? -2.111  6.061   1.034   1.00 7.69  ? 5  DA  A N9    1 
ATOM   93  C C8    . DA  A 1 5  ? -2.968  5.003   0.902   1.00 8.19  ? 5  DA  A C8    1 
ATOM   94  N N7    . DA  A 1 5  ? -2.346  3.851   0.941   1.00 6.48  ? 5  DA  A N7    1 
ATOM   95  C C5    . DA  A 1 5  ? -1.026  4.186   1.081   1.00 7.90  ? 5  DA  A C5    1 
ATOM   96  C C6    . DA  A 1 5  ? 0.116   3.395   1.140   1.00 5.94  ? 5  DA  A C6    1 
ATOM   97  N N6    . DA  A 1 5  ? 0.052   2.071   1.113   1.00 6.84  ? 5  DA  A N6    1 
ATOM   98  N N1    . DA  A 1 5  ? 1.324   3.984   1.314   1.00 6.12  ? 5  DA  A N1    1 
ATOM   99  C C2    . DA  A 1 5  ? 1.345   5.305   1.357   1.00 7.24  ? 5  DA  A C2    1 
ATOM   100 N N3    . DA  A 1 5  ? 0.329   6.169   1.301   1.00 8.57  ? 5  DA  A N3    1 
ATOM   101 C C4    . DA  A 1 5  ? -0.845  5.534   1.156   1.00 10.14 ? 5  DA  A C4    1 
HETATM 102 O O4    . S2M A 1 6  ? 0.032   2.919   -2.344  1.00 11.06 ? 6  S2M A O4    1 
HETATM 103 C C4    . S2M A 1 6  ? 0.452   4.070   -2.414  1.00 15.46 ? 6  S2M A C4    1 
HETATM 104 C C5    . S2M A 1 6  ? -0.348  5.085   -2.794  1.00 16.07 ? 6  S2M A C5    1 
HETATM 105 C C6    . S2M A 1 6  ? 0.100   6.257   -2.853  1.00 15.62 ? 6  S2M A C6    1 
HETATM 106 C C5M   . S2M A 1 6  ? -1.779  4.830   -3.154  1.00 20.38 ? 6  S2M A C5M   1 
HETATM 107 N N3    . S2M A 1 6  ? 1.715   4.375   -2.096  1.00 14.26 ? 6  S2M A N3    1 
HETATM 108 S S2    . S2M A 1 6  ? 3.908   5.823   -1.727  1.00 18.11 ? 6  S2M A S2    1 
HETATM 109 C C2    . S2M A 1 6  ? 2.282   5.584   -2.148  1.00 14.41 ? 6  S2M A C2    1 
HETATM 110 C "C5'" . S2M A 1 6  ? -1.197  9.692   -4.002  1.00 14.87 ? 6  S2M A "C5'" 1 
HETATM 111 O "O5'" . S2M A 1 6  ? -1.898  8.555   -3.511  1.00 11.37 ? 6  S2M A "O5'" 1 
HETATM 112 P P     . S2M A 1 6  ? -3.495  8.489   -3.544  1.00 13.96 ? 6  S2M A P     1 
HETATM 113 O OP2   . S2M A 1 6  ? -3.782  7.145   -4.163  1.00 11.03 ? 6  S2M A OP2   1 
HETATM 114 O OP1   . S2M A 1 6  ? -4.051  9.745   -4.190  1.00 15.08 ? 6  S2M A OP1   1 
HETATM 115 C "C4'" . S2M A 1 6  ? 0.299   9.501   -3.788  1.00 12.04 ? 6  S2M A "C4'" 1 
HETATM 116 O "O4'" . S2M A 1 6  ? 0.519   8.782   -2.537  1.00 12.68 ? 6  S2M A "O4'" 1 
HETATM 117 C "C1'" . S2M A 1 6  ? 1.693   7.973   -2.701  1.00 12.60 ? 6  S2M A "C1'" 1 
HETATM 118 N N1    . S2M A 1 6  ? 1.323   6.553   -2.581  1.00 12.23 ? 6  S2M A N1    1 
HETATM 119 C "C2'" . S2M A 1 6  ? 2.190   8.338   -4.095  1.00 14.45 ? 6  S2M A "C2'" 1 
HETATM 120 C "C3'" . S2M A 1 6  ? 1.088   8.895   -4.982  1.00 14.41 ? 6  S2M A "C3'" 1 
HETATM 121 O "O3'" . S2M A 1 6  ? 1.573   9.965   -5.786  1.00 15.54 ? 6  S2M A "O3'" 1 
HETATM 122 O "O2'" . S2M A 1 6  ? 3.010   9.472   -3.886  1.00 18.10 ? 6  S2M A "O2'" 1 
HETATM 123 C "CA'" . S2M A 1 6  ? 4.144   9.492   -2.999  1.00 20.06 ? 6  S2M A "CA'" 1 
HETATM 124 C "CB'" . S2M A 1 6  ? 3.923   10.290  -1.941  1.00 18.61 ? 6  S2M A "CB'" 1 
HETATM 125 O "OC'" . S2M A 1 6  ? 3.085   11.483  -2.128  1.00 20.06 ? 6  S2M A "OC'" 1 
HETATM 126 C "CD'" . S2M A 1 6  ? 1.810   11.632  -1.511  1.00 19.41 ? 6  S2M A "CD'" 1 
ATOM   127 P P     . DA  A 1 7  ? 0.999   8.849   -6.757  1.00 13.29 ? 7  DA  A P     1 
ATOM   128 O OP1   . DA  A 1 7  ? 1.259   9.897   -7.776  1.00 10.43 ? 7  DA  A OP1   1 
ATOM   129 O OP2   . DA  A 1 7  ? -0.040  7.929   -7.284  1.00 12.39 ? 7  DA  A OP2   1 
ATOM   130 O "O5'" . DA  A 1 7  ? 2.315   7.950   -6.877  1.00 13.03 ? 7  DA  A "O5'" 1 
ATOM   131 C "C5'" . DA  A 1 7  ? 3.571   8.475   -7.263  1.00 11.31 ? 7  DA  A "C5'" 1 
ATOM   132 C "C4'" . DA  A 1 7  ? 4.598   7.364   -7.212  1.00 5.61  ? 7  DA  A "C4'" 1 
ATOM   133 O "O4'" . DA  A 1 7  ? 4.441   6.710   -5.912  1.00 8.37  ? 7  DA  A "O4'" 1 
ATOM   134 C "C3'" . DA  A 1 7  ? 4.491   6.195   -8.191  1.00 7.81  ? 7  DA  A "C3'" 1 
ATOM   135 O "O3'" . DA  A 1 7  ? 5.022   6.464   -9.506  1.00 14.44 ? 7  DA  A "O3'" 1 
ATOM   136 C "C2'" . DA  A 1 7  ? 5.305   5.140   -7.470  1.00 5.92  ? 7  DA  A "C2'" 1 
ATOM   137 C "C1'" . DA  A 1 7  ? 4.862   5.368   -6.030  1.00 8.17  ? 7  DA  A "C1'" 1 
ATOM   138 N N9    . DA  A 1 7  ? 3.769   4.489   -5.703  1.00 6.16  ? 7  DA  A N9    1 
ATOM   139 C C8    . DA  A 1 7  ? 2.439   4.784   -5.677  1.00 6.27  ? 7  DA  A C8    1 
ATOM   140 N N7    . DA  A 1 7  ? 1.708   3.770   -5.337  1.00 5.99  ? 7  DA  A N7    1 
ATOM   141 C C5    . DA  A 1 7  ? 2.621   2.723   -5.213  1.00 5.76  ? 7  DA  A C5    1 
ATOM   142 C C6    . DA  A 1 7  ? 2.498   1.357   -4.861  1.00 5.64  ? 7  DA  A C6    1 
ATOM   143 N N6    . DA  A 1 7  ? 1.311   0.763   -4.625  1.00 6.71  ? 7  DA  A N6    1 
ATOM   144 N N1    . DA  A 1 7  ? 3.627   0.610   -4.777  1.00 6.31  ? 7  DA  A N1    1 
ATOM   145 C C2    . DA  A 1 7  ? 4.816   1.191   -5.014  1.00 5.14  ? 7  DA  A C2    1 
ATOM   146 N N3    . DA  A 1 7  ? 5.043   2.465   -5.343  1.00 5.80  ? 7  DA  A N3    1 
ATOM   147 C C4    . DA  A 1 7  ? 3.889   3.155   -5.418  1.00 6.00  ? 7  DA  A C4    1 
ATOM   148 P P     . DC  A 1 8  ? 4.512   5.692   -10.830 1.00 11.77 ? 8  DC  A P     1 
ATOM   149 O OP1   . DC  A 1 8  ? 5.116   6.432   -11.962 1.00 12.32 ? 8  DC  A OP1   1 
ATOM   150 O OP2   . DC  A 1 8  ? 3.034   5.559   -10.764 1.00 14.11 ? 8  DC  A OP2   1 
ATOM   151 O "O5'" . DC  A 1 8  ? 5.177   4.254   -10.673 1.00 11.85 ? 8  DC  A "O5'" 1 
ATOM   152 C "C5'" . DC  A 1 8  ? 6.545   4.155   -10.838 1.00 8.13  ? 8  DC  A "C5'" 1 
ATOM   153 C "C4'" . DC  A 1 8  ? 6.931   2.785   -10.313 1.00 8.57  ? 8  DC  A "C4'" 1 
ATOM   154 O "O4'" . DC  A 1 8  ? 6.279   2.528   -9.036  1.00 10.73 ? 8  DC  A "O4'" 1 
ATOM   155 C "C3'" . DC  A 1 8  ? 6.491   1.623   -11.201 1.00 9.64  ? 8  DC  A "C3'" 1 
ATOM   156 O "O3'" . DC  A 1 8  ? 7.249   1.402   -12.414 1.00 8.42  ? 8  DC  A "O3'" 1 
ATOM   157 C "C2'" . DC  A 1 8  ? 6.560   0.483   -10.201 1.00 9.27  ? 8  DC  A "C2'" 1 
ATOM   158 C "C1'" . DC  A 1 8  ? 6.101   1.130   -8.886  1.00 7.96  ? 8  DC  A "C1'" 1 
ATOM   159 N N1    . DC  A 1 8  ? 4.682   0.869   -8.541  1.00 4.53  ? 8  DC  A N1    1 
ATOM   160 C C2    . DC  A 1 8  ? 4.299   -0.387  -8.041  1.00 4.99  ? 8  DC  A C2    1 
ATOM   161 O O2    . DC  A 1 8  ? 5.167   -1.290  -7.880  1.00 5.10  ? 8  DC  A O2    1 
ATOM   162 N N3    . DC  A 1 8  ? 2.998   -0.591  -7.756  1.00 6.90  ? 8  DC  A N3    1 
ATOM   163 C C4    . DC  A 1 8  ? 2.094   0.367   -7.955  1.00 4.39  ? 8  DC  A C4    1 
ATOM   164 N N4    . DC  A 1 8  ? 0.828   0.065   -7.615  1.00 6.20  ? 8  DC  A N4    1 
ATOM   165 C C5    . DC  A 1 8  ? 2.465   1.671   -8.445  1.00 4.18  ? 8  DC  A C5    1 
ATOM   166 C C6    . DC  A 1 8  ? 3.768   1.859   -8.750  1.00 4.24  ? 8  DC  A C6    1 
ATOM   167 P P     . DG  A 1 9  ? 6.388   0.869   -13.661 1.00 12.66 ? 9  DG  A P     1 
ATOM   168 O OP1   . DG  A 1 9  ? 7.223   0.994   -14.888 1.00 9.62  ? 9  DG  A OP1   1 
ATOM   169 O OP2   . DG  A 1 9  ? 5.054   1.495   -13.526 1.00 13.16 ? 9  DG  A OP2   1 
ATOM   170 O "O5'" . DG  A 1 9  ? 6.271   -0.645  -13.223 1.00 10.28 ? 9  DG  A "O5'" 1 
ATOM   171 C "C5'" . DG  A 1 9  ? 7.375   -1.522  -13.292 1.00 13.41 ? 9  DG  A "C5'" 1 
ATOM   172 C "C4'" . DG  A 1 9  ? 6.953   -2.864  -12.735 1.00 14.48 ? 9  DG  A "C4'" 1 
ATOM   173 O "O4'" . DG  A 1 9  ? 6.203   -2.646  -11.514 1.00 15.20 ? 9  DG  A "O4'" 1 
ATOM   174 C "C3'" . DG  A 1 9  ? 5.943   -3.669  -13.528 1.00 13.59 ? 9  DG  A "C3'" 1 
ATOM   175 O "O3'" . DG  A 1 9  ? 6.431   -4.185  -14.781 1.00 12.98 ? 9  DG  A "O3'" 1 
ATOM   176 C "C2'" . DG  A 1 9  ? 5.597   -4.703  -12.469 1.00 12.41 ? 9  DG  A "C2'" 1 
ATOM   177 C "C1'" . DG  A 1 9  ? 5.389   -3.787  -11.255 1.00 13.63 ? 9  DG  A "C1'" 1 
ATOM   178 N N9    . DG  A 1 9  ? 4.042   -3.249  -11.033 1.00 13.48 ? 9  DG  A N9    1 
ATOM   179 C C8    . DG  A 1 9  ? 3.705   -1.925  -11.174 1.00 14.52 ? 9  DG  A C8    1 
ATOM   180 N N7    . DG  A 1 9  ? 2.456   -1.671  -10.938 1.00 12.70 ? 9  DG  A N7    1 
ATOM   181 C C5    . DG  A 1 9  ? 1.894   -2.883  -10.604 1.00 8.70  ? 9  DG  A C5    1 
ATOM   182 C C6    . DG  A 1 9  ? 0.557   -3.216  -10.232 1.00 9.68  ? 9  DG  A C6    1 
ATOM   183 O O6    . DG  A 1 9  ? -0.485  -2.531  -10.108 1.00 7.56  ? 9  DG  A O6    1 
ATOM   184 N N1    . DG  A 1 9  ? 0.466   -4.572  -9.975  1.00 10.25 ? 9  DG  A N1    1 
ATOM   185 C C2    . DG  A 1 9  ? 1.499   -5.482  -10.071 1.00 11.43 ? 9  DG  A C2    1 
ATOM   186 N N2    . DG  A 1 9  ? 1.211   -6.757  -9.778  1.00 14.57 ? 9  DG  A N2    1 
ATOM   187 N N3    . DG  A 1 9  ? 2.747   -5.187  -10.405 1.00 10.76 ? 9  DG  A N3    1 
ATOM   188 C C4    . DG  A 1 9  ? 2.870   -3.871  -10.662 1.00 10.64 ? 9  DG  A C4    1 
ATOM   189 P P     . DC  A 1 10 ? 5.433   -4.388  -16.018 1.00 12.14 ? 10 DC  A P     1 
ATOM   190 O OP1   . DC  A 1 10 ? 6.202   -4.996  -17.136 1.00 10.28 ? 10 DC  A OP1   1 
ATOM   191 O OP2   . DC  A 1 10 ? 4.769   -3.078  -16.252 1.00 13.99 ? 10 DC  A OP2   1 
ATOM   192 O "O5'" . DC  A 1 10 ? 4.352   -5.479  -15.603 1.00 10.57 ? 10 DC  A "O5'" 1 
ATOM   193 C "C5'" . DC  A 1 10 ? 4.763   -6.786  -15.197 1.00 11.80 ? 10 DC  A "C5'" 1 
ATOM   194 C "C4'" . DC  A 1 10 ? 3.575   -7.700  -14.919 1.00 12.05 ? 10 DC  A "C4'" 1 
ATOM   195 O "O4'" . DC  A 1 10 ? 2.855   -7.380  -13.685 1.00 10.98 ? 10 DC  A "O4'" 1 
ATOM   196 C "C3'" . DC  A 1 10 ? 2.541   -7.748  -16.041 1.00 12.23 ? 10 DC  A "C3'" 1 
ATOM   197 O "O3'" . DC  A 1 10 ? 2.898   -8.779  -17.005 1.00 8.05  ? 10 DC  A "O3'" 1 
ATOM   198 C "C2'" . DC  A 1 10 ? 1.228   -8.018  -15.285 1.00 13.05 ? 10 DC  A "C2'" 1 
ATOM   199 C "C1'" . DC  A 1 10 ? 1.450   -7.464  -13.876 1.00 8.84  ? 10 DC  A "C1'" 1 
ATOM   200 N N1    . DC  A 1 10 ? 0.721   -6.177  -13.634 1.00 9.01  ? 10 DC  A N1    1 
ATOM   201 C C2    . DC  A 1 10 ? -0.590  -6.241  -13.154 1.00 4.62  ? 10 DC  A C2    1 
ATOM   202 O O2    . DC  A 1 10 ? -1.103  -7.358  -12.935 1.00 7.82  ? 10 DC  A O2    1 
ATOM   203 N N3    . DC  A 1 10 ? -1.291  -5.100  -12.952 1.00 6.52  ? 10 DC  A N3    1 
ATOM   204 C C4    . DC  A 1 10 ? -0.731  -3.921  -13.179 1.00 6.37  ? 10 DC  A C4    1 
ATOM   205 N N4    . DC  A 1 10 ? -1.462  -2.830  -12.950 1.00 10.52 ? 10 DC  A N4    1 
ATOM   206 C C5    . DC  A 1 10 ? 0.594   -3.825  -13.676 1.00 7.35  ? 10 DC  A C5    1 
ATOM   207 C C6    . DC  A 1 10 ? 1.294   -4.959  -13.890 1.00 6.24  ? 10 DC  A C6    1 
ATOM   208 O "O5'" . DG  B 1 1  ? -11.167 -4.957  -7.314  1.00 19.74 ? 11 DG  B "O5'" 1 
ATOM   209 C "C5'" . DG  B 1 1  ? -11.076 -5.298  -8.718  1.00 20.58 ? 11 DG  B "C5'" 1 
ATOM   210 C "C4'" . DG  B 1 1  ? -10.317 -6.598  -8.873  1.00 20.15 ? 11 DG  B "C4'" 1 
ATOM   211 O "O4'" . DG  B 1 1  ? -9.356  -6.503  -9.964  1.00 19.86 ? 11 DG  B "O4'" 1 
ATOM   212 C "C3'" . DG  B 1 1  ? -9.518  -6.934  -7.623  1.00 20.52 ? 11 DG  B "C3'" 1 
ATOM   213 O "O3'" . DG  B 1 1  ? -9.421  -8.342  -7.349  1.00 19.61 ? 11 DG  B "O3'" 1 
ATOM   214 C "C2'" . DG  B 1 1  ? -8.171  -6.328  -7.942  1.00 20.78 ? 11 DG  B "C2'" 1 
ATOM   215 C "C1'" . DG  B 1 1  ? -8.040  -6.589  -9.441  1.00 18.32 ? 11 DG  B "C1'" 1 
ATOM   216 N N9    . DG  B 1 1  ? -7.192  -5.583  -10.061 1.00 15.61 ? 11 DG  B N9    1 
ATOM   217 C C8    . DG  B 1 1  ? -7.476  -4.236  -10.084 1.00 17.59 ? 11 DG  B C8    1 
ATOM   218 N N7    . DG  B 1 1  ? -6.559  -3.525  -10.674 1.00 16.69 ? 11 DG  B N7    1 
ATOM   219 C C5    . DG  B 1 1  ? -5.601  -4.450  -11.059 1.00 16.02 ? 11 DG  B C5    1 
ATOM   220 C C6    . DG  B 1 1  ? -4.373  -4.225  -11.737 1.00 14.95 ? 11 DG  B C6    1 
ATOM   221 O O6    . DG  B 1 1  ? -3.891  -3.159  -12.145 1.00 14.39 ? 11 DG  B O6    1 
ATOM   222 N N1    . DG  B 1 1  ? -3.686  -5.415  -11.922 1.00 16.19 ? 11 DG  B N1    1 
ATOM   223 C C2    . DG  B 1 1  ? -4.111  -6.661  -11.518 1.00 16.02 ? 11 DG  B C2    1 
ATOM   224 N N2    . DG  B 1 1  ? -3.266  -7.669  -11.829 1.00 12.14 ? 11 DG  B N2    1 
ATOM   225 N N3    . DG  B 1 1  ? -5.269  -6.892  -10.884 1.00 14.21 ? 11 DG  B N3    1 
ATOM   226 C C4    . DG  B 1 1  ? -5.962  -5.731  -10.683 1.00 14.96 ? 11 DG  B C4    1 
ATOM   227 P P     . DC  B 1 2  ? -8.548  -8.786  -6.081  1.00 22.87 ? 12 DC  B P     1 
ATOM   228 O OP1   . DC  B 1 2  ? -9.218  -9.978  -5.521  1.00 21.22 ? 12 DC  B OP1   1 
ATOM   229 O OP2   . DC  B 1 2  ? -8.398  -7.566  -5.267  1.00 25.82 ? 12 DC  B OP2   1 
ATOM   230 O "O5'" . DC  B 1 2  ? -7.089  -9.089  -6.703  1.00 18.32 ? 12 DC  B "O5'" 1 
ATOM   231 C "C5'" . DC  B 1 2  ? -6.483  -10.417 -6.824  1.00 17.75 ? 12 DC  B "C5'" 1 
ATOM   232 C "C4'" . DC  B 1 2  ? -4.983  -10.338 -7.082  1.00 14.88 ? 12 DC  B "C4'" 1 
ATOM   233 O "O4'" . DC  B 1 2  ? -4.728  -9.441  -8.168  1.00 11.97 ? 12 DC  B "O4'" 1 
ATOM   234 C "C3'" . DC  B 1 2  ? -4.134  -9.697  -5.991  1.00 15.72 ? 12 DC  B "C3'" 1 
ATOM   235 O "O3'" . DC  B 1 2  ? -3.957  -10.565 -4.915  1.00 17.05 ? 12 DC  B "O3'" 1 
ATOM   236 C "C2'" . DC  B 1 2  ? -2.836  -9.397  -6.729  1.00 14.32 ? 12 DC  B "C2'" 1 
ATOM   237 C "C1'" . DC  B 1 2  ? -3.413  -8.914  -8.032  1.00 12.16 ? 12 DC  B "C1'" 1 
ATOM   238 N N1    . DC  B 1 2  ? -3.376  -7.432  -8.176  1.00 10.01 ? 12 DC  B N1    1 
ATOM   239 C C2    . DC  B 1 2  ? -2.262  -6.900  -8.858  1.00 10.96 ? 12 DC  B C2    1 
ATOM   240 O O2    . DC  B 1 2  ? -1.364  -7.637  -9.291  1.00 11.70 ? 12 DC  B O2    1 
ATOM   241 N N3    . DC  B 1 2  ? -2.175  -5.562  -9.038  1.00 8.96  ? 12 DC  B N3    1 
ATOM   242 C C4    . DC  B 1 2  ? -3.136  -4.772  -8.573  1.00 11.79 ? 12 DC  B C4    1 
ATOM   243 N N4    . DC  B 1 2  ? -2.916  -3.475  -8.818  1.00 10.67 ? 12 DC  B N4    1 
ATOM   244 C C5    . DC  B 1 2  ? -4.279  -5.281  -7.866  1.00 12.11 ? 12 DC  B C5    1 
ATOM   245 C C6    . DC  B 1 2  ? -4.351  -6.619  -7.679  1.00 11.09 ? 12 DC  B C6    1 
ATOM   246 P P     . DG  B 1 3  ? -3.024  -10.131 -3.679  1.00 21.29 ? 13 DG  B P     1 
ATOM   247 O OP1   . DG  B 1 3  ? -2.416  -11.333 -3.070  1.00 21.23 ? 13 DG  B OP1   1 
ATOM   248 O OP2   . DG  B 1 3  ? -3.698  -9.119  -2.869  1.00 20.11 ? 13 DG  B OP2   1 
ATOM   249 O "O5'" . DG  B 1 3  ? -1.846  -9.365  -4.418  1.00 18.29 ? 13 DG  B "O5'" 1 
ATOM   250 C "C5'" . DG  B 1 3  ? -0.606  -9.593  -3.797  1.00 16.12 ? 13 DG  B "C5'" 1 
ATOM   251 C "C4'" . DG  B 1 3  ? 0.550   -9.464  -4.754  1.00 15.39 ? 13 DG  B "C4'" 1 
ATOM   252 O "O4'" . DG  B 1 3  ? 0.203   -8.731  -5.960  1.00 13.52 ? 13 DG  B "O4'" 1 
ATOM   253 C "C3'" . DG  B 1 3  ? 1.653   -8.675  -4.092  1.00 14.19 ? 13 DG  B "C3'" 1 
ATOM   254 O "O3'" . DG  B 1 3  ? 2.444   -9.552  -3.277  1.00 12.79 ? 13 DG  B "O3'" 1 
ATOM   255 C "C2'" . DG  B 1 3  ? 2.398   -8.051  -5.269  1.00 13.95 ? 13 DG  B "C2'" 1 
ATOM   256 C "C1'" . DG  B 1 3  ? 1.293   -7.893  -6.318  1.00 13.61 ? 13 DG  B "C1'" 1 
ATOM   257 N N9    . DG  B 1 3  ? 0.742   -6.548  -6.347  1.00 11.84 ? 13 DG  B N9    1 
ATOM   258 C C8    . DG  B 1 3  ? -0.518  -6.192  -5.940  1.00 9.05  ? 13 DG  B C8    1 
ATOM   259 N N7    . DG  B 1 3  ? -0.755  -4.919  -6.050  1.00 5.81  ? 13 DG  B N7    1 
ATOM   260 C C5    . DG  B 1 3  ? 0.451   -4.409  -6.502  1.00 6.24  ? 13 DG  B C5    1 
ATOM   261 C C6    . DG  B 1 3  ? 0.834   -3.080  -6.788  1.00 6.41  ? 13 DG  B C6    1 
ATOM   262 O O6    . DG  B 1 3  ? 0.153   -2.084  -6.707  1.00 6.90  ? 13 DG  B O6    1 
ATOM   263 N N1    . DG  B 1 3  ? 2.143   -2.976  -7.247  1.00 6.41  ? 13 DG  B N1    1 
ATOM   264 C C2    . DG  B 1 3  ? 3.001   -4.036  -7.386  1.00 8.01  ? 13 DG  B C2    1 
ATOM   265 N N2    . DG  B 1 3  ? 4.235   -3.747  -7.827  1.00 5.51  ? 13 DG  B N2    1 
ATOM   266 N N3    . DG  B 1 3  ? 2.650   -5.289  -7.132  1.00 8.32  ? 13 DG  B N3    1 
ATOM   267 C C4    . DG  B 1 3  ? 1.388   -5.399  -6.677  1.00 7.12  ? 13 DG  B C4    1 
ATOM   268 P P     . DT  B 1 4  ? 2.945   -8.925  -1.893  1.00 11.85 ? 14 DT  B P     1 
ATOM   269 O OP1   . DT  B 1 4  ? 3.743   -9.992  -1.240  1.00 13.55 ? 14 DT  B OP1   1 
ATOM   270 O OP2   . DT  B 1 4  ? 1.842   -8.216  -1.212  1.00 10.28 ? 14 DT  B OP2   1 
ATOM   271 O "O5'" . DT  B 1 4  ? 3.973   -7.829  -2.437  1.00 11.24 ? 14 DT  B "O5'" 1 
ATOM   272 C "C5'" . DT  B 1 4  ? 5.181   -8.229  -3.102  1.00 13.23 ? 14 DT  B "C5'" 1 
ATOM   273 C "C4'" . DT  B 1 4  ? 6.155   -7.067  -3.338  1.00 13.35 ? 14 DT  B "C4'" 1 
ATOM   274 O "O4'" . DT  B 1 4  ? 5.580   -6.201  -4.354  1.00 13.69 ? 14 DT  B "O4'" 1 
ATOM   275 C "C3'" . DT  B 1 4  ? 6.405   -6.130  -2.156  1.00 12.53 ? 14 DT  B "C3'" 1 
ATOM   276 O "O3'" . DT  B 1 4  ? 7.421   -6.549  -1.281  1.00 15.57 ? 14 DT  B "O3'" 1 
ATOM   277 C "C2'" . DT  B 1 4  ? 6.780   -4.809  -2.793  1.00 12.06 ? 14 DT  B "C2'" 1 
ATOM   278 C "C1'" . DT  B 1 4  ? 5.917   -4.865  -4.059  1.00 10.46 ? 14 DT  B "C1'" 1 
ATOM   279 N N1    . DT  B 1 4  ? 4.659   -4.084  -3.913  1.00 9.65  ? 14 DT  B N1    1 
ATOM   280 C C2    . DT  B 1 4  ? 4.667   -2.771  -4.302  1.00 9.66  ? 14 DT  B C2    1 
ATOM   281 O O2    . DT  B 1 4  ? 5.680   -2.286  -4.769  1.00 9.28  ? 14 DT  B O2    1 
ATOM   282 N N3    . DT  B 1 4  ? 3.481   -2.083  -4.121  1.00 12.33 ? 14 DT  B N3    1 
ATOM   283 C C4    . DT  B 1 4  ? 2.326   -2.613  -3.575  1.00 9.60  ? 14 DT  B C4    1 
ATOM   284 O O4    . DT  B 1 4  ? 1.279   -1.989  -3.443  1.00 11.46 ? 14 DT  B O4    1 
ATOM   285 C C5    . DT  B 1 4  ? 2.408   -4.008  -3.201  1.00 11.15 ? 14 DT  B C5    1 
ATOM   286 C C7    . DT  B 1 4  ? 1.221   -4.667  -2.608  1.00 13.28 ? 14 DT  B C7    1 
ATOM   287 C C6    . DT  B 1 4  ? 3.557   -4.667  -3.353  1.00 7.59  ? 14 DT  B C6    1 
ATOM   288 P P     . DA  B 1 5  ? 7.317   -6.046  0.230   1.00 15.21 ? 15 DA  B P     1 
ATOM   289 O OP1   . DA  B 1 5  ? 8.350   -6.736  1.027   1.00 16.13 ? 15 DA  B OP1   1 
ATOM   290 O OP2   . DA  B 1 5  ? 5.902   -6.022  0.667   1.00 14.48 ? 15 DA  B OP2   1 
ATOM   291 O "O5'" . DA  B 1 5  ? 7.718   -4.501  0.202   1.00 11.27 ? 15 DA  B "O5'" 1 
ATOM   292 C "C5'" . DA  B 1 5  ? 8.964   -4.112  -0.393  1.00 11.77 ? 15 DA  B "C5'" 1 
ATOM   293 C "C4'" . DA  B 1 5  ? 9.102   -2.605  -0.529  1.00 10.01 ? 15 DA  B "C4'" 1 
ATOM   294 O "O4'" . DA  B 1 5  ? 8.203   -2.164  -1.581  1.00 10.41 ? 15 DA  B "O4'" 1 
ATOM   295 C "C3'" . DA  B 1 5  ? 8.749   -1.748  0.666   1.00 10.73 ? 15 DA  B "C3'" 1 
ATOM   296 O "O3'" . DA  B 1 5  ? 9.847   -1.605  1.584   1.00 12.55 ? 15 DA  B "O3'" 1 
ATOM   297 C "C2'" . DA  B 1 5  ? 8.311   -0.435  0.030   1.00 8.50  ? 15 DA  B "C2'" 1 
ATOM   298 C "C1'" . DA  B 1 5  ? 7.695   -0.875  -1.297  1.00 9.57  ? 15 DA  B "C1'" 1 
ATOM   299 N N9    . DA  B 1 5  ? 6.241   -0.897  -1.219  1.00 11.32 ? 15 DA  B N9    1 
ATOM   300 C C8    . DA  B 1 5  ? 5.391   -1.931  -0.940  1.00 7.26  ? 15 DA  B C8    1 
ATOM   301 N N7    . DA  B 1 5  ? 4.123   -1.568  -0.936  1.00 10.32 ? 15 DA  B N7    1 
ATOM   302 C C5    . DA  B 1 5  ? 4.155   -0.218  -1.251  1.00 12.45 ? 15 DA  B C5    1 
ATOM   303 C C6    . DA  B 1 5  ? 3.158   0.759   -1.400  1.00 12.38 ? 15 DA  B C6    1 
ATOM   304 N N6    . DA  B 1 5  ? 1.851   0.488   -1.256  1.00 11.06 ? 15 DA  B N6    1 
ATOM   305 N N1    . DA  B 1 5  ? 3.561   2.011   -1.698  1.00 13.54 ? 15 DA  B N1    1 
ATOM   306 C C2    . DA  B 1 5  ? 4.871   2.263   -1.845  1.00 14.40 ? 15 DA  B C2    1 
ATOM   307 N N3    . DA  B 1 5  ? 5.897   1.429   -1.720  1.00 12.64 ? 15 DA  B N3    1 
ATOM   308 C C4    . DA  B 1 5  ? 5.452   0.203   -1.418  1.00 12.31 ? 15 DA  B C4    1 
HETATM 309 O O4    . S2M B 1 6  ? 2.910   0.856   2.081   1.00 6.45  ? 16 S2M B O4    1 
HETATM 310 C C4    . S2M B 1 6  ? 3.972   1.442   2.056   1.00 10.66 ? 16 S2M B C4    1 
HETATM 311 C C5    . S2M B 1 6  ? 5.171   0.832   2.216   1.00 10.66 ? 16 S2M B C5    1 
HETATM 312 C C6    . S2M B 1 6  ? 6.252   1.501   2.188   1.00 9.74  ? 16 S2M B C6    1 
HETATM 313 C C5M   . S2M B 1 6  ? 5.206   -0.647  2.431   1.00 10.39 ? 16 S2M B C5M   1 
HETATM 314 N N3    . S2M B 1 6  ? 3.957   2.755   1.861   1.00 9.98  ? 16 S2M B N3    1 
HETATM 315 S S2    . S2M B 1 6  ? 4.961   5.163   1.591   1.00 11.59 ? 16 S2M B S2    1 
HETATM 316 C C2    . S2M B 1 6  ? 5.031   3.514   1.810   1.00 10.51 ? 16 S2M B C2    1 
HETATM 317 C "C5'" . S2M B 1 6  ? 9.954   1.113   2.731   1.00 10.16 ? 16 S2M B "C5'" 1 
HETATM 318 O "O5'" . S2M B 1 6  ? 8.917   0.170   2.961   1.00 10.31 ? 16 S2M B "O5'" 1 
HETATM 319 P P     . S2M B 1 6  ? 9.330   -1.385  3.093   1.00 11.11 ? 16 S2M B P     1 
HETATM 320 O OP2   . S2M B 1 6  ? 8.103   -2.237  3.224   1.00 10.84 ? 16 S2M B OP2   1 
HETATM 321 O OP1   . S2M B 1 6  ? 10.333  -1.496  4.209   1.00 11.62 ? 16 S2M B OP1   1 
HETATM 322 C "C4'" . S2M B 1 6  ? 9.397   2.533   2.791   1.00 9.70  ? 16 S2M B "C4'" 1 
HETATM 323 O "O4'" . S2M B 1 6  ? 8.592   2.750   1.619   1.00 8.82  ? 16 S2M B "O4'" 1 
HETATM 324 C "C1'" . S2M B 1 6  ? 7.455   3.551   1.977   1.00 8.72  ? 16 S2M B "C1'" 1 
HETATM 325 N N1    . S2M B 1 6  ? 6.212   2.781   1.958   1.00 8.95  ? 16 S2M B N1    1 
HETATM 326 C "C2'" . S2M B 1 6  ? 7.588   3.899   3.460   1.00 9.95  ? 16 S2M B "C2'" 1 
HETATM 327 C "C3'" . S2M B 1 6  ? 8.513   2.828   4.011   1.00 10.95 ? 16 S2M B "C3'" 1 
HETATM 328 O "O3'" . S2M B 1 6  ? 9.289   3.292   5.106   1.00 10.67 ? 16 S2M B "O3'" 1 
HETATM 329 O "O2'" . S2M B 1 6  ? 8.216   5.156   3.634   1.00 15.19 ? 16 S2M B "O2'" 1 
HETATM 330 C "CA'" . S2M B 1 6  ? 7.584   6.381   3.206   1.00 19.12 ? 16 S2M B "CA'" 1 
HETATM 331 C "CB'" . S2M B 1 6  ? 8.154   7.127   2.260   1.00 22.00 ? 16 S2M B "CB'" 1 
HETATM 332 O "OC'" . S2M B 1 6  ? 7.796   6.954   0.865   1.00 23.37 ? 16 S2M B "OC'" 1 
HETATM 333 C "CD'" . S2M B 1 6  ? 6.438   6.933   0.416   1.00 22.48 ? 16 S2M B "CD'" 1 
ATOM   334 P P     . DA  B 1 7  ? 8.856   3.030   6.611   1.00 10.02 ? 17 DA  B P     1 
ATOM   335 O OP1   . DA  B 1 7  ? 9.891   3.299   7.655   1.00 8.28  ? 17 DA  B OP1   1 
ATOM   336 O OP2   . DA  B 1 7  ? 8.203   1.690   6.626   1.00 8.97  ? 17 DA  B OP2   1 
ATOM   337 O "O5'" . DA  B 1 7  ? 7.723   4.159   6.686   1.00 10.06 ? 17 DA  B "O5'" 1 
ATOM   338 C "C5'" . DA  B 1 7  ? 8.124   5.476   6.900   1.00 9.85  ? 17 DA  B "C5'" 1 
ATOM   339 C "C4'" . DA  B 1 7  ? 6.939   6.414   6.835   1.00 12.06 ? 17 DA  B "C4'" 1 
ATOM   340 O "O4'" . DA  B 1 7  ? 6.195   6.316   5.605   1.00 12.49 ? 17 DA  B "O4'" 1 
ATOM   341 C "C3'" . DA  B 1 7  ? 5.889   6.187   7.893   1.00 12.19 ? 17 DA  B "C3'" 1 
ATOM   342 O "O3'" . DA  B 1 7  ? 6.354   6.768   9.051   1.00 18.26 ? 17 DA  B "O3'" 1 
ATOM   343 C "C2'" . DA  B 1 7  ? 4.691   6.920   7.323   1.00 9.81  ? 17 DA  B "C2'" 1 
ATOM   344 C "C1'" . DA  B 1 7  ? 4.810   6.460   5.887   1.00 10.24 ? 17 DA  B "C1'" 1 
ATOM   345 N N9    . DA  B 1 7  ? 4.143   5.179   5.603   1.00 10.03 ? 17 DA  B N9    1 
ATOM   346 C C8    . DA  B 1 7  ? 4.650   3.894   5.575   1.00 8.17  ? 17 DA  B C8    1 
ATOM   347 N N7    . DA  B 1 7  ? 3.751   2.971   5.252   1.00 4.93  ? 17 DA  B N7    1 
ATOM   348 C C5    . DA  B 1 7  ? 2.599   3.727   5.069   1.00 9.45  ? 17 DA  B C5    1 
ATOM   349 C C6    . DA  B 1 7  ? 1.280   3.395   4.698   1.00 9.56  ? 17 DA  B C6    1 
ATOM   350 N N6    . DA  B 1 7  ? 0.886   2.156   4.459   1.00 10.41 ? 17 DA  B N6    1 
ATOM   351 N N1    . DA  B 1 7  ? 0.366   4.382   4.596   1.00 8.79  ? 17 DA  B N1    1 
ATOM   352 C C2    . DA  B 1 7  ? 0.737   5.633   4.841   1.00 11.27 ? 17 DA  B C2    1 
ATOM   353 N N3    . DA  B 1 7  ? 1.948   6.072   5.160   1.00 10.24 ? 17 DA  B N3    1 
ATOM   354 C C4    . DA  B 1 7  ? 2.827   5.065   5.268   1.00 8.63  ? 17 DA  B C4    1 
ATOM   355 P P     . DC  B 1 8  ? 6.072   6.024   10.427  1.00 15.39 ? 18 DC  B P     1 
ATOM   356 O OP1   . DC  B 1 8  ? 6.719   6.898   11.420  1.00 16.68 ? 18 DC  B OP1   1 
ATOM   357 O OP2   . DC  B 1 8  ? 6.389   4.579   10.324  1.00 18.51 ? 18 DC  B OP2   1 
ATOM   358 O "O5'" . DC  B 1 8  ? 4.491   6.200   10.482  1.00 11.76 ? 18 DC  B "O5'" 1 
ATOM   359 C "C5'" . DC  B 1 8  ? 3.838   7.376   10.883  1.00 7.86  ? 18 DC  B "C5'" 1 
ATOM   360 C "C4'" . DC  B 1 8  ? 2.357   7.320   10.542  1.00 8.95  ? 18 DC  B "C4'" 1 
ATOM   361 O "O4'" . DC  B 1 8  ? 2.154   6.967   9.158   1.00 9.52  ? 18 DC  B "O4'" 1 
ATOM   362 C "C3'" . DC  B 1 8  ? 1.465   6.351   11.312  1.00 10.54 ? 18 DC  B "C3'" 1 
ATOM   363 O "O3'" . DC  B 1 8  ? 1.146   6.852   12.577  1.00 13.45 ? 18 DC  B "O3'" 1 
ATOM   364 C "C2'" . DC  B 1 8  ? 0.226   6.405   10.407  1.00 8.18  ? 18 DC  B "C2'" 1 
ATOM   365 C "C1'" . DC  B 1 8  ? 0.879   6.354   9.024   1.00 11.07 ? 18 DC  B "C1'" 1 
ATOM   366 N N1    . DC  B 1 8  ? 0.961   4.940   8.607   1.00 7.67  ? 18 DC  B N1    1 
ATOM   367 C C2    . DC  B 1 8  ? -0.138  4.292   8.051   1.00 8.91  ? 18 DC  B C2    1 
ATOM   368 O O2    . DC  B 1 8  ? -1.203  4.904   7.874   1.00 9.23  ? 18 DC  B O2    1 
ATOM   369 N N3    . DC  B 1 8  ? -0.005  2.990   7.691   1.00 6.23  ? 18 DC  B N3    1 
ATOM   370 C C4    . DC  B 1 8  ? 1.138   2.334   7.896   1.00 5.64  ? 18 DC  B C4    1 
ATOM   371 N N4    . DC  B 1 8  ? 1.185   1.064   7.528   1.00 7.28  ? 18 DC  B N4    1 
ATOM   372 C C5    . DC  B 1 8  ? 2.267   2.986   8.441   1.00 8.59  ? 18 DC  B C5    1 
ATOM   373 C C6    . DC  B 1 8  ? 2.129   4.269   8.770   1.00 9.88  ? 18 DC  B C6    1 
ATOM   374 P P     . DG  B 1 9  ? 0.618   5.977   13.783  1.00 16.47 ? 19 DG  B P     1 
ATOM   375 O OP1   . DG  B 1 9  ? 0.524   6.923   14.925  1.00 20.13 ? 19 DG  B OP1   1 
ATOM   376 O OP2   . DG  B 1 9  ? 1.466   4.758   13.820  1.00 17.11 ? 19 DG  B OP2   1 
ATOM   377 O "O5'" . DG  B 1 9  ? -0.844  5.494   13.374  1.00 11.93 ? 19 DG  B "O5'" 1 
ATOM   378 C "C5'" . DG  B 1 9  ? -1.948  6.394   13.299  1.00 7.76  ? 19 DG  B "C5'" 1 
ATOM   379 C "C4'" . DG  B 1 9  ? -3.174  5.609   12.885  1.00 8.85  ? 19 DG  B "C4'" 1 
ATOM   380 O "O4'" . DG  B 1 9  ? -2.811  5.039   11.624  1.00 6.56  ? 19 DG  B "O4'" 1 
ATOM   381 C "C3'" . DG  B 1 9  ? -3.623  4.412   13.711  1.00 9.45  ? 19 DG  B "C3'" 1 
ATOM   382 O "O3'" . DG  B 1 9  ? -4.474  4.782   14.810  1.00 10.26 ? 19 DG  B "O3'" 1 
ATOM   383 C "C2'" . DG  B 1 9  ? -4.425  3.655   12.657  1.00 8.87  ? 19 DG  B "C2'" 1 
ATOM   384 C "C1'" . DG  B 1 9  ? -3.633  3.900   11.373  1.00 7.83  ? 19 DG  B "C1'" 1 
ATOM   385 N N9    . DG  B 1 9  ? -2.737  2.804   11.007  1.00 8.12  ? 19 DG  B N9    1 
ATOM   386 C C8    . DG  B 1 9  ? -1.367  2.735   11.159  1.00 6.44  ? 19 DG  B C8    1 
ATOM   387 N N7    . DG  B 1 9  ? -0.847  1.593   10.745  1.00 7.94  ? 19 DG  B N7    1 
ATOM   388 C C5    . DG  B 1 9  ? -1.951  0.851   10.297  1.00 7.14  ? 19 DG  B C5    1 
ATOM   389 C C6    . DG  B 1 9  ? -2.072  -0.471  9.738   1.00 9.06  ? 19 DG  B C6    1 
ATOM   390 O O6    . DG  B 1 9  ? -1.209  -1.336  9.484   1.00 8.36  ? 19 DG  B O6    1 
ATOM   391 N N1    . DG  B 1 9  ? -3.404  -0.790  9.454   1.00 7.12  ? 19 DG  B N1    1 
ATOM   392 C C2    . DG  B 1 9  ? -4.483  0.041   9.650   1.00 8.56  ? 19 DG  B C2    1 
ATOM   393 N N2    . DG  B 1 9  ? -5.674  -0.487  9.309   1.00 5.61  ? 19 DG  B N2    1 
ATOM   394 N N3    . DG  B 1 9  ? -4.387  1.254   10.175  1.00 6.51  ? 19 DG  B N3    1 
ATOM   395 C C4    . DG  B 1 9  ? -3.110  1.588   10.482  1.00 6.03  ? 19 DG  B C4    1 
ATOM   396 P P     . DC  B 1 10 ? -4.790  3.864   16.098  1.00 10.83 ? 20 DC  B P     1 
ATOM   397 O OP1   . DC  B 1 10 ? -5.590  4.758   16.948  1.00 13.43 ? 20 DC  B OP1   1 
ATOM   398 O OP2   . DC  B 1 10 ? -3.438  3.323   16.524  1.00 7.08  ? 20 DC  B OP2   1 
ATOM   399 O "O5'" . DC  B 1 10 ? -5.695  2.684   15.549  1.00 8.43  ? 20 DC  B "O5'" 1 
ATOM   400 C "C5'" . DC  B 1 10 ? -6.846  3.021   14.816  1.00 5.97  ? 20 DC  B "C5'" 1 
ATOM   401 C "C4'" . DC  B 1 10 ? -7.592  1.743   14.489  1.00 8.10  ? 20 DC  B "C4'" 1 
ATOM   402 O "O4'" . DC  B 1 10 ? -7.044  1.198   13.251  1.00 10.91 ? 20 DC  B "O4'" 1 
ATOM   403 C "C3'" . DC  B 1 10 ? -7.409  0.647   15.526  1.00 7.40  ? 20 DC  B "C3'" 1 
ATOM   404 O "O3'" . DC  B 1 10 ? -8.220  0.840   16.664  1.00 7.01  ? 20 DC  B "O3'" 1 
ATOM   405 C "C2'" . DC  B 1 10 ? -7.678  -0.604  14.697  1.00 8.70  ? 20 DC  B "C2'" 1 
ATOM   406 C "C1'" . DC  B 1 10 ? -6.974  -0.218  13.393  1.00 7.87  ? 20 DC  B "C1'" 1 
ATOM   407 N N1    . DC  B 1 10 ? -5.550  -0.714  13.227  1.00 8.49  ? 20 DC  B N1    1 
ATOM   408 C C2    . DC  B 1 10 ? -5.366  -1.966  12.614  1.00 6.37  ? 20 DC  B C2    1 
ATOM   409 O O2    . DC  B 1 10 ? -6.389  -2.610  12.333  1.00 8.77  ? 20 DC  B O2    1 
ATOM   410 N N3    . DC  B 1 10 ? -4.097  -2.434  12.433  1.00 6.87  ? 20 DC  B N3    1 
ATOM   411 C C4    . DC  B 1 10 ? -3.063  -1.642  12.801  1.00 5.22  ? 20 DC  B C4    1 
ATOM   412 N N4    . DC  B 1 10 ? -1.801  -2.028  12.635  1.00 7.04  ? 20 DC  B N4    1 
ATOM   413 C C5    . DC  B 1 10 ? -3.233  -0.354  13.382  1.00 4.57  ? 20 DC  B C5    1 
ATOM   414 C C6    . DC  B 1 10 ? -4.498  0.060   13.577  1.00 5.61  ? 20 DC  B C6    1 
HETATM 415 O O     . HOH C 2 .  ? -3.072  12.365  -4.580  1.00 8.34  ? 11 HOH A O     1 
HETATM 416 O O     . HOH C 2 .  ? -6.393  5.540   -3.370  1.00 14.98 ? 12 HOH A O     1 
HETATM 417 O O     . HOH C 2 .  ? -4.174  2.532   -3.178  1.00 22.34 ? 13 HOH A O     1 
HETATM 418 O O     . HOH C 2 .  ? 0.534   -11.160 9.547   1.00 15.33 ? 14 HOH A O     1 
HETATM 419 O O     . HOH C 2 .  ? -4.161  -12.026 1.438   1.00 23.63 ? 15 HOH A O     1 
HETATM 420 O O     . HOH C 2 .  ? -0.908  8.950   -10.057 1.00 14.25 ? 16 HOH A O     1 
HETATM 421 O O     . HOH C 2 .  ? 5.492   1.109   -18.495 1.00 23.96 ? 17 HOH A O     1 
HETATM 422 O O     . HOH C 2 .  ? -1.747  0.079   -9.076  1.00 18.20 ? 18 HOH A O     1 
HETATM 423 O O     . HOH C 2 .  ? -3.994  -2.870  2.353   1.00 19.62 ? 19 HOH A O     1 
HETATM 424 O O     . HOH C 2 .  ? 4.079   14.761  -5.141  1.00 15.90 ? 20 HOH A O     1 
HETATM 425 O O     . HOH C 2 .  ? -9.917  5.101   -5.788  1.00 16.00 ? 21 HOH A O     1 
HETATM 426 O O     . HOH C 2 .  ? 5.789   -9.396  -16.402 1.00 15.03 ? 22 HOH A O     1 
HETATM 427 O O     . HOH C 2 .  ? -6.838  3.288   -0.236  1.00 42.79 ? 23 HOH A O     1 
HETATM 428 O O     . HOH C 2 .  ? 3.145   -3.623  -14.185 1.00 13.09 ? 24 HOH A O     1 
HETATM 429 O O     . HOH C 2 .  ? 4.966   6.038   -15.582 1.00 19.90 ? 25 HOH A O     1 
HETATM 430 O O     . HOH C 2 .  ? -4.912  0.181   -2.675  1.00 12.04 ? 26 HOH A O     1 
HETATM 431 O O     . HOH C 2 .  ? 4.278   11.869  -6.569  1.00 19.66 ? 27 HOH A O     1 
HETATM 432 O O     . HOH C 2 .  ? -6.193  -4.111  3.019   1.00 15.92 ? 28 HOH A O     1 
HETATM 433 O O     . HOH C 2 .  ? -0.716  -9.803  2.806   1.00 20.04 ? 29 HOH A O     1 
HETATM 434 O O     . HOH C 2 .  ? 1.520   14.357  -4.249  1.00 12.33 ? 30 HOH A O     1 
HETATM 435 O O     . HOH C 2 .  ? -0.538  11.251  -11.009 1.00 16.24 ? 31 HOH A O     1 
HETATM 436 O O     . HOH C 2 .  ? 3.776   12.582  0.096   1.00 27.47 ? 32 HOH A O     1 
HETATM 437 O O     . HOH C 2 .  ? -3.062  -4.535  3.981   1.00 9.86  ? 33 HOH A O     1 
HETATM 438 O O     . HOH C 2 .  ? 5.926   -9.005  -12.540 1.00 13.82 ? 34 HOH A O     1 
HETATM 439 O O     . HOH C 2 .  ? -1.954  5.780   -6.022  1.00 17.23 ? 35 HOH A O     1 
HETATM 440 O O     . HOH C 2 .  ? -0.830  12.933  -4.091  1.00 17.88 ? 36 HOH A O     1 
HETATM 441 O O     . HOH C 2 .  ? 2.746   12.516  -8.838  1.00 31.92 ? 37 HOH A O     1 
HETATM 442 O O     . HOH C 2 .  ? -7.488  4.559   -7.649  1.00 17.49 ? 38 HOH A O     1 
HETATM 443 O O     . HOH C 2 .  ? -6.481  -2.422  -5.782  1.00 19.95 ? 39 HOH A O     1 
HETATM 444 O O     . HOH C 2 .  ? -4.952  11.698  -2.609  1.00 19.88 ? 40 HOH A O     1 
HETATM 445 O O     . HOH C 2 .  ? -3.508  1.230   -13.726 1.00 15.18 ? 41 HOH A O     1 
HETATM 446 O O     . HOH C 2 .  ? -6.227  -1.528  2.502   1.00 16.69 ? 42 HOH A O     1 
HETATM 447 O O     . HOH C 2 .  ? -1.878  -7.950  4.715   1.00 11.42 ? 43 HOH A O     1 
HETATM 448 O O     . HOH C 2 .  ? -9.058  -8.347  2.068   1.00 26.43 ? 44 HOH A O     1 
HETATM 449 O O     . HOH C 2 .  ? -7.740  -0.804  0.246   1.00 19.00 ? 45 HOH A O     1 
HETATM 450 O O     . HOH C 2 .  ? 1.643   0.567   -11.389 1.00 26.76 ? 46 HOH A O     1 
HETATM 451 O O     . HOH C 2 .  ? -8.484  -6.489  9.656   1.00 16.77 ? 47 HOH A O     1 
HETATM 452 O O     . HOH C 2 .  ? 5.588   8.274   -14.455 1.00 18.21 ? 48 HOH A O     1 
HETATM 453 O O     . HOH C 2 .  ? 0.357   5.873   -8.938  1.00 13.65 ? 49 HOH A O     1 
HETATM 454 O O     . HOH C 2 .  ? 5.250   -0.415  -15.614 1.00 13.13 ? 50 HOH A O     1 
HETATM 455 O O     . HOH C 2 .  ? -9.963  -7.443  -1.229  1.00 20.74 ? 51 HOH A O     1 
HETATM 456 O O     . HOH C 2 .  ? -10.626 5.952   -1.177  1.00 11.93 ? 52 HOH A O     1 
HETATM 457 O O     . HOH C 2 .  ? 4.026   -7.500  -10.667 1.00 11.97 ? 53 HOH A O     1 
HETATM 458 O O     . HOH C 2 .  ? -6.285  -4.970  -0.017  1.00 19.95 ? 54 HOH A O     1 
HETATM 459 O O     . HOH C 2 .  ? -9.429  -4.070  -1.774  1.00 8.45  ? 55 HOH A O     1 
HETATM 460 O O     . HOH C 2 .  ? -3.455  -5.546  0.503   1.00 25.10 ? 56 HOH A O     1 
HETATM 461 O O     . HOH C 2 .  ? -11.338 -7.068  1.649   1.00 17.40 ? 57 HOH A O     1 
HETATM 462 O O     . HOH C 2 .  ? -2.408  0.630   -11.686 1.00 20.68 ? 58 HOH A O     1 
HETATM 463 O O     . HOH C 2 .  ? 0.468   13.214  -6.337  1.00 23.76 ? 59 HOH A O     1 
HETATM 464 O O     . HOH C 2 .  ? -3.325  1.100   0.198   1.00 21.91 ? 60 HOH A O     1 
HETATM 465 O O     . HOH C 2 .  ? -1.677  -10.040 0.567   1.00 26.16 ? 61 HOH A O     1 
HETATM 466 O O     . HOH C 2 .  ? 0.075   4.459   -12.326 1.00 20.68 ? 62 HOH A O     1 
HETATM 467 O O     . HOH C 2 .  ? -0.922  -12.635 4.058   1.00 21.42 ? 63 HOH A O     1 
HETATM 468 O O     . HOH C 2 .  ? -0.101  2.275   -14.159 1.00 23.62 ? 64 HOH A O     1 
HETATM 469 O O     . HOH C 2 .  ? -13.473 3.107   2.360   1.00 17.17 ? 65 HOH A O     1 
HETATM 470 O O     . HOH C 2 .  ? 0.155   14.711  -2.303  1.00 14.87 ? 66 HOH A O     1 
HETATM 471 O O     . HOH C 2 .  ? -11.812 -1.533  1.179   1.00 21.05 ? 67 HOH A O     1 
HETATM 472 O O     . HOH C 2 .  ? -2.890  15.284  -4.748  1.00 23.08 ? 68 HOH A O     1 
HETATM 473 O O     . HOH C 2 .  ? -10.098 3.189   -3.971  1.00 26.05 ? 69 HOH A O     1 
HETATM 474 O O     . HOH C 2 .  ? -2.980  7.526   -9.765  1.00 15.93 ? 70 HOH A O     1 
HETATM 475 O O     . HOH C 2 .  ? -7.173  -2.438  -2.775  1.00 27.21 ? 71 HOH A O     1 
HETATM 476 O O     . HOH C 2 .  ? 4.161   9.416   0.736   1.00 27.18 ? 72 HOH A O     1 
HETATM 477 O O     . HOH C 2 .  ? -7.358  9.550   -5.449  1.00 21.60 ? 73 HOH A O     1 
HETATM 478 O O     . HOH C 2 .  ? -12.399 0.928   3.376   1.00 12.31 ? 74 HOH A O     1 
HETATM 479 O O     . HOH C 2 .  ? -9.755  -3.119  1.049   1.00 21.85 ? 75 HOH A O     1 
HETATM 480 O O     . HOH C 2 .  ? 2.549   8.325   -12.935 1.00 22.51 ? 76 HOH A O     1 
HETATM 481 O O     . HOH C 2 .  ? -0.468  -6.004  3.304   1.00 25.39 ? 77 HOH A O     1 
HETATM 482 O O     . HOH C 2 .  ? -9.407  -9.849  -1.315  1.00 26.81 ? 78 HOH A O     1 
HETATM 483 O O     . HOH C 2 .  ? -11.958 -5.453  -3.613  1.00 23.03 ? 79 HOH A O     1 
HETATM 484 O O     . HOH C 2 .  ? 9.314   0.426   -14.323 1.00 20.04 ? 80 HOH A O     1 
HETATM 485 O O     . HOH C 2 .  ? 5.508   10.787  -4.504  1.00 19.98 ? 81 HOH A O     1 
HETATM 486 O O     . HOH C 2 .  ? -7.870  8.521   -3.327  1.00 25.79 ? 82 HOH A O     1 
HETATM 487 O O     . HOH C 2 .  ? -7.107  10.687  -2.388  1.00 25.27 ? 83 HOH A O     1 
HETATM 488 O O     . HOH C 2 .  ? 0.186   -5.095  7.221   1.00 22.73 ? 84 HOH A O     1 
HETATM 489 O O     . HOH C 2 .  ? 7.694   4.032   -14.595 1.00 19.99 ? 85 HOH A O     1 
HETATM 490 O O     . HOH C 2 .  ? 9.545   2.792   -14.985 1.00 26.73 ? 86 HOH A O     1 
HETATM 491 O O     . HOH C 2 .  ? 2.672   -0.362  -14.440 1.00 33.89 ? 87 HOH A O     1 
HETATM 492 O O     . HOH C 2 .  ? 1.811   -6.811  8.500   1.00 20.81 ? 88 HOH A O     1 
HETATM 493 O O     . HOH C 2 .  ? 6.399   8.716   -11.668 1.00 46.36 ? 89 HOH A O     1 
HETATM 494 O O     . HOH C 2 .  ? -4.869  -1.797  -1.677  1.00 40.50 ? 90 HOH A O     1 
HETATM 495 O O     . HOH D 2 .  ? -10.539 0.719   16.478  1.00 20.45 ? 21 HOH B O     1 
HETATM 496 O O     . HOH D 2 .  ? 4.056   -13.320 -1.935  1.00 12.55 ? 22 HOH B O     1 
HETATM 497 O O     . HOH D 2 .  ? -1.516  5.382   16.712  1.00 15.30 ? 23 HOH B O     1 
HETATM 498 O O     . HOH D 2 .  ? 8.151   -1.597  -4.806  1.00 5.63  ? 24 HOH B O     1 
HETATM 499 O O     . HOH D 2 .  ? 11.261  -4.138  4.655   1.00 13.29 ? 25 HOH B O     1 
HETATM 500 O O     . HOH D 2 .  ? 2.974   -0.755  12.489  1.00 13.11 ? 26 HOH B O     1 
HETATM 501 O O     . HOH D 2 .  ? 3.726   -7.714  -7.905  1.00 18.19 ? 27 HOH B O     1 
HETATM 502 O O     . HOH D 2 .  ? 6.418   -0.467  5.758   1.00 13.75 ? 28 HOH B O     1 
HETATM 503 O O     . HOH D 2 .  ? 7.455   -2.701  7.156   1.00 16.21 ? 29 HOH B O     1 
HETATM 504 O O     . HOH D 2 .  ? 0.582   -1.416  2.165   1.00 17.38 ? 30 HOH B O     1 
HETATM 505 O O     . HOH D 2 .  ? -0.424  3.275   16.530  1.00 13.19 ? 31 HOH B O     1 
HETATM 506 O O     . HOH D 2 .  ? 8.174   -6.522  6.058   1.00 10.77 ? 32 HOH B O     1 
HETATM 507 O O     . HOH D 2 .  ? 7.142   -9.534  -5.702  1.00 12.72 ? 33 HOH B O     1 
HETATM 508 O O     . HOH D 2 .  ? -13.090 -8.685  -2.848  1.00 29.24 ? 34 HOH B O     1 
HETATM 509 O O     . HOH D 2 .  ? 12.875  -1.404  4.956   1.00 19.77 ? 35 HOH B O     1 
HETATM 510 O O     . HOH D 2 .  ? -4.669  5.322   20.086  1.00 9.01  ? 36 HOH B O     1 
HETATM 511 O O     . HOH D 2 .  ? -1.006  -1.401  -4.792  1.00 13.74 ? 37 HOH B O     1 
HETATM 512 O O     . HOH D 2 .  ? -7.505  -0.367  -8.580  1.00 21.55 ? 38 HOH B O     1 
HETATM 513 O O     . HOH D 2 .  ? 9.426   3.879   10.153  1.00 14.44 ? 39 HOH B O     1 
HETATM 514 O O     . HOH D 2 .  ? 3.811   0.497   5.514   1.00 5.32  ? 40 HOH B O     1 
HETATM 515 O O     . HOH D 2 .  ? -12.043 -10.433 -5.963  1.00 11.12 ? 41 HOH B O     1 
HETATM 516 O O     . HOH D 2 .  ? 5.302   0.217   13.716  1.00 11.54 ? 42 HOH B O     1 
HETATM 517 O O     . HOH D 2 .  ? -9.258  5.943   17.153  1.00 18.88 ? 43 HOH B O     1 
HETATM 518 O O     . HOH D 2 .  ? -9.718  0.460   -7.647  1.00 22.29 ? 44 HOH B O     1 
HETATM 519 O O     . HOH D 2 .  ? 7.798   0.468   8.878   1.00 13.86 ? 45 HOH B O     1 
HETATM 520 O O     . HOH D 2 .  ? -2.388  -7.895  -1.021  1.00 14.09 ? 46 HOH B O     1 
HETATM 521 O O     . HOH D 2 .  ? 1.934   -3.686  13.288  1.00 18.59 ? 47 HOH B O     1 
HETATM 522 O O     . HOH D 2 .  ? 3.176   -2.676  10.237  1.00 17.56 ? 48 HOH B O     1 
HETATM 523 O O     . HOH D 2 .  ? -7.405  3.290   18.294  1.00 14.88 ? 49 HOH B O     1 
HETATM 524 O O     . HOH D 2 .  ? 5.619   9.526   6.281   1.00 20.46 ? 50 HOH B O     1 
HETATM 525 O O     . HOH D 2 .  ? -6.464  -10.927 -1.935  1.00 18.76 ? 51 HOH B O     1 
HETATM 526 O O     . HOH D 2 .  ? 6.166   -5.115  2.928   1.00 15.79 ? 52 HOH B O     1 
HETATM 527 O O     . HOH D 2 .  ? 11.793  -4.642  1.375   1.00 16.19 ? 53 HOH B O     1 
HETATM 528 O O     . HOH D 2 .  ? 1.758   -2.243  6.905   1.00 15.19 ? 54 HOH B O     1 
HETATM 529 O O     . HOH D 2 .  ? -11.850 -3.025  -9.938  1.00 13.51 ? 55 HOH B O     1 
HETATM 530 O O     . HOH D 2 .  ? 8.774   -4.943  4.036   1.00 13.80 ? 56 HOH B O     1 
HETATM 531 O O     . HOH D 2 .  ? 9.351   6.561   10.399  1.00 13.52 ? 57 HOH B O     1 
HETATM 532 O O     . HOH D 2 .  ? 5.062   2.735   8.746   1.00 41.33 ? 58 HOH B O     1 
HETATM 533 O O     . HOH D 2 .  ? 11.419  5.402   4.300   1.00 10.62 ? 59 HOH B O     1 
HETATM 534 O O     . HOH D 2 .  ? 2.608   8.014   6.005   1.00 21.94 ? 60 HOH B O     1 
HETATM 535 O O     . HOH D 2 .  ? -7.437  7.043   18.431  1.00 15.68 ? 61 HOH B O     1 
HETATM 536 O O     . HOH D 2 .  ? 10.144  0.761   8.150   1.00 19.04 ? 62 HOH B O     1 
HETATM 537 O O     . HOH D 2 .  ? 11.675  7.084   6.756   1.00 21.63 ? 63 HOH B O     1 
HETATM 538 O O     . HOH D 2 .  ? -12.890 -11.110 -3.961  1.00 32.09 ? 64 HOH B O     1 
HETATM 539 O O     . HOH D 2 .  ? 8.131   10.650  3.143   1.00 14.13 ? 65 HOH B O     1 
HETATM 540 O O     . HOH D 2 .  ? 11.769  5.383   9.887   1.00 30.28 ? 66 HOH B O     1 
HETATM 541 O O     . HOH D 2 .  ? 9.557   -8.756  3.080   1.00 34.02 ? 67 HOH B O     1 
HETATM 542 O O     . HOH D 2 .  ? 8.578   5.701   14.529  1.00 21.32 ? 68 HOH B O     1 
HETATM 543 O O     . HOH D 2 .  ? 8.439   3.738   13.188  1.00 21.15 ? 69 HOH B O     1 
HETATM 544 O O     . HOH D 2 .  ? -2.167  -6.529  -3.584  1.00 15.28 ? 70 HOH B O     1 
HETATM 545 O O     . HOH D 2 .  ? 5.200   9.220   13.171  1.00 17.75 ? 71 HOH B O     1 
HETATM 546 O O     . HOH D 2 .  ? 6.034   6.449   14.418  1.00 24.62 ? 72 HOH B O     1 
HETATM 547 O O     . HOH D 2 .  ? -6.127  7.059   15.366  1.00 16.90 ? 73 HOH B O     1 
HETATM 548 O O     . HOH D 2 .  ? 8.578   8.777   8.001   1.00 15.11 ? 74 HOH B O     1 
HETATM 549 O O     . HOH D 2 .  ? 4.406   -4.047  7.205   1.00 25.37 ? 75 HOH B O     1 
HETATM 550 O O     . HOH D 2 .  ? 3.436   -4.109  2.040   1.00 30.43 ? 76 HOH B O     1 
HETATM 551 O O     . HOH D 2 .  ? 10.472  1.230   5.459   1.00 19.25 ? 77 HOH B O     1 
HETATM 552 O O     . HOH D 2 .  ? 10.519  -1.172  -2.952  1.00 12.40 ? 78 HOH B O     1 
HETATM 553 O O     . HOH D 2 .  ? 10.316  8.556   3.352   1.00 18.24 ? 79 HOH B O     1 
HETATM 554 O O     . HOH D 2 .  ? -0.565  -1.424  -0.550  1.00 34.14 ? 80 HOH B O     1 
HETATM 555 O O     . HOH D 2 .  ? 4.049   -7.944  0.291   1.00 15.89 ? 81 HOH B O     1 
HETATM 556 O O     . HOH D 2 .  ? 2.295   -2.847  0.145   1.00 11.32 ? 82 HOH B O     1 
HETATM 557 O O     . HOH D 2 .  ? -2.810  -1.719  -6.732  1.00 25.37 ? 83 HOH B O     1 
HETATM 558 O O     . HOH D 2 .  ? 8.332   -8.413  -2.687  1.00 36.28 ? 84 HOH B O     1 
HETATM 559 O O     . HOH D 2 .  ? 2.615   8.009   14.600  1.00 24.09 ? 85 HOH B O     1 
HETATM 560 O O     . HOH D 2 .  ? -10.590 -2.130  -6.771  1.00 13.16 ? 86 HOH B O     1 
HETATM 561 O O     . HOH D 2 .  ? 12.038  -1.159  0.983   1.00 21.93 ? 87 HOH B O     1 
HETATM 562 O O     . HOH D 2 .  ? 5.936   -10.879 -0.678  1.00 23.13 ? 88 HOH B O     1 
HETATM 563 O O     . HOH D 2 .  ? 1.074   2.373   14.872  1.00 29.67 ? 89 HOH B O     1 
HETATM 564 O O     . HOH D 2 .  ? 1.054   11.419  16.560  1.00 28.90 ? 90 HOH B O     1 
HETATM 565 O O     . HOH D 2 .  ? 1.751   0.755   11.167  1.00 17.79 ? 91 HOH B O     1 
HETATM 566 O O     . HOH D 2 .  ? 3.790   9.412   16.347  1.00 30.71 ? 92 HOH B O     1 
HETATM 567 O O     . HOH D 2 .  ? 13.919  -1.960  2.887   1.00 38.97 ? 93 HOH B O     1 
HETATM 568 O O     . HOH D 2 .  ? 3.686   -0.725  7.468   1.00 21.10 ? 94 HOH B O     1 
# 
loop_
_atom_site_anisotrop.id 
_atom_site_anisotrop.type_symbol 
_atom_site_anisotrop.pdbx_label_atom_id 
_atom_site_anisotrop.pdbx_label_alt_id 
_atom_site_anisotrop.pdbx_label_comp_id 
_atom_site_anisotrop.pdbx_label_asym_id 
_atom_site_anisotrop.pdbx_label_seq_id 
_atom_site_anisotrop.pdbx_PDB_ins_code 
_atom_site_anisotrop.U[1][1] 
_atom_site_anisotrop.U[2][2] 
_atom_site_anisotrop.U[3][3] 
_atom_site_anisotrop.U[1][2] 
_atom_site_anisotrop.U[1][3] 
_atom_site_anisotrop.U[2][3] 
_atom_site_anisotrop.pdbx_auth_seq_id 
_atom_site_anisotrop.pdbx_auth_comp_id 
_atom_site_anisotrop.pdbx_auth_asym_id 
_atom_site_anisotrop.pdbx_auth_atom_id 
1   O "O5'" . DG  A 1  ? 0.2204 0.2064 0.2841 -0.0570 -0.0097 0.0247  1  DG  A "O5'" 
2   C "C5'" . DG  A 1  ? 0.2142 0.1900 0.2311 -0.0017 0.0115  0.0118  1  DG  A "C5'" 
3   C "C4'" . DG  A 1  ? 0.2177 0.2114 0.2085 -0.0106 -0.0023 0.0018  1  DG  A "C4'" 
4   O "O4'" . DG  A 1  ? 0.2651 0.2448 0.2055 0.0044  0.0158  0.0058  1  DG  A "O4'" 
5   C "C3'" . DG  A 1  ? 0.2030 0.1863 0.1842 -0.0134 0.0073  -0.0066 1  DG  A "C3'" 
6   O "O3'" . DG  A 1  ? 0.1775 0.1424 0.1363 0.0210  0.0157  -0.0001 1  DG  A "O3'" 
7   C "C2'" . DG  A 1  ? 0.1926 0.1859 0.1873 0.0103  0.0185  -0.0041 1  DG  A "C2'" 
8   C "C1'" . DG  A 1  ? 0.2171 0.1761 0.1951 -0.0077 -0.0064 0.0129  1  DG  A "C1'" 
9   N N9    . DG  A 1  ? 0.1893 0.1604 0.1549 0.0054  -0.0133 0.0200  1  DG  A N9    
10  C C8    . DG  A 1  ? 0.1875 0.1608 0.1535 -0.0073 -0.0226 0.0155  1  DG  A C8    
11  N N7    . DG  A 1  ? 0.2173 0.1622 0.1287 0.0302  0.0226  -0.0543 1  DG  A N7    
12  C C5    . DG  A 1  ? 0.1235 0.1179 0.1414 0.0155  -0.0297 0.0113  1  DG  A C5    
13  C C6    . DG  A 1  ? 0.0992 0.1481 0.1154 0.0165  0.0005  -0.0358 1  DG  A C6    
14  O O6    . DG  A 1  ? 0.0664 0.1233 0.1117 -0.0020 -0.0234 0.0082  1  DG  A O6    
15  N N1    . DG  A 1  ? 0.0885 0.1253 0.1062 -0.0144 0.0240  -0.0080 1  DG  A N1    
16  C C2    . DG  A 1  ? 0.1186 0.1520 0.1619 0.0170  -0.0125 -0.0328 1  DG  A C2    
17  N N2    . DG  A 1  ? 0.1022 0.1976 0.1989 0.0085  0.0363  -0.0441 1  DG  A N2    
18  N N3    . DG  A 1  ? 0.1034 0.0833 0.0423 0.0171  -0.0101 -0.0158 1  DG  A N3    
19  C C4    . DG  A 1  ? 0.1307 0.1423 0.1149 -0.0062 -0.0153 -0.0042 1  DG  A C4    
20  P P     . DC  A 2  ? 0.1712 0.1471 0.1375 0.0062  -0.0103 0.0072  2  DC  A P     
21  O OP1   . DC  A 2  ? 0.1820 0.1658 0.2193 -0.0077 -0.0088 -0.0322 2  DC  A OP1   
22  O OP2   . DC  A 2  ? 0.2081 0.1693 0.1916 -0.0288 0.0029  -0.0054 2  DC  A OP2   
23  O "O5'" . DC  A 2  ? 0.1385 0.1540 0.1288 -0.0173 0.0029  -0.0043 2  DC  A "O5'" 
24  C "C5'" . DC  A 2  ? 0.1401 0.1671 0.1510 -0.0069 -0.0175 0.0188  2  DC  A "C5'" 
25  C "C4'" . DC  A 2  ? 0.1336 0.1525 0.1283 -0.0233 -0.0288 0.0091  2  DC  A "C4'" 
26  O "O4'" . DC  A 2  ? 0.1430 0.1596 0.1393 -0.0051 0.0108  -0.0206 2  DC  A "O4'" 
27  C "C3'" . DC  A 2  ? 0.1570 0.1688 0.1536 -0.0084 -0.0026 0.0147  2  DC  A "C3'" 
28  O "O3'" . DC  A 2  ? 0.1614 0.1957 0.1783 -0.0123 0.0118  0.0132  2  DC  A "O3'" 
29  C "C2'" . DC  A 2  ? 0.1194 0.1589 0.1703 -0.0154 -0.0021 0.0140  2  DC  A "C2'" 
30  C "C1'" . DC  A 2  ? 0.1314 0.1480 0.1465 -0.0181 -0.0069 -0.0113 2  DC  A "C1'" 
31  N N1    . DC  A 2  ? 0.0842 0.1234 0.1045 -0.0087 -0.0295 -0.0268 2  DC  A N1    
32  C C2    . DC  A 2  ? 0.1235 0.1521 0.1239 -0.0012 -0.0123 -0.0084 2  DC  A C2    
33  O O2    . DC  A 2  ? 0.1190 0.0928 0.0513 -0.0030 -0.0110 -0.0124 2  DC  A O2    
34  N N3    . DC  A 2  ? 0.0721 0.1100 0.0802 -0.0146 -0.0299 -0.0375 2  DC  A N3    
35  C C4    . DC  A 2  ? 0.1442 0.1538 0.1245 -0.0136 -0.0166 -0.0293 2  DC  A C4    
36  N N4    . DC  A 2  ? 0.1282 0.1063 0.0936 -0.0246 -0.0229 -0.0325 2  DC  A N4    
37  C C5    . DC  A 2  ? 0.1348 0.1137 0.1288 0.0209  -0.0059 -0.0219 2  DC  A C5    
38  C C6    . DC  A 2  ? 0.1196 0.1615 0.1268 -0.0134 -0.0146 -0.0191 2  DC  A C6    
39  P P     . DG  A 3  ? 0.1669 0.1990 0.1688 -0.0155 -0.0149 0.0009  3  DG  A P     
40  O OP1   . DG  A 3  ? 0.1934 0.2421 0.1795 -0.0331 0.0164  -0.0017 3  DG  A OP1   
41  O OP2   . DG  A 3  ? 0.1694 0.1435 0.1071 0.0030  -0.0059 -0.0486 3  DG  A OP2   
42  O "O5'" . DG  A 3  ? 0.1455 0.1426 0.1222 -0.0032 -0.0161 0.0152  3  DG  A "O5'" 
43  C "C5'" . DG  A 3  ? 0.1244 0.1430 0.1290 -0.0092 -0.0403 0.0078  3  DG  A "C5'" 
44  C "C4'" . DG  A 3  ? 0.1249 0.1112 0.1540 0.0133  -0.0126 0.0005  3  DG  A "C4'" 
45  O "O4'" . DG  A 3  ? 0.1864 0.0989 0.1268 0.0103  0.0062  0.0292  3  DG  A "O4'" 
46  C "C3'" . DG  A 3  ? 0.1060 0.1373 0.1262 -0.0135 -0.0279 0.0084  3  DG  A "C3'" 
47  O "O3'" . DG  A 3  ? 0.1445 0.0917 0.2253 -0.0025 -0.0122 0.0089  3  DG  A "O3'" 
48  C "C2'" . DG  A 3  ? 0.1541 0.1300 0.1611 -0.0005 -0.0118 0.0069  3  DG  A "C2'" 
49  C "C1'" . DG  A 3  ? 0.1088 0.1393 0.1425 -0.0046 -0.0287 0.0159  3  DG  A "C1'" 
50  N N9    . DG  A 3  ? 0.1461 0.0982 0.1185 0.0198  -0.0007 0.0290  3  DG  A N9    
51  C C8    . DG  A 3  ? 0.1109 0.1422 0.0832 0.0153  -0.0267 0.0119  3  DG  A C8    
52  N N7    . DG  A 3  ? 0.0696 0.0861 0.0728 -0.0138 -0.0228 0.0092  3  DG  A N7    
53  C C5    . DG  A 3  ? 0.0936 0.0729 0.0972 0.0060  -0.0014 0.0303  3  DG  A C5    
54  C C6    . DG  A 3  ? 0.0944 0.0682 0.0672 0.0178  -0.0243 0.0275  3  DG  A C6    
55  O O6    . DG  A 3  ? 0.0740 0.0954 0.0387 -0.0214 0.0059  -0.0230 3  DG  A O6    
56  N N1    . DG  A 3  ? 0.0879 0.0924 0.0463 -0.0107 0.0023  0.0051  3  DG  A N1    
57  C C2    . DG  A 3  ? 0.1211 0.0864 0.1256 0.0154  0.0108  0.0155  3  DG  A C2    
58  N N2    . DG  A 3  ? 0.0933 0.0981 0.0614 -0.0560 -0.0131 -0.0190 3  DG  A N2    
59  N N3    . DG  A 3  ? 0.1066 0.0750 0.1093 0.0109  -0.0049 -0.0011 3  DG  A N3    
60  C C4    . DG  A 3  ? 0.1180 0.0758 0.0924 0.0199  -0.0021 0.0479  3  DG  A C4    
61  P P     . DT  A 4  ? 0.1072 0.1420 0.1195 0.0164  0.0034  0.0110  4  DT  A P     
62  O OP1   . DT  A 4  ? 0.1679 0.1545 0.1854 0.0231  -0.0086 0.0051  4  DT  A OP1   
63  O OP2   . DT  A 4  ? 0.0976 0.1642 0.1214 -0.0022 -0.0034 -0.0205 4  DT  A OP2   
64  O "O5'" . DT  A 4  ? 0.1965 0.1845 0.1983 0.0087  -0.0203 -0.0153 4  DT  A "O5'" 
65  C "C5'" . DT  A 4  ? 0.1263 0.1227 0.1437 0.0022  0.0019  0.0041  4  DT  A "C5'" 
66  C "C4'" . DT  A 4  ? 0.1148 0.1031 0.1363 0.0076  -0.0075 0.0120  4  DT  A "C4'" 
67  O "O4'" . DT  A 4  ? 0.1286 0.0722 0.1660 0.0079  -0.0057 0.0214  4  DT  A "O4'" 
68  C "C3'" . DT  A 4  ? 0.1497 0.0858 0.1333 0.0317  -0.0217 0.0162  4  DT  A "C3'" 
69  O "O3'" . DT  A 4  ? 0.1552 0.1526 0.1907 0.0622  -0.0143 0.0187  4  DT  A "O3'" 
70  C "C2'" . DT  A 4  ? 0.1173 0.1157 0.1285 0.0327  -0.0122 0.0369  4  DT  A "C2'" 
71  C "C1'" . DT  A 4  ? 0.0963 0.1036 0.1023 -0.0074 -0.0049 0.0075  4  DT  A "C1'" 
72  N N1    . DT  A 4  ? 0.0962 0.1701 0.1412 -0.0089 -0.0073 -0.0040 4  DT  A N1    
73  C C2    . DT  A 4  ? 0.1180 0.1700 0.1638 -0.0294 -0.0215 -0.0065 4  DT  A C2    
74  O O2    . DT  A 4  ? 0.1318 0.1570 0.1935 -0.0508 -0.0151 -0.0012 4  DT  A O2    
75  N N3    . DT  A 4  ? 0.1376 0.1500 0.1466 -0.0192 -0.0009 -0.0042 4  DT  A N3    
76  C C4    . DT  A 4  ? 0.0986 0.1129 0.0952 -0.0122 0.0078  -0.0216 4  DT  A C4    
77  O O4    . DT  A 4  ? 0.1072 0.1580 0.1315 -0.0272 -0.0025 0.0245  4  DT  A O4    
78  C C5    . DT  A 4  ? 0.1146 0.1123 0.0922 -0.0087 -0.0133 -0.0174 4  DT  A C5    
79  C C7    . DT  A 4  ? 0.1518 0.1089 0.1098 -0.0207 -0.0145 0.0240  4  DT  A C7    
80  C C6    . DT  A 4  ? 0.0303 0.1314 0.1403 -0.0161 -0.0138 -0.0205 4  DT  A C6    
81  P P     . DA  A 5  ? 0.1399 0.1735 0.2085 0.0208  -0.0220 0.0196  5  DA  A P     
82  O OP1   . DA  A 5  ? 0.1706 0.0766 0.1898 0.0580  0.0180  0.0365  5  DA  A OP1   
83  O OP2   . DA  A 5  ? 0.1545 0.2044 0.1930 0.0406  -0.0519 0.0005  5  DA  A OP2   
84  O "O5'" . DA  A 5  ? 0.1472 0.1827 0.1846 0.0053  -0.0323 0.0128  5  DA  A "O5'" 
85  C "C5'" . DA  A 5  ? 0.1361 0.1209 0.1247 -0.0035 -0.0394 0.0038  5  DA  A "C5'" 
86  C "C4'" . DA  A 5  ? 0.1457 0.1357 0.1173 0.0005  -0.0010 -0.0005 5  DA  A "C4'" 
87  O "O4'" . DA  A 5  ? 0.1190 0.1163 0.1145 0.0120  -0.0064 -0.0159 5  DA  A "O4'" 
88  C "C3'" . DA  A 5  ? 0.0841 0.1222 0.1508 0.0014  0.0198  0.0096  5  DA  A "C3'" 
89  O "O3'" . DA  A 5  ? 0.1052 0.1352 0.1879 0.0694  0.0335  0.0024  5  DA  A "O3'" 
90  C "C2'" . DA  A 5  ? 0.1274 0.0990 0.0894 0.0084  -0.0022 -0.0114 5  DA  A "C2'" 
91  C "C1'" . DA  A 5  ? 0.1311 0.1128 0.0876 -0.0121 -0.0091 -0.0095 5  DA  A "C1'" 
92  N N9    . DA  A 5  ? 0.1062 0.1431 0.0426 0.0270  0.0073  0.0180  5  DA  A N9    
93  C C8    . DA  A 5  ? 0.1430 0.1011 0.0669 0.0404  0.0002  -0.0105 5  DA  A C8    
94  N N7    . DA  A 5  ? 0.0792 0.0809 0.0861 0.0336  0.0120  -0.0130 5  DA  A N7    
95  C C5    . DA  A 5  ? 0.1345 0.1095 0.0562 -0.0029 0.0069  0.0181  5  DA  A C5    
96  C C6    . DA  A 5  ? 0.0818 0.0832 0.0605 0.0090  -0.0031 0.0020  5  DA  A C6    
97  N N6    . DA  A 5  ? 0.1525 0.0614 0.0456 -0.0505 -0.0126 0.0201  5  DA  A N6    
98  N N1    . DA  A 5  ? 0.1086 0.0913 0.0323 -0.0143 0.0128  0.0147  5  DA  A N1    
99  C C2    . DA  A 5  ? 0.1035 0.0895 0.0819 -0.0043 -0.0078 0.0040  5  DA  A C2    
100 N N3    . DA  A 5  ? 0.0934 0.1438 0.0881 0.0173  -0.0002 -0.0043 5  DA  A N3    
101 C C4    . DA  A 5  ? 0.1179 0.1206 0.1468 0.0149  0.0079  0.0094  5  DA  A C4    
102 O O4    . S2M A 6  ? 0.1752 0.1028 0.1422 0.0501  -0.0045 0.0365  6  S2M A O4    
103 C C4    . S2M A 6  ? 0.1961 0.1831 0.2083 -0.0024 -0.0006 0.0015  6  S2M A C4    
104 C C5    . S2M A 6  ? 0.2242 0.1878 0.1985 -0.0025 -0.0087 0.0131  6  S2M A C5    
105 C C6    . S2M A 6  ? 0.1945 0.1919 0.2068 0.0063  0.0102  0.0088  6  S2M A C6    
106 C C5M   . S2M A 6  ? 0.2357 0.2555 0.2831 -0.0094 0.0033  0.0087  6  S2M A C5M   
107 N N3    . S2M A 6  ? 0.1588 0.1933 0.1896 0.0102  0.0166  0.0018  6  S2M A N3    
108 S S2    . S2M A 6  ? 0.2159 0.2651 0.2071 0.0314  0.0144  0.0138  6  S2M A S2    
109 C C2    . S2M A 6  ? 0.1734 0.1859 0.1883 0.0210  0.0249  0.0108  6  S2M A C2    
110 C "C5'" . S2M A 6  ? 0.1885 0.1901 0.1860 -0.0134 -0.0012 0.0098  6  S2M A "C5'" 
111 O "O5'" . S2M A 6  ? 0.1334 0.1574 0.1410 -0.0137 0.0102  0.0175  6  S2M A "O5'" 
112 P P     . S2M A 6  ? 0.1770 0.1716 0.1815 0.0181  -0.0332 0.0234  6  S2M A P     
113 O OP2   . S2M A 6  ? 0.1487 0.1140 0.1562 -0.0065 -0.0040 0.0416  6  S2M A OP2   
114 O OP1   . S2M A 6  ? 0.2337 0.1492 0.1900 0.0191  -0.0236 0.0159  6  S2M A OP1   
115 C "C4'" . S2M A 6  ? 0.1590 0.1603 0.1379 0.0017  -0.0165 0.0175  6  S2M A "C4'" 
116 O "O4'" . S2M A 6  ? 0.1634 0.1881 0.1303 0.0093  -0.0013 -0.0287 6  S2M A "O4'" 
117 C "C1'" . S2M A 6  ? 0.1613 0.1677 0.1494 0.0174  -0.0250 0.0238  6  S2M A "C1'" 
118 N N1    . S2M A 6  ? 0.1679 0.1640 0.1325 0.0075  -0.0202 0.0012  6  S2M A N1    
119 C "C2'" . S2M A 6  ? 0.1822 0.1741 0.1926 -0.0118 0.0027  0.0002  6  S2M A "C2'" 
120 C "C3'" . S2M A 6  ? 0.1891 0.1620 0.1962 -0.0168 0.0050  0.0199  6  S2M A "C3'" 
121 O "O3'" . S2M A 6  ? 0.2336 0.1445 0.2121 -0.0301 -0.0260 0.0567  6  S2M A "O3'" 
122 O "O2'" . S2M A 6  ? 0.2443 0.2064 0.2367 -0.0189 -0.0224 -0.0202 6  S2M A "O2'" 
123 C "CA'" . S2M A 6  ? 0.2433 0.2680 0.2507 -0.0186 -0.0205 -0.0138 6  S2M A "CA'" 
124 C "CB'" . S2M A 6  ? 0.2227 0.2314 0.2529 0.0001  -0.0089 0.0075  6  S2M A "CB'" 
125 O "OC'" . S2M A 6  ? 0.2070 0.2516 0.3032 -0.0176 -0.0244 -0.0087 6  S2M A "OC'" 
126 C "CD'" . S2M A 6  ? 0.2524 0.2431 0.2418 -0.0151 -0.0081 -0.0152 6  S2M A "CD'" 
127 P P     . DA  A 7  ? 0.1784 0.1233 0.2031 0.0026  -0.0152 0.0260  7  DA  A P     
128 O OP1   . DA  A 7  ? 0.1491 0.1393 0.1077 0.0137  0.0139  -0.0243 7  DA  A OP1   
129 O OP2   . DA  A 7  ? 0.1874 0.1272 0.1559 0.0448  -0.0164 -0.0223 7  DA  A OP2   
130 O "O5'" . DA  A 7  ? 0.1447 0.1806 0.1697 -0.0061 0.0249  0.0715  7  DA  A "O5'" 
131 C "C5'" . DA  A 7  ? 0.1164 0.1653 0.1480 0.0093  -0.0007 0.0141  7  DA  A "C5'" 
132 C "C4'" . DA  A 7  ? 0.0371 0.0911 0.0846 -0.0083 -0.0028 0.0403  7  DA  A "C4'" 
133 O "O4'" . DA  A 7  ? 0.1288 0.0934 0.0958 0.0136  -0.0234 0.0213  7  DA  A "O4'" 
134 C "C3'" . DA  A 7  ? 0.0889 0.1189 0.0888 0.0145  -0.0092 0.0271  7  DA  A "C3'" 
135 O "O3'" . DA  A 7  ? 0.1858 0.2247 0.1381 0.0048  0.0322  -0.0044 7  DA  A "O3'" 
136 C "C2'" . DA  A 7  ? 0.0945 0.0623 0.0680 -0.0061 0.0070  0.0257  7  DA  A "C2'" 
137 C "C1'" . DA  A 7  ? 0.1163 0.1079 0.0862 0.0215  -0.0138 -0.0116 7  DA  A "C1'" 
138 N N9    . DA  A 7  ? 0.0858 0.0792 0.0688 0.0419  0.0181  -0.0182 7  DA  A N9    
139 C C8    . DA  A 7  ? 0.0742 0.0777 0.0863 0.0099  -0.0096 -0.0020 7  DA  A C8    
140 N N7    . DA  A 7  ? 0.0961 0.0901 0.0413 -0.0087 0.0129  0.0278  7  DA  A N7    
141 C C5    . DA  A 7  ? 0.0963 0.0888 0.0335 0.0033  -0.0228 0.0059  7  DA  A C5    
142 C C6    . DA  A 7  ? 0.0696 0.0759 0.0685 0.0042  -0.0015 0.0188  7  DA  A C6    
143 N N6    . DA  A 7  ? 0.0967 0.0490 0.1092 -0.0355 -0.0313 0.0166  7  DA  A N6    
144 N N1    . DA  A 7  ? 0.0625 0.0811 0.0960 -0.0094 0.0016  -0.0296 7  DA  A N1    
145 C C2    . DA  A 7  ? 0.0808 0.0840 0.0302 -0.0038 0.0153  -0.0074 7  DA  A C2    
146 N N3    . DA  A 7  ? 0.0714 0.0547 0.0938 0.0040  -0.0215 -0.0152 7  DA  A N3    
147 C C4    . DA  A 7  ? 0.0994 0.0931 0.0353 0.0016  0.0199  -0.0033 7  DA  A C4    
148 P P     . DC  A 8  ? 0.1423 0.1510 0.1536 0.0032  -0.0062 0.0288  8  DC  A P     
149 O OP1   . DC  A 8  ? 0.1522 0.1812 0.1347 -0.0094 0.0183  -0.0004 8  DC  A OP1   
150 O OP2   . DC  A 8  ? 0.1331 0.2903 0.1125 -0.0180 -0.0925 0.0374  8  DC  A OP2   
151 O "O5'" . DC  A 8  ? 0.1343 0.1755 0.1402 0.0159  -0.0225 -0.0304 8  DC  A "O5'" 
152 C "C5'" . DC  A 8  ? 0.1147 0.1066 0.0874 0.0323  0.0064  0.0029  8  DC  A "C5'" 
153 C "C4'" . DC  A 8  ? 0.1009 0.0963 0.1282 0.0112  -0.0005 0.0023  8  DC  A "C4'" 
154 O "O4'" . DC  A 8  ? 0.1557 0.1016 0.1501 0.0082  -0.0163 -0.0029 8  DC  A "O4'" 
155 C "C3'" . DC  A 8  ? 0.0984 0.1225 0.1449 -0.0061 -0.0033 0.0002  8  DC  A "C3'" 
156 O "O3'" . DC  A 8  ? 0.1154 0.1146 0.0897 -0.0127 -0.0395 -0.0027 8  DC  A "O3'" 
157 C "C2'" . DC  A 8  ? 0.1242 0.1254 0.1025 0.0019  -0.0051 0.0024  8  DC  A "C2'" 
158 C "C1'" . DC  A 8  ? 0.0981 0.1023 0.1020 -0.0096 0.0034  0.0032  8  DC  A "C1'" 
159 N N1    . DC  A 8  ? 0.0543 0.0703 0.0472 0.0031  -0.0087 -0.0295 8  DC  A N1    
160 C C2    . DC  A 8  ? 0.0658 0.0736 0.0501 0.0059  0.0073  -0.0143 8  DC  A C2    
161 O O2    . DC  A 8  ? 0.0675 0.0345 0.0918 0.0043  -0.0256 -0.0083 8  DC  A O2    
162 N N3    . DC  A 8  ? 0.1202 0.0547 0.0871 -0.0064 0.0083  -0.0426 8  DC  A N3    
163 C C4    . DC  A 8  ? 0.0347 0.0830 0.0490 -0.0089 0.0009  0.0007  8  DC  A C4    
164 N N4    . DC  A 8  ? 0.0742 0.1119 0.0494 0.0211  0.0029  -0.0220 8  DC  A N4    
165 C C5    . DC  A 8  ? 0.0389 0.0618 0.0581 0.0086  0.0027  -0.0298 8  DC  A C5    
166 C C6    . DC  A 8  ? 0.0682 0.0415 0.0513 -0.0191 0.0021  0.0131  8  DC  A C6    
167 P P     . DG  A 9  ? 0.1671 0.1662 0.1476 -0.0197 -0.0023 -0.0297 9  DG  A P     
168 O OP1   . DG  A 9  ? 0.1712 0.1270 0.0673 -0.0643 -0.0187 -0.0198 9  DG  A OP1   
169 O OP2   . DG  A 9  ? 0.1942 0.1357 0.1697 -0.0502 -0.0113 -0.0284 9  DG  A OP2   
170 O "O5'" . DG  A 9  ? 0.1662 0.1365 0.0877 -0.0025 0.0056  -0.0356 9  DG  A "O5'" 
171 C "C5'" . DG  A 9  ? 0.1715 0.1908 0.1471 -0.0070 0.0068  0.0037  9  DG  A "C5'" 
172 C "C4'" . DG  A 9  ? 0.1960 0.1847 0.1691 -0.0126 -0.0089 -0.0033 9  DG  A "C4'" 
173 O "O4'" . DG  A 9  ? 0.1936 0.1921 0.1917 -0.0121 -0.0069 -0.0013 9  DG  A "O4'" 
174 C "C3'" . DG  A 9  ? 0.1601 0.1796 0.1764 -0.0060 0.0013  -0.0157 9  DG  A "C3'" 
175 O "O3'" . DG  A 9  ? 0.1675 0.1727 0.1529 -0.0265 0.0042  -0.0091 9  DG  A "O3'" 
176 C "C2'" . DG  A 9  ? 0.1339 0.1942 0.1433 0.0036  -0.0032 -0.0232 9  DG  A "C2'" 
177 C "C1'" . DG  A 9  ? 0.1732 0.1727 0.1717 -0.0106 -0.0143 -0.0283 9  DG  A "C1'" 
178 N N9    . DG  A 9  ? 0.1779 0.1731 0.1609 0.0078  -0.0130 0.0200  9  DG  A N9    
179 C C8    . DG  A 9  ? 0.2021 0.1550 0.1947 0.0078  0.0183  -0.0087 9  DG  A C8    
180 N N7    . DG  A 9  ? 0.1622 0.1676 0.1526 0.0040  -0.0126 0.0031  9  DG  A N7    
181 C C5    . DG  A 9  ? 0.1450 0.1209 0.0644 -0.0121 -0.0396 -0.0008 9  DG  A C5    
182 C C6    . DG  A 9  ? 0.1471 0.1177 0.1028 0.0009  -0.0244 -0.0065 9  DG  A C6    
183 O O6    . DG  A 9  ? 0.1247 0.0565 0.1060 -0.0542 0.0187  0.0010  9  DG  A O6    
184 N N1    . DG  A 9  ? 0.1449 0.1101 0.1341 -0.0716 -0.0245 -0.0132 9  DG  A N1    
185 C C2    . DG  A 9  ? 0.1266 0.1443 0.1630 -0.0517 -0.0221 -0.0256 9  DG  A C2    
186 N N2    . DG  A 9  ? 0.2200 0.1758 0.1575 -0.0939 -0.0147 0.0569  9  DG  A N2    
187 N N3    . DG  A 9  ? 0.1385 0.1553 0.1146 -0.0696 0.0101  -0.0113 9  DG  A N3    
188 C C4    . DG  A 9  ? 0.1423 0.1290 0.1327 -0.0029 -0.0039 -0.0010 9  DG  A C4    
189 P P     . DC  A 10 ? 0.1184 0.1580 0.1847 0.0084  -0.0151 0.0020  10 DC  A P     
190 O OP1   . DC  A 10 ? 0.1417 0.1658 0.0827 0.0074  -0.0098 0.0307  10 DC  A OP1   
191 O OP2   . DC  A 10 ? 0.1169 0.2084 0.2060 -0.0089 0.0202  0.0177  10 DC  A OP2   
192 O "O5'" . DC  A 10 ? 0.1754 0.1488 0.0770 0.0056  -0.0114 0.0212  10 DC  A "O5'" 
193 C "C5'" . DC  A 10 ? 0.1555 0.1260 0.1665 0.0124  0.0244  -0.0039 10 DC  A "C5'" 
194 C "C4'" . DC  A 10 ? 0.1512 0.1294 0.1771 -0.0114 -0.0119 -0.0281 10 DC  A "C4'" 
195 O "O4'" . DC  A 10 ? 0.1483 0.1049 0.1638 -0.0180 -0.0189 0.0034  10 DC  A "O4'" 
196 C "C3'" . DC  A 10 ? 0.1326 0.1683 0.1636 -0.0001 -0.0048 -0.0240 10 DC  A "C3'" 
197 O "O3'" . DC  A 10 ? 0.0436 0.0897 0.1723 -0.0281 -0.0256 -0.0096 10 DC  A "O3'" 
198 C "C2'" . DC  A 10 ? 0.1601 0.1721 0.1635 -0.0168 -0.0071 -0.0144 10 DC  A "C2'" 
199 C "C1'" . DC  A 10 ? 0.1208 0.0808 0.1344 -0.0131 0.0060  0.0003  10 DC  A "C1'" 
200 N N1    . DC  A 10 ? 0.1205 0.0997 0.1219 -0.0389 -0.0215 -0.0258 10 DC  A N1    
201 C C2    . DC  A 10 ? 0.0803 0.0581 0.0369 -0.0065 -0.0231 0.0107  10 DC  A C2    
202 O O2    . DC  A 10 ? 0.0921 0.1046 0.1002 -0.0444 -0.0403 0.0053  10 DC  A O2    
203 N N3    . DC  A 10 ? 0.1129 0.1053 0.0292 -0.0392 -0.0099 -0.0088 10 DC  A N3    
204 C C4    . DC  A 10 ? 0.1009 0.0847 0.0563 -0.0176 -0.0438 -0.0074 10 DC  A C4    
205 N N4    . DC  A 10 ? 0.1333 0.1564 0.1101 -0.0070 0.0106  -0.0074 10 DC  A N4    
206 C C5    . DC  A 10 ? 0.1107 0.0758 0.0928 -0.0149 0.0190  -0.0174 10 DC  A C5    
207 C C6    . DC  A 10 ? 0.1036 0.0587 0.0746 -0.0041 0.0192  0.0074  10 DC  A C6    
208 O "O5'" . DG  B 1  ? 0.3027 0.2177 0.2295 -0.0162 -0.0380 -0.0218 11 DG  B "O5'" 
209 C "C5'" . DG  B 1  ? 0.2727 0.2482 0.2610 -0.0049 -0.0072 -0.0101 11 DG  B "C5'" 
210 C "C4'" . DG  B 1  ? 0.2633 0.2501 0.2521 0.0069  -0.0065 -0.0044 11 DG  B "C4'" 
211 O "O4'" . DG  B 1  ? 0.2330 0.2317 0.2899 -0.0145 -0.0032 0.0100  11 DG  B "O4'" 
212 C "C3'" . DG  B 1  ? 0.2847 0.2572 0.2376 0.0035  -0.0011 -0.0026 11 DG  B "C3'" 
213 O "O3'" . DG  B 1  ? 0.2890 0.2346 0.2213 0.0579  0.0063  -0.0077 11 DG  B "O3'" 
214 C "C2'" . DG  B 1  ? 0.2711 0.2660 0.2524 0.0180  -0.0027 -0.0068 11 DG  B "C2'" 
215 C "C1'" . DG  B 1  ? 0.2374 0.2379 0.2209 0.0038  -0.0078 0.0005  11 DG  B "C1'" 
216 N N9    . DG  B 1  ? 0.1958 0.1980 0.1992 0.0118  -0.0092 0.0023  11 DG  B N9    
217 C C8    . DG  B 1  ? 0.2405 0.2101 0.2174 -0.0138 0.0128  0.0081  11 DG  B C8    
218 N N7    . DG  B 1  ? 0.2199 0.2052 0.2087 -0.0226 0.0065  -0.0083 11 DG  B N7    
219 C C5    . DG  B 1  ? 0.1988 0.2251 0.1846 -0.0168 0.0046  -0.0035 11 DG  B C5    
220 C C6    . DG  B 1  ? 0.1982 0.2141 0.1556 -0.0063 0.0160  -0.0068 11 DG  B C6    
221 O O6    . DG  B 1  ? 0.1948 0.2185 0.1334 0.0035  -0.0038 -0.0368 11 DG  B O6    
222 N N1    . DG  B 1  ? 0.2255 0.2203 0.1692 -0.0169 0.0285  -0.0202 11 DG  B N1    
223 C C2    . DG  B 1  ? 0.2149 0.2193 0.1743 0.0020  0.0298  0.0203  11 DG  B C2    
224 N N2    . DG  B 1  ? 0.1671 0.1538 0.1402 -0.0244 0.0206  0.0620  11 DG  B N2    
225 N N3    . DG  B 1  ? 0.2009 0.1944 0.1443 -0.0136 0.0105  0.0323  11 DG  B N3    
226 C C4    . DG  B 1  ? 0.2066 0.2108 0.1511 0.0038  -0.0072 0.0100  11 DG  B C4    
227 P P     . DC  B 2  ? 0.2807 0.3084 0.2795 0.0200  -0.0200 -0.0150 12 DC  B P     
228 O OP1   . DC  B 2  ? 0.3096 0.2957 0.2006 0.0668  -0.0016 0.0020  12 DC  B OP1   
229 O OP2   . DC  B 2  ? 0.3790 0.3256 0.2763 0.0437  -0.0113 -0.0193 12 DC  B OP2   
230 O "O5'" . DC  B 2  ? 0.2638 0.2159 0.2162 0.0416  0.0054  -0.0115 12 DC  B "O5'" 
231 C "C5'" . DC  B 2  ? 0.2097 0.2219 0.2428 0.0146  -0.0046 0.0044  12 DC  B "C5'" 
232 C "C4'" . DC  B 2  ? 0.2059 0.1807 0.1785 0.0257  0.0116  -0.0212 12 DC  B "C4'" 
233 O "O4'" . DC  B 2  ? 0.1556 0.1334 0.1657 0.0114  0.0427  -0.0443 12 DC  B "O4'" 
234 C "C3'" . DC  B 2  ? 0.1914 0.1993 0.2064 -0.0001 0.0119  -0.0067 12 DC  B "C3'" 
235 O "O3'" . DC  B 2  ? 0.2353 0.2076 0.2048 0.0278  -0.0115 0.0183  12 DC  B "O3'" 
236 C "C2'" . DC  B 2  ? 0.2200 0.1688 0.1550 -0.0007 0.0175  -0.0065 12 DC  B "C2'" 
237 C "C1'" . DC  B 2  ? 0.1508 0.1462 0.1648 0.0079  0.0161  -0.0225 12 DC  B "C1'" 
238 N N1    . DC  B 2  ? 0.1387 0.1251 0.1165 0.0292  0.0090  0.0238  12 DC  B N1    
239 C C2    . DC  B 2  ? 0.1376 0.1132 0.1653 0.0214  0.0159  0.0295  12 DC  B C2    
240 O O2    . DC  B 2  ? 0.1906 0.1307 0.1230 -0.0153 0.0435  -0.0243 12 DC  B O2    
241 N N3    . DC  B 2  ? 0.1552 0.1097 0.0754 0.0050  0.0292  -0.0181 12 DC  B N3    
242 C C4    . DC  B 2  ? 0.1488 0.1464 0.1525 0.0290  0.0034  0.0182  12 DC  B C4    
243 N N4    . DC  B 2  ? 0.1472 0.1278 0.1302 0.0303  0.0057  -0.0127 12 DC  B N4    
244 C C5    . DC  B 2  ? 0.1819 0.1361 0.1417 0.0203  0.0085  0.0120  12 DC  B C5    
245 C C6    . DC  B 2  ? 0.1407 0.1478 0.1329 0.0054  0.0116  0.0034  12 DC  B C6    
246 P P     . DG  B 3  ? 0.2904 0.2656 0.2528 0.0028  0.0055  0.0004  13 DG  B P     
247 O OP1   . DG  B 3  ? 0.3039 0.2758 0.2270 0.0349  0.0312  0.0313  13 DG  B OP1   
248 O OP2   . DG  B 3  ? 0.3142 0.2505 0.1990 0.0333  0.0309  -0.0127 13 DG  B OP2   
249 O "O5'" . DG  B 3  ? 0.2420 0.2527 0.1999 0.0041  0.0077  -0.0150 13 DG  B "O5'" 
250 C "C5'" . DG  B 3  ? 0.2094 0.1814 0.2216 -0.0129 0.0054  -0.0164 13 DG  B "C5'" 
251 C "C4'" . DG  B 3  ? 0.1967 0.1964 0.1914 -0.0230 0.0015  0.0011  13 DG  B "C4'" 
252 O "O4'" . DG  B 3  ? 0.1580 0.1598 0.1956 -0.0412 -0.0046 -0.0015 13 DG  B "O4'" 
253 C "C3'" . DG  B 3  ? 0.2009 0.1699 0.1683 -0.0294 0.0064  0.0061  13 DG  B "C3'" 
254 O "O3'" . DG  B 3  ? 0.1953 0.1069 0.1836 -0.0441 0.0012  0.0056  13 DG  B "O3'" 
255 C "C2'" . DG  B 3  ? 0.2077 0.1541 0.1680 -0.0372 0.0155  0.0034  13 DG  B "C2'" 
256 C "C1'" . DG  B 3  ? 0.1816 0.1397 0.1955 -0.0003 0.0081  0.0038  13 DG  B "C1'" 
257 N N9    . DG  B 3  ? 0.1632 0.1189 0.1675 0.0103  0.0062  0.0246  13 DG  B N9    
258 C C8    . DG  B 3  ? 0.1204 0.0840 0.1394 -0.0142 0.0166  -0.0112 13 DG  B C8    
259 N N7    . DG  B 3  ? 0.1007 0.0700 0.0497 0.0156  0.0004  0.0257  13 DG  B N7    
260 C C5    . DG  B 3  ? 0.0766 0.0713 0.0892 -0.0106 0.0038  -0.0055 13 DG  B C5    
261 C C6    . DG  B 3  ? 0.0752 0.0866 0.0817 -0.0183 -0.0201 -0.0201 13 DG  B C6    
262 O O6    . DG  B 3  ? 0.0748 0.1060 0.0810 -0.0291 0.0137  -0.0115 13 DG  B O6    
263 N N1    . DG  B 3  ? 0.0906 0.0591 0.0936 -0.0305 0.0155  -0.0419 13 DG  B N1    
264 C C2    . DG  B 3  ? 0.0941 0.1283 0.0817 0.0189  -0.0134 0.0260  13 DG  B C2    
265 N N2    . DG  B 3  ? 0.0823 0.0783 0.0487 -0.0207 -0.0338 0.0246  13 DG  B N2    
266 N N3    . DG  B 3  ? 0.0945 0.1053 0.1162 0.0437  0.0174  -0.0145 13 DG  B N3    
267 C C4    . DG  B 3  ? 0.0758 0.1081 0.0864 -0.0143 -0.0487 -0.0081 13 DG  B C4    
268 P P     . DT  B 4  ? 0.1629 0.1487 0.1386 0.0099  0.0031  0.0150  14 DT  B P     
269 O OP1   . DT  B 4  ? 0.2428 0.0470 0.2250 -0.0192 0.0183  0.0401  14 DT  B OP1   
270 O OP2   . DT  B 4  ? 0.1659 0.0715 0.1529 -0.0099 0.0083  0.0312  14 DT  B OP2   
271 O "O5'" . DT  B 4  ? 0.1684 0.1381 0.1204 -0.0089 0.0331  -0.0311 14 DT  B "O5'" 
272 C "C5'" . DT  B 4  ? 0.1842 0.1523 0.1659 0.0072  0.0286  0.0057  14 DT  B "C5'" 
273 C "C4'" . DT  B 4  ? 0.1798 0.1629 0.1646 -0.0007 0.0144  0.0008  14 DT  B "C4'" 
274 O "O4'" . DT  B 4  ? 0.1861 0.1829 0.1511 0.0274  0.0184  0.0082  14 DT  B "O4'" 
275 C "C3'" . DT  B 4  ? 0.1788 0.1607 0.1364 0.0086  0.0068  0.0021  14 DT  B "C3'" 
276 O "O3'" . DT  B 4  ? 0.2164 0.1387 0.2362 0.0147  -0.0036 -0.0018 14 DT  B "O3'" 
277 C "C2'" . DT  B 4  ? 0.1561 0.1717 0.1304 0.0290  0.0060  -0.0110 14 DT  B "C2'" 
278 C "C1'" . DT  B 4  ? 0.1328 0.1573 0.1071 0.0133  -0.0183 0.0051  14 DT  B "C1'" 
279 N N1    . DT  B 4  ? 0.1406 0.1163 0.1096 -0.0080 0.0043  -0.0695 14 DT  B N1    
280 C C2    . DT  B 4  ? 0.1086 0.1486 0.1096 0.0122  -0.0072 0.0117  14 DT  B C2    
281 O O2    . DT  B 4  ? 0.1549 0.1114 0.0860 -0.0486 -0.0140 0.0084  14 DT  B O2    
282 N N3    . DT  B 4  ? 0.1638 0.1235 0.1809 0.0117  0.0218  -0.0220 14 DT  B N3    
283 C C4    . DT  B 4  ? 0.1377 0.0947 0.1320 0.0036  0.0042  -0.0196 14 DT  B C4    
284 O O4    . DT  B 4  ? 0.1543 0.1612 0.1197 0.0280  0.0054  -0.0092 14 DT  B O4    
285 C C5    . DT  B 4  ? 0.1380 0.1241 0.1617 0.0181  -0.0162 -0.0017 14 DT  B C5    
286 C C7    . DT  B 4  ? 0.1958 0.1260 0.1828 -0.0222 0.0036  0.0116  14 DT  B C7    
287 C C6    . DT  B 4  ? 0.1339 0.0510 0.1033 -0.0071 0.0158  -0.0333 14 DT  B C6    
288 P P     . DA  B 5  ? 0.2036 0.1741 0.2000 -0.0203 -0.0346 0.0122  15 DA  B P     
289 O OP1   . DA  B 5  ? 0.2736 0.0563 0.2827 -0.0008 -0.0346 0.0361  15 DA  B OP1   
290 O OP2   . DA  B 5  ? 0.2295 0.1838 0.1369 0.0209  -0.0189 0.0396  15 DA  B OP2   
291 O "O5'" . DA  B 5  ? 0.1647 0.1397 0.1236 -0.0068 0.0088  0.0332  15 DA  B "O5'" 
292 C "C5'" . DA  B 5  ? 0.1402 0.1348 0.1723 -0.0007 0.0082  -0.0078 15 DA  B "C5'" 
293 C "C4'" . DA  B 5  ? 0.1146 0.1347 0.1307 -0.0104 0.0019  0.0242  15 DA  B "C4'" 
294 O "O4'" . DA  B 5  ? 0.1507 0.1163 0.1283 0.0081  -0.0194 0.0104  15 DA  B "O4'" 
295 C "C3'" . DA  B 5  ? 0.1505 0.1169 0.1402 -0.0227 -0.0097 0.0332  15 DA  B "C3'" 
296 O "O3'" . DA  B 5  ? 0.1345 0.1595 0.1825 0.0008  -0.0089 0.0098  15 DA  B "O3'" 
297 C "C2'" . DA  B 5  ? 0.1115 0.0924 0.1190 0.0083  -0.0057 0.0027  15 DA  B "C2'" 
298 C "C1'" . DA  B 5  ? 0.1410 0.1264 0.0961 0.0015  -0.0036 0.0285  15 DA  B "C1'" 
299 N N9    . DA  B 5  ? 0.1613 0.1220 0.1467 -0.0022 -0.0104 0.0334  15 DA  B N9    
300 C C8    . DA  B 5  ? 0.1042 0.1092 0.0623 -0.0112 0.0155  0.0148  15 DA  B C8    
301 N N7    . DA  B 5  ? 0.1262 0.1224 0.1435 -0.0243 -0.0137 0.0023  15 DA  B N7    
302 C C5    . DA  B 5  ? 0.1626 0.1644 0.1460 0.0153  0.0154  -0.0019 15 DA  B C5    
303 C C6    . DA  B 5  ? 0.1740 0.1782 0.1179 0.0055  0.0051  -0.0127 15 DA  B C6    
304 N N6    . DA  B 5  ? 0.1196 0.1598 0.1406 0.0472  0.0548  -0.0416 15 DA  B N6    
305 N N1    . DA  B 5  ? 0.1850 0.1988 0.1303 -0.0277 -0.0003 -0.0144 15 DA  B N1    
306 C C2    . DA  B 5  ? 0.1823 0.1945 0.1703 0.0282  0.0147  -0.0156 15 DA  B C2    
307 N N3    . DA  B 5  ? 0.2013 0.1557 0.1233 0.0041  0.0143  0.0021  15 DA  B N3    
308 C C4    . DA  B 5  ? 0.1533 0.1499 0.1646 0.0064  0.0159  0.0024  15 DA  B C4    
309 O O4    . S2M B 6  ? 0.0716 0.0760 0.0972 0.0359  0.0181  0.0283  16 S2M B O4    
310 C C4    . S2M B 6  ? 0.1430 0.1281 0.1338 -0.0108 0.0072  0.0067  16 S2M B C4    
311 C C5    . S2M B 6  ? 0.1428 0.1347 0.1273 -0.0085 0.0296  -0.0048 16 S2M B C5    
312 C C6    . S2M B 6  ? 0.0935 0.1534 0.1230 0.0096  0.0432  -0.0145 16 S2M B C6    
313 C C5M   . S2M B 6  ? 0.1208 0.1323 0.1416 -0.0162 0.0220  0.0076  16 S2M B C5M   
314 N N3    . S2M B 6  ? 0.1362 0.1369 0.1059 -0.0156 0.0053  -0.0070 16 S2M B N3    
315 S S2    . S2M B 6  ? 0.1558 0.1639 0.1207 -0.0080 0.0091  0.0108  16 S2M B S2    
316 C C2    . S2M B 6  ? 0.1270 0.1570 0.1149 -0.0165 0.0273  0.0089  16 S2M B C2    
317 C "C5'" . S2M B 6  ? 0.1142 0.1572 0.1146 -0.0131 0.0017  0.0059  16 S2M B "C5'" 
318 O "O5'" . S2M B 6  ? 0.1396 0.1233 0.1286 -0.0255 -0.0122 -0.0032 16 S2M B "O5'" 
319 P P     . S2M B 6  ? 0.1332 0.1357 0.1530 0.0138  -0.0027 0.0076  16 S2M B P     
320 O OP2   . S2M B 6  ? 0.1222 0.1505 0.1388 -0.0220 -0.0375 -0.0273 16 S2M B OP2   
321 O OP1   . S2M B 6  ? 0.1481 0.1825 0.1106 -0.0180 -0.0120 -0.0083 16 S2M B OP1   
322 C "C4'" . S2M B 6  ? 0.0842 0.1650 0.1192 -0.0042 0.0210  0.0082  16 S2M B "C4'" 
323 O "O4'" . S2M B 6  ? 0.0834 0.1443 0.1071 0.0004  0.0162  0.0217  16 S2M B "O4'" 
324 C "C1'" . S2M B 6  ? 0.0886 0.1359 0.1068 0.0042  0.0144  -0.0072 16 S2M B "C1'" 
325 N N1    . S2M B 6  ? 0.1155 0.1154 0.1091 -0.0126 0.0291  -0.0090 16 S2M B N1    
326 C "C2'" . S2M B 6  ? 0.0908 0.1599 0.1271 -0.0017 0.0325  -0.0315 16 S2M B "C2'" 
327 C "C3'" . S2M B 6  ? 0.1583 0.1427 0.1147 -0.0085 0.0065  -0.0111 16 S2M B "C3'" 
328 O "O3'" . S2M B 6  ? 0.1557 0.1364 0.1131 -0.0140 0.0009  -0.0031 16 S2M B "O3'" 
329 O "O2'" . S2M B 6  ? 0.1692 0.1807 0.2273 -0.0244 0.0207  -0.0296 16 S2M B "O2'" 
330 C "CA'" . S2M B 6  ? 0.2145 0.2325 0.2792 -0.0131 0.0018  0.0001  16 S2M B "CA'" 
331 C "CB'" . S2M B 6  ? 0.2932 0.2553 0.2871 -0.0196 0.0267  0.0027  16 S2M B "CB'" 
332 O "OC'" . S2M B 6  ? 0.3015 0.2803 0.3059 -0.0012 0.0055  0.0218  16 S2M B "OC'" 
333 C "CD'" . S2M B 6  ? 0.2963 0.2779 0.2799 -0.0236 0.0171  0.0220  16 S2M B "CD'" 
334 P P     . DA  B 7  ? 0.1375 0.1219 0.1212 -0.0035 -0.0112 -0.0167 17 DA  B P     
335 O OP1   . DA  B 7  ? 0.1175 0.0954 0.1015 -0.0032 -0.0096 0.0110  17 DA  B OP1   
336 O OP2   . DA  B 7  ? 0.1238 0.1332 0.0834 -0.0075 -0.0423 0.0252  17 DA  B OP2   
337 O "O5'" . DA  B 7  ? 0.1593 0.1158 0.1070 0.0035  -0.0205 0.0441  17 DA  B "O5'" 
338 C "C5'" . DA  B 7  ? 0.1459 0.1537 0.0745 -0.0071 -0.0287 -0.0048 17 DA  B "C5'" 
339 C "C4'" . DA  B 7  ? 0.1645 0.1530 0.1408 0.0035  -0.0019 -0.0035 17 DA  B "C4'" 
340 O "O4'" . DA  B 7  ? 0.1731 0.1596 0.1415 -0.0042 -0.0121 -0.0051 17 DA  B "O4'" 
341 C "C3'" . DA  B 7  ? 0.1440 0.1750 0.1441 -0.0081 -0.0140 -0.0017 17 DA  B "C3'" 
342 O "O3'" . DA  B 7  ? 0.2621 0.2463 0.1851 -0.0282 -0.0120 -0.0214 17 DA  B "O3'" 
343 C "C2'" . DA  B 7  ? 0.1465 0.0821 0.1439 0.0053  0.0084  0.0134  17 DA  B "C2'" 
344 C "C1'" . DA  B 7  ? 0.1501 0.1216 0.1173 -0.0106 -0.0023 0.0199  17 DA  B "C1'" 
345 N N9    . DA  B 7  ? 0.1349 0.1214 0.1248 -0.0134 0.0154  -0.0036 17 DA  B N9    
346 C C8    . DA  B 7  ? 0.0893 0.1046 0.1164 -0.0306 0.0227  0.0123  17 DA  B C8    
347 N N7    . DA  B 7  ? 0.0782 0.0814 0.0277 -0.0117 0.0075  -0.0097 17 DA  B N7    
348 C C5    . DA  B 7  ? 0.1227 0.1424 0.0936 -0.0097 0.0027  -0.0106 17 DA  B C5    
349 C C6    . DA  B 7  ? 0.1057 0.1422 0.1153 -0.0194 0.0255  -0.0138 17 DA  B C6    
350 N N6    . DA  B 7  ? 0.1772 0.1089 0.1092 -0.0234 -0.0049 -0.0142 17 DA  B N6    
351 N N1    . DA  B 7  ? 0.0872 0.1192 0.1275 -0.0227 -0.0037 -0.0032 17 DA  B N1    
352 C C2    . DA  B 7  ? 0.1383 0.1272 0.1625 -0.0075 0.0190  -0.0088 17 DA  B C2    
353 N N3    . DA  B 7  ? 0.1306 0.1280 0.1304 -0.0029 0.0009  -0.0141 17 DA  B N3    
354 C C4    . DA  B 7  ? 0.1257 0.1174 0.0847 -0.0035 0.0182  0.0040  17 DA  B C4    
355 P P     . DC  B 8  ? 0.2316 0.2026 0.1505 0.0007  -0.0066 -0.0126 18 DC  B P     
356 O OP1   . DC  B 8  ? 0.2166 0.2089 0.2079 -0.0360 -0.0289 -0.0183 18 DC  B OP1   
357 O OP2   . DC  B 8  ? 0.2823 0.2499 0.1707 0.0071  -0.0340 0.0124  18 DC  B OP2   
358 O "O5'" . DC  B 8  ? 0.1942 0.1545 0.0981 -0.0185 -0.0282 -0.0203 18 DC  B "O5'" 
359 C "C5'" . DC  B 8  ? 0.1025 0.1171 0.0790 -0.0088 -0.0101 0.0183  18 DC  B "C5'" 
360 C "C4'" . DC  B 8  ? 0.1219 0.1087 0.1092 -0.0132 -0.0042 -0.0211 18 DC  B "C4'" 
361 O "O4'" . DC  B 8  ? 0.1467 0.1247 0.0900 -0.0187 -0.0030 0.0233  18 DC  B "O4'" 
362 C "C3'" . DC  B 8  ? 0.1360 0.1348 0.1295 -0.0175 -0.0083 -0.0165 18 DC  B "C3'" 
363 O "O3'" . DC  B 8  ? 0.1932 0.1691 0.1487 -0.0045 0.0017  -0.0287 18 DC  B "O3'" 
364 C "C2'" . DC  B 8  ? 0.1181 0.1070 0.0854 -0.0615 -0.0165 0.0037  18 DC  B "C2'" 
365 C "C1'" . DC  B 8  ? 0.1373 0.1448 0.1384 -0.0035 0.0119  -0.0253 18 DC  B "C1'" 
366 N N1    . DC  B 8  ? 0.1047 0.0839 0.1025 0.0101  0.0092  0.0015  18 DC  B N1    
367 C C2    . DC  B 8  ? 0.0910 0.1313 0.1160 0.0319  0.0160  -0.0178 18 DC  B C2    
368 O O2    . DC  B 8  ? 0.0797 0.1229 0.1480 0.0352  -0.0161 -0.0135 18 DC  B O2    
369 N N3    . DC  B 8  ? 0.0657 0.0888 0.0821 0.0077  -0.0075 0.0016  18 DC  B N3    
370 C C4    . DC  B 8  ? 0.0761 0.1059 0.0322 0.0061  -0.0173 0.0067  18 DC  B C4    
371 N N4    . DC  B 8  ? 0.0972 0.1242 0.0550 -0.0027 -0.0251 0.0205  18 DC  B N4    
372 C C5    . DC  B 8  ? 0.1207 0.1199 0.0856 0.0114  -0.0266 0.0241  18 DC  B C5    
373 C C6    . DC  B 8  ? 0.1075 0.1376 0.1303 -0.0096 -0.0217 -0.0199 18 DC  B C6    
374 P P     . DG  B 9  ? 0.2187 0.2131 0.1940 0.0092  -0.0005 -0.0329 19 DG  B P     
375 O OP1   . DG  B 9  ? 0.2839 0.2796 0.2012 -0.0037 -0.0162 -0.0319 19 DG  B OP1   
376 O OP2   . DG  B 9  ? 0.2476 0.2025 0.2001 -0.0093 0.0248  -0.0199 19 DG  B OP2   
377 O "O5'" . DG  B 9  ? 0.1687 0.1504 0.1342 -0.0019 0.0006  -0.0341 19 DG  B "O5'" 
378 C "C5'" . DG  B 9  ? 0.0868 0.1146 0.0930 -0.0443 -0.0141 -0.0248 19 DG  B "C5'" 
379 C "C4'" . DG  B 9  ? 0.1113 0.1326 0.0923 -0.0051 -0.0264 0.0039  19 DG  B "C4'" 
380 O "O4'" . DG  B 9  ? 0.1048 0.0757 0.0685 -0.0084 -0.0268 -0.0066 19 DG  B "O4'" 
381 C "C3'" . DG  B 9  ? 0.1071 0.1089 0.1431 -0.0292 -0.0185 -0.0025 19 DG  B "C3'" 
382 O "O3'" . DG  B 9  ? 0.1499 0.1248 0.1150 -0.0015 -0.0087 0.0103  19 DG  B "O3'" 
383 C "C2'" . DG  B 9  ? 0.1161 0.0848 0.1361 -0.0011 -0.0313 -0.0121 19 DG  B "C2'" 
384 C "C1'" . DG  B 9  ? 0.1286 0.0829 0.0858 -0.0160 -0.0443 0.0161  19 DG  B "C1'" 
385 N N9    . DG  B 9  ? 0.1072 0.1351 0.0661 0.0029  -0.0300 -0.0303 19 DG  B N9    
386 C C8    . DG  B 9  ? 0.0722 0.0733 0.0992 -0.0030 0.0073  -0.0124 19 DG  B C8    
387 N N7    . DG  B 9  ? 0.1117 0.0648 0.1251 -0.0316 0.0160  -0.0398 19 DG  B N7    
388 C C5    . DG  B 9  ? 0.0692 0.1266 0.0752 -0.0205 -0.0024 -0.0269 19 DG  B C5    
389 C C6    . DG  B 9  ? 0.0936 0.1310 0.1194 -0.0006 0.0111  -0.0310 19 DG  B C6    
390 O O6    . DG  B 9  ? 0.0989 0.0935 0.1249 -0.0058 -0.0127 -0.0072 19 DG  B O6    
391 N N1    . DG  B 9  ? 0.0799 0.1138 0.0765 0.0182  0.0159  -0.0134 19 DG  B N1    
392 C C2    . DG  B 9  ? 0.1026 0.0988 0.1236 0.0221  0.0066  0.0150  19 DG  B C2    
393 N N2    . DG  B 9  ? 0.0695 0.0596 0.0841 0.0377  0.0213  0.0279  19 DG  B N2    
394 N N3    . DG  B 9  ? 0.0765 0.1061 0.0646 0.0077  -0.0010 0.0100  19 DG  B N3    
395 C C4    . DG  B 9  ? 0.0874 0.0793 0.0623 -0.0025 0.0020  0.0039  19 DG  B C4    
396 P P     . DC  B 10 ? 0.1260 0.1350 0.1501 -0.0120 -0.0228 0.0007  20 DC  B P     
397 O OP1   . DC  B 10 ? 0.1712 0.1145 0.2245 -0.0202 -0.0139 -0.0138 20 DC  B OP1   
398 O OP2   . DC  B 10 ? 0.1126 0.0333 0.1229 0.0011  0.0061  -0.0177 20 DC  B OP2   
399 O "O5'" . DC  B 10 ? 0.0812 0.1406 0.0982 0.0083  -0.0057 -0.0053 20 DC  B "O5'" 
400 C "C5'" . DC  B 10 ? 0.0553 0.1172 0.0542 0.0025  0.0135  0.0055  20 DC  B "C5'" 
401 C "C4'" . DC  B 10 ? 0.0928 0.0969 0.1178 0.0228  -0.0058 -0.0098 20 DC  B "C4'" 
402 O "O4'" . DC  B 10 ? 0.1331 0.1464 0.1347 -0.0069 0.0022  -0.0029 20 DC  B "O4'" 
403 C "C3'" . DC  B 10 ? 0.0776 0.0978 0.1056 -0.0196 0.0177  -0.0156 20 DC  B "C3'" 
404 O "O3'" . DC  B 10 ? 0.0873 0.0691 0.1097 -0.0123 0.0027  0.0282  20 DC  B "O3'" 
405 C "C2'" . DC  B 10 ? 0.1074 0.1193 0.1040 -0.0002 -0.0027 -0.0163 20 DC  B "C2'" 
406 C "C1'" . DC  B 10 ? 0.0882 0.1063 0.1043 0.0239  -0.0054 -0.0196 20 DC  B "C1'" 
407 N N1    . DC  B 10 ? 0.0934 0.1135 0.1155 0.0080  0.0081  -0.0042 20 DC  B N1    
408 C C2    . DC  B 10 ? 0.0706 0.1019 0.0695 0.0056  0.0007  -0.0142 20 DC  B C2    
409 O O2    . DC  B 10 ? 0.1132 0.0831 0.1367 0.0362  0.0151  0.0187  20 DC  B O2    
410 N N3    . DC  B 10 ? 0.1005 0.0855 0.0748 0.0295  0.0051  -0.0014 20 DC  B N3    
411 C C4    . DC  B 10 ? 0.0671 0.0615 0.0696 0.0165  -0.0082 0.0006  20 DC  B C4    
412 N N4    . DC  B 10 ? 0.0834 0.0789 0.1049 0.0292  0.0054  0.0084  20 DC  B N4    
413 C C5    . DC  B 10 ? 0.0661 0.0539 0.0535 0.0228  0.0053  -0.0178 20 DC  B C5    
414 C C6    . DC  B 10 ? 0.0478 0.0969 0.0683 0.0271  -0.0042 -0.0190 20 DC  B C6    
415 O O     . HOH C .  ? 0.0736 0.1054 0.1380 0.0050  0.0089  0.0277  11 HOH A O     
416 O O     . HOH C .  ? 0.1723 0.2595 0.1373 0.0327  0.0122  0.0007  12 HOH A O     
417 O O     . HOH C .  ? 0.1623 0.3133 0.3729 -0.0495 -0.0815 -0.0318 13 HOH A O     
418 O O     . HOH C .  ? 0.1658 0.3037 0.1128 -0.0101 -0.0249 0.0201  14 HOH A O     
419 O O     . HOH C .  ? 0.2371 0.2331 0.4273 0.1140  -0.0705 0.1974  15 HOH A O     
420 O O     . HOH C .  ? 0.2221 0.0823 0.2369 0.0069  0.0218  0.0096  16 HOH A O     
421 O O     . HOH C .  ? 0.2672 0.2617 0.3811 -0.0127 0.0074  -0.1158 17 HOH A O     
422 O O     . HOH C .  ? 0.1757 0.2185 0.2972 0.0594  0.1249  0.0127  18 HOH A O     
423 O O     . HOH C .  ? 0.2451 0.2760 0.2244 -0.0647 0.1225  -0.0022 19 HOH A O     
424 O O     . HOH C .  ? 0.1960 0.2358 0.1724 -0.0210 0.0781  0.0027  20 HOH A O     
425 O O     . HOH C .  ? 0.1715 0.2064 0.2300 -0.0632 0.0639  0.0075  21 HOH A O     
426 O O     . HOH C .  ? 0.1576 0.1819 0.2313 -0.0108 0.0056  -0.0660 22 HOH A O     
427 O O     . HOH C .  ? 0.4921 0.5117 0.6220 0.0913  -0.0292 0.1423  23 HOH A O     
428 O O     . HOH C .  ? 0.1954 0.1327 0.1694 0.0778  0.0549  0.0058  24 HOH A O     
429 O O     . HOH C .  ? 0.1146 0.2399 0.4015 0.0688  -0.0125 0.0017  25 HOH A O     
430 O O     . HOH C .  ? 0.2554 0.0574 0.1444 0.0206  0.0049  0.0385  26 HOH A O     
431 O O     . HOH C .  ? 0.2318 0.3034 0.2115 0.1586  -0.0213 -0.0743 27 HOH A O     
432 O O     . HOH C .  ? 0.1905 0.2124 0.2016 0.0231  0.0238  -0.0098 28 HOH A O     
433 O O     . HOH C .  ? 0.1587 0.2318 0.3708 -0.0968 -0.2042 0.0814  29 HOH A O     
434 O O     . HOH C .  ? 0.2279 0.1632 0.0773 -0.0675 -0.0294 -0.0200 30 HOH A O     
435 O O     . HOH C .  ? 0.2521 0.0958 0.2691 -0.0013 0.0055  -0.0374 31 HOH A O     
436 O O     . HOH C .  ? 0.3440 0.2742 0.4254 -0.0341 0.1481  0.1361  32 HOH A O     
437 O O     . HOH C .  ? 0.1149 0.1385 0.1213 0.0780  -0.0359 0.0294  33 HOH A O     
438 O O     . HOH C .  ? 0.1302 0.1594 0.2354 -0.0234 0.0687  -0.0143 34 HOH A O     
439 O O     . HOH C .  ? 0.2261 0.2320 0.1965 0.0234  -0.0321 0.0254  35 HOH A O     
440 O O     . HOH C .  ? 0.1642 0.2022 0.3130 0.0021  0.0902  0.0465  36 HOH A O     
441 O O     . HOH C .  ? 0.4644 0.3161 0.4324 0.1391  0.0733  0.0176  37 HOH A O     
442 O O     . HOH C .  ? 0.3090 0.1609 0.1945 -0.0135 0.0304  0.0208  38 HOH A O     
443 O O     . HOH C .  ? 0.3086 0.2205 0.2288 0.0422  0.0853  -0.0914 39 HOH A O     
444 O O     . HOH C .  ? 0.3973 0.2620 0.0960 0.1519  0.0816  0.0879  40 HOH A O     
445 O O     . HOH C .  ? 0.2462 0.2057 0.1247 0.0798  0.0330  0.0211  41 HOH A O     
446 O O     . HOH C .  ? 0.2873 0.1932 0.1535 -0.0246 0.0176  0.0245  42 HOH A O     
447 O O     . HOH C .  ? 0.1013 0.2253 0.1073 -0.0444 0.0183  -0.0150 43 HOH A O     
448 O O     . HOH C .  ? 0.2263 0.2938 0.4841 -0.0896 -0.2074 0.0330  44 HOH A O     
449 O O     . HOH C .  ? 0.1851 0.2295 0.3070 -0.0458 -0.0748 -0.0500 45 HOH A O     
450 O O     . HOH C .  ? 0.4091 0.3788 0.2287 0.0020  0.0445  -0.1106 46 HOH A O     
451 O O     . HOH C .  ? 0.2246 0.2318 0.1805 0.0406  0.0324  -0.0322 47 HOH A O     
452 O O     . HOH C .  ? 0.2387 0.3716 0.0816 0.0270  -0.0430 -0.0633 48 HOH A O     
453 O O     . HOH C .  ? 0.1707 0.1709 0.1767 0.0759  0.0219  0.0847  49 HOH A O     
454 O O     . HOH C .  ? 0.2010 0.2197 0.0782 0.0110  -0.0563 0.0084  50 HOH A O     
455 O O     . HOH C .  ? 0.2913 0.2863 0.2103 0.0321  -0.0281 -0.0169 51 HOH A O     
456 O O     . HOH C .  ? 0.1381 0.1138 0.2012 0.0434  -0.0002 0.0284  52 HOH A O     
457 O O     . HOH C .  ? 0.0948 0.2329 0.1269 -0.0140 0.0560  -0.0301 53 HOH A O     
458 O O     . HOH C .  ? 0.2525 0.2814 0.2239 0.0621  0.0500  -0.0163 54 HOH A O     
459 O O     . HOH C .  ? 0.1096 0.0586 0.1528 0.0447  -0.0181 -0.0165 55 HOH A O     
460 O O     . HOH C .  ? 0.1485 0.4450 0.3600 -0.1130 0.0056  -0.0608 56 HOH A O     
461 O O     . HOH C .  ? 0.2714 0.1410 0.2485 -0.0016 -0.0850 0.0408  57 HOH A O     
462 O O     . HOH C .  ? 0.2637 0.3648 0.1569 -0.0827 -0.0292 -0.1617 58 HOH A O     
463 O O     . HOH C .  ? 0.3145 0.1848 0.4034 -0.0327 0.0406  -0.0101 59 HOH A O     
464 O O     . HOH C .  ? 0.3893 0.2079 0.2352 0.0373  0.1004  0.1270  60 HOH A O     
465 O O     . HOH C .  ? 0.2638 0.4616 0.2685 -0.0992 -0.0626 0.0822  61 HOH A O     
466 O O     . HOH C .  ? 0.2741 0.2537 0.2579 0.0050  -0.0192 0.0576  62 HOH A O     
467 O O     . HOH C .  ? 0.3560 0.2584 0.1991 0.1107  -0.0299 -0.0742 63 HOH A O     
468 O O     . HOH C .  ? 0.3898 0.3078 0.1997 0.0320  -0.1001 0.0023  64 HOH A O     
469 O O     . HOH C .  ? 0.1817 0.2769 0.1939 0.0283  0.0704  -0.0076 65 HOH A O     
470 O O     . HOH C .  ? 0.1320 0.2064 0.2266 0.0302  -0.0759 0.0581  66 HOH A O     
471 O O     . HOH C .  ? 0.2635 0.2550 0.2813 0.1289  0.0418  -0.0987 67 HOH A O     
472 O O     . HOH C .  ? 0.3546 0.3632 0.1589 -0.0018 -0.0450 0.0027  68 HOH A O     
473 O O     . HOH C .  ? 0.4909 0.0563 0.4426 -0.0295 -0.0688 -0.0422 69 HOH A O     
474 O O     . HOH C .  ? 0.2281 0.0954 0.2816 -0.0485 -0.0096 0.0390  70 HOH A O     
475 O O     . HOH C .  ? 0.4445 0.2339 0.3555 0.1654  0.0962  -0.1556 71 HOH A O     
476 O O     . HOH C .  ? 0.3960 0.3277 0.3088 0.0768  -0.1124 0.0219  72 HOH A O     
477 O O     . HOH C .  ? 0.2284 0.3488 0.2435 0.0129  -0.0964 -0.1573 73 HOH A O     
478 O O     . HOH C .  ? 0.2114 0.1511 0.1048 -0.0098 -0.0302 0.0555  74 HOH A O     
479 O O     . HOH C .  ? 0.2493 0.3640 0.2167 -0.0177 -0.0096 -0.0044 75 HOH A O     
480 O O     . HOH C .  ? 0.2098 0.2222 0.4231 0.0556  0.0029  0.0018  76 HOH A O     
481 O O     . HOH C .  ? 0.1701 0.5287 0.2660 0.0172  -0.0517 -0.0170 77 HOH A O     
482 O O     . HOH C .  ? 0.3442 0.3650 0.3095 -0.0243 0.0357  0.0691  78 HOH A O     
483 O O     . HOH C .  ? 0.2861 0.3620 0.2266 -0.0433 0.0879  0.0541  79 HOH A O     
484 O O     . HOH C .  ? 0.4404 0.2380 0.0828 0.0671  0.0716  0.0480  80 HOH A O     
485 O O     . HOH C .  ? 0.2608 0.1210 0.3774 -0.0535 -0.0494 -0.0701 81 HOH A O     
486 O O     . HOH C .  ? 0.3065 0.3339 0.3394 -0.0640 -0.1787 -0.1313 82 HOH A O     
487 O O     . HOH C .  ? 0.3269 0.2810 0.3523 0.1039  -0.0687 0.0021  83 HOH A O     
488 O O     . HOH C .  ? 0.3348 0.3944 0.1342 -0.1170 0.0694  0.0172  84 HOH A O     
489 O O     . HOH C .  ? 0.4099 0.1922 0.1575 0.0722  0.0652  -0.0658 85 HOH A O     
490 O O     . HOH C .  ? 0.3273 0.3367 0.3514 -0.1013 -0.0899 -0.1196 86 HOH A O     
491 O O     . HOH C .  ? 0.6789 0.3160 0.2927 -0.1174 0.0229  -0.0508 87 HOH A O     
492 O O     . HOH C .  ? 0.2946 0.2567 0.2393 0.0538  0.0379  0.0900  88 HOH A O     
493 O O     . HOH C .  ? 0.6807 0.7039 0.3766 0.0060  0.1766  -0.0284 89 HOH A O     
494 O O     . HOH C .  ? 0.5174 0.4551 0.5661 -0.1069 0.1002  0.0539  90 HOH A O     
495 O O     . HOH D .  ? 0.2617 0.2042 0.3110 0.0073  -0.0351 -0.0237 21 HOH B O     
496 O O     . HOH D .  ? 0.2086 0.2143 0.0540 0.0559  0.0440  0.0276  22 HOH B O     
497 O O     . HOH D .  ? 0.1995 0.1878 0.1937 -0.0481 -0.0293 -0.0636 23 HOH B O     
498 O O     . HOH D .  ? 0.0802 0.0450 0.0884 0.0313  -0.0202 -0.0011 24 HOH B O     
499 O O     . HOH D .  ? 0.2189 0.1752 0.1107 -0.0170 0.0329  -0.1117 25 HOH B O     
500 O O     . HOH D .  ? 0.1642 0.1923 0.1413 -0.0789 -0.0167 0.0408  26 HOH B O     
501 O O     . HOH D .  ? 0.2394 0.2043 0.2472 -0.0174 0.0284  0.0250  27 HOH B O     
502 O O     . HOH D .  ? 0.1533 0.1200 0.2489 0.0555  0.0085  -0.0272 28 HOH B O     
503 O O     . HOH D .  ? 0.2664 0.1435 0.2057 -0.0320 -0.0357 -0.0070 29 HOH B O     
504 O O     . HOH D .  ? 0.2419 0.1869 0.2314 0.0210  -0.0145 -0.0324 30 HOH B O     
505 O O     . HOH D .  ? 0.1644 0.1807 0.1556 -0.0504 0.0068  -0.0573 31 HOH B O     
506 O O     . HOH D .  ? 0.1573 0.0601 0.1915 0.0112  -0.0126 0.0735  32 HOH B O     
507 O O     . HOH D .  ? 0.2178 0.0486 0.2170 -0.0225 0.0002  0.0627  33 HOH B O     
508 O O     . HOH D .  ? 0.3757 0.1413 0.5940 -0.0099 0.0395  -0.0978 34 HOH B O     
509 O O     . HOH D .  ? 0.2046 0.2254 0.3210 0.0342  0.0273  0.0466  35 HOH B O     
510 O O     . HOH D .  ? 0.0550 0.1290 0.1581 0.0048  -0.0265 -0.0121 36 HOH B O     
511 O O     . HOH D .  ? 0.0909 0.1583 0.2728 0.0448  0.0187  -0.0635 37 HOH B O     
512 O O     . HOH D .  ? 0.3550 0.2740 0.1898 0.0334  -0.0736 0.0312  38 HOH B O     
513 O O     . HOH D .  ? 0.1049 0.2147 0.2291 0.0502  -0.0100 -0.0138 39 HOH B O     
514 O O     . HOH D .  ? 0.0639 0.0910 0.0472 -0.0226 0.0025  -0.0021 40 HOH B O     
515 O O     . HOH D .  ? 0.0914 0.1457 0.1852 0.0387  0.0535  -0.0009 41 HOH B O     
516 O O     . HOH D .  ? 0.1925 0.1156 0.1301 0.0276  0.0243  0.0576  42 HOH B O     
517 O O     . HOH D .  ? 0.2209 0.2590 0.2374 0.0403  -0.0173 -0.0212 43 HOH B O     
518 O O     . HOH D .  ? 0.2783 0.3604 0.2082 -0.0549 -0.0405 0.0034  44 HOH B O     
519 O O     . HOH D .  ? 0.1908 0.0775 0.2581 -0.0035 -0.0473 0.0324  45 HOH B O     
520 O O     . HOH D .  ? 0.1610 0.1651 0.2092 -0.0038 -0.0166 -0.0190 46 HOH B O     
521 O O     . HOH D .  ? 0.2777 0.1836 0.2448 0.0972  -0.0447 0.0167  47 HOH B O     
522 O O     . HOH D .  ? 0.3545 0.1062 0.2063 0.0442  -0.0243 -0.0059 48 HOH B O     
523 O O     . HOH D .  ? 0.0860 0.2389 0.2404 -0.0593 -0.0139 -0.0847 49 HOH B O     
524 O O     . HOH D .  ? 0.3807 0.1960 0.2005 0.0085  0.0712  -0.0795 50 HOH B O     
525 O O     . HOH D .  ? 0.1455 0.3124 0.2549 0.0458  -0.0693 0.0367  51 HOH B O     
526 O O     . HOH D .  ? 0.2812 0.1344 0.1842 -0.0257 -0.0423 0.0106  52 HOH B O     
527 O O     . HOH D .  ? 0.1576 0.1927 0.2647 -0.1466 0.0085  0.0246  53 HOH B O     
528 O O     . HOH D .  ? 0.1887 0.2243 0.1640 0.0545  0.0637  -0.0663 54 HOH B O     
529 O O     . HOH D .  ? 0.2586 0.0983 0.1562 0.0117  0.0328  -0.0602 55 HOH B O     
530 O O     . HOH D .  ? 0.2990 0.1640 0.0612 -0.0292 0.0343  -0.0140 56 HOH B O     
531 O O     . HOH D .  ? 0.1062 0.1586 0.2486 0.0569  0.0557  -0.0668 57 HOH B O     
532 O O     . HOH D .  ? 0.5635 0.5018 0.5051 0.0488  -0.0232 -0.1276 58 HOH B O     
533 O O     . HOH D .  ? 0.0892 0.1495 0.1647 -0.0216 -0.0393 0.0328  59 HOH B O     
534 O O     . HOH D .  ? 0.3465 0.2314 0.2554 -0.0320 -0.0618 0.0899  60 HOH B O     
535 O O     . HOH D .  ? 0.2629 0.2322 0.1004 0.0748  0.0757  -0.0354 61 HOH B O     
536 O O     . HOH D .  ? 0.3119 0.2535 0.1578 -0.1129 0.0585  -0.0903 62 HOH B O     
537 O O     . HOH D .  ? 0.4195 0.2535 0.1487 0.0704  -0.0024 0.1277  63 HOH B O     
538 O O     . HOH D .  ? 0.2248 0.4315 0.5626 0.0117  0.1155  0.0284  64 HOH B O     
539 O O     . HOH D .  ? 0.2018 0.1566 0.1783 0.0844  -0.0050 0.0603  65 HOH B O     
540 O O     . HOH D .  ? 0.4964 0.3082 0.3457 -0.0457 0.1097  0.0120  66 HOH B O     
541 O O     . HOH D .  ? 0.5975 0.1382 0.5568 -0.2021 0.1647  0.0836  67 HOH B O     
542 O O     . HOH D .  ? 0.2091 0.3309 0.2699 0.0076  0.0225  0.0311  68 HOH B O     
543 O O     . HOH D .  ? 0.2583 0.3073 0.2377 -0.0024 0.0271  -0.0097 69 HOH B O     
544 O O     . HOH D .  ? 0.2588 0.1720 0.1496 0.0056  -0.0331 0.0032  70 HOH B O     
545 O O     . HOH D .  ? 0.2154 0.2425 0.2164 -0.0706 -0.1194 0.0108  71 HOH B O     
546 O O     . HOH D .  ? 0.3603 0.3188 0.2563 -0.1461 0.1238  -0.1366 72 HOH B O     
547 O O     . HOH D .  ? 0.2083 0.2035 0.2302 0.0875  0.0605  0.0510  73 HOH B O     
548 O O     . HOH D .  ? 0.2712 0.1624 0.1403 0.0647  0.0088  -0.0075 74 HOH B O     
549 O O     . HOH D .  ? 0.2380 0.4669 0.2591 -0.0225 -0.0424 -0.0476 75 HOH B O     
550 O O     . HOH D .  ? 0.4905 0.3893 0.2762 0.0344  0.0851  -0.0054 76 HOH B O     
551 O O     . HOH D .  ? 0.3265 0.1863 0.2185 0.0788  0.0077  0.0338  77 HOH B O     
552 O O     . HOH D .  ? 0.1659 0.2224 0.0828 -0.0475 0.0407  -0.0720 78 HOH B O     
553 O O     . HOH D .  ? 0.2049 0.2974 0.1905 0.0223  -0.0287 0.1194  79 HOH B O     
554 O O     . HOH D .  ? 0.4075 0.7197 0.1700 0.1471  0.2349  0.0775  80 HOH B O     
555 O O     . HOH D .  ? 0.1630 0.2604 0.1800 0.0894  0.0302  -0.0357 81 HOH B O     
556 O O     . HOH D .  ? 0.1666 0.1390 0.1241 -0.0813 0.0210  -0.0682 82 HOH B O     
557 O O     . HOH D .  ? 0.2831 0.3949 0.2858 0.1018  -0.1130 0.0919  83 HOH B O     
558 O O     . HOH D .  ? 0.5184 0.1241 0.7357 -0.1848 0.0387  0.1297  84 HOH B O     
559 O O     . HOH D .  ? 0.2666 0.4371 0.2118 -0.0339 0.0601  0.0312  85 HOH B O     
560 O O     . HOH D .  ? 0.1588 0.1452 0.1958 0.0535  0.0473  0.0586  86 HOH B O     
561 O O     . HOH D .  ? 0.3612 0.2062 0.2658 -0.0274 0.1255  -0.0562 87 HOH B O     
562 O O     . HOH D .  ? 0.1165 0.3833 0.3789 -0.1038 -0.0422 0.0003  88 HOH B O     
563 O O     . HOH D .  ? 0.3593 0.4103 0.3575 0.1184  0.1993  -0.1998 89 HOH B O     
564 O O     . HOH D .  ? 0.1489 0.5178 0.4313 0.0290  -0.0544 -0.0059 90 HOH B O     
565 O O     . HOH D .  ? 0.1971 0.2886 0.1902 -0.0297 -0.0411 -0.0303 91 HOH B O     
566 O O     . HOH D .  ? 0.6316 0.1657 0.3692 0.0238  0.0807  -0.0450 92 HOH B O     
567 O O     . HOH D .  ? 0.5456 0.4190 0.5157 0.0387  0.0076  -0.2527 93 HOH B O     
568 O O     . HOH D .  ? 0.1555 0.2700 0.3760 0.0351  0.0137  0.0597  94 HOH B O     
# 
